data_8ZDX
#
_entry.id   8ZDX
#
_cell.length_a   74.980
_cell.length_b   121.901
_cell.length_c   144.664
_cell.angle_alpha   90.00
_cell.angle_beta   93.82
_cell.angle_gamma   90.00
#
_symmetry.space_group_name_H-M   'P 1 21 1'
#
loop_
_entity.id
_entity.type
_entity.pdbx_description
1 polymer 'Dipeptidyl peptidase 4 membrane form'
2 polymer 'Spike glycoprotein'
3 branched beta-D-mannopyranose-(1-4)-2-acetamido-2-deoxy-beta-D-glucopyranose-(1-4)-2-acetamido-2-deoxy-beta-D-glucopyranose
4 branched 2-acetamido-2-deoxy-beta-D-glucopyranose-(1-4)-2-acetamido-2-deoxy-beta-D-glucopyranose
5 non-polymer 2-acetamido-2-deoxy-beta-D-glucopyranose
6 non-polymer '4-(2-HYDROXYETHYL)-1-PIPERAZINE ETHANESULFONIC ACID'
7 water water
#
loop_
_entity_poly.entity_id
_entity_poly.type
_entity_poly.pdbx_seq_one_letter_code
_entity_poly.pdbx_strand_id
1 'polypeptide(L)'
;DSRKTYTLTDYLKNTYRLKLYSLRWISDHEYLYKQENNILVFNAEYGNSSVFLENSTFDEFGHSINDYSISPDGQFILLE
YNYVKQWRHSYTASYDIYDLNKRQLITEERIPNNTQWVTWSPVGHKLAYVWNNDIYVKIEPNLPSYRITWTGKEDIIYNG
ITDWVYEEEVFSAYSALWWSPNGTFLAYAQFNDTEVPLIEYSFYSDESLQYPKTVRVPYPKAGAVNPTVKFFVVNTDSLS
SVTNATSIQITAPASMLIGDHYLCDVTWATQERISLQWLRRIQNYSVMDICDYDESSGRWNCLVARQHIEMSTTGWVGRF
RPSEPHFTLDGNSFYKIISNEEGYRHICYFQIDKKDCTFITKGTWEVIGIEALTSDYLYYISNEYKGMPGGRNLYKIQLS
DYTKVTCLSCELNPERCQYYSVSFSKEAKYYQLRCSGPGLPLYTLHSSVNDKGLRVLEDNSALDKMLQNVQMPSKKLDFI
ILNETKFWYQMILPPHFDKSKKYPLLLDVYAGPCSQKADTVFRLNWATYLASTENIIVASFDGRGSGYQGDKIMHAINRR
LGTFEVEDQIEAARQFSKMGFVDNKRIAIWGWSYGGYVTSMVLGSGSGVFKCGIAVAPVSRWEYYDSVYTERYMGLPTPE
DNLDHYRNSTVMSRAENFKQVEYLLIHGTADDNVHFQQSAQISKALVDVGVDFQAMWYTDEDHGIASSTAHQHIYTHMSH
FIKQCFSLP
;
A,C
2 'polypeptide(L)'
;KECDFTPMLVGVPPQVYNFKRLVFTNCNYNLTKLLSLFMVNEFSCNGISPDAIARGCYSSLTVDYFAYPLSMRSYIQPGS
AGDISLYNYKQSFANPTCRVLATAPANLTLTKPSAYGYFQKCSRVSGEHNSVETPLYINPGEYSICRSFSPYGFSEDGEV
FRRQLTQYEGGGILVGVGAKLAMTDKLEMGFIISVQYGTDTNSVCPML
;
D,B
#
loop_
_chem_comp.id
_chem_comp.type
_chem_comp.name
_chem_comp.formula
BMA D-saccharide, beta linking beta-D-mannopyranose 'C6 H12 O6'
EPE non-polymer '4-(2-HYDROXYETHYL)-1-PIPERAZINE ETHANESULFONIC ACID' 'C8 H18 N2 O4 S'
NAG D-saccharide, beta linking 2-acetamido-2-deoxy-beta-D-glucopyranose 'C8 H15 N O6'
#
# COMPACT_ATOMS: atom_id res chain seq x y z
N ASP A 1 13.68 -25.84 -46.23
CA ASP A 1 14.61 -25.15 -47.10
C ASP A 1 16.05 -25.33 -46.64
N SER A 2 16.93 -24.49 -47.17
CA SER A 2 18.30 -24.33 -46.69
C SER A 2 18.65 -22.85 -46.60
N ARG A 3 17.67 -22.03 -46.23
CA ARG A 3 17.90 -20.60 -46.02
C ARG A 3 17.26 -20.13 -44.73
N LYS A 4 16.53 -19.01 -44.81
CA LYS A 4 16.05 -18.32 -43.62
C LYS A 4 15.18 -19.22 -42.75
N THR A 5 15.19 -18.94 -41.44
CA THR A 5 14.38 -19.64 -40.46
C THR A 5 13.55 -18.61 -39.68
N TYR A 6 12.59 -19.12 -38.91
CA TYR A 6 11.76 -18.27 -38.06
C TYR A 6 12.56 -17.94 -36.81
N THR A 7 13.01 -16.70 -36.70
CA THR A 7 13.89 -16.27 -35.63
C THR A 7 13.11 -15.59 -34.51
N LEU A 8 13.83 -15.24 -33.44
CA LEU A 8 13.20 -14.57 -32.31
C LEU A 8 12.75 -13.17 -32.67
N THR A 9 13.46 -12.51 -33.59
CA THR A 9 13.05 -11.18 -34.04
C THR A 9 11.77 -11.23 -34.86
N ASP A 10 11.57 -12.31 -35.61
CA ASP A 10 10.35 -12.45 -36.38
C ASP A 10 9.12 -12.51 -35.49
N TYR A 11 9.25 -13.15 -34.33
CA TYR A 11 8.12 -13.22 -33.39
C TYR A 11 7.96 -11.93 -32.60
N LEU A 12 9.07 -11.27 -32.25
CA LEU A 12 9.00 -10.07 -31.42
C LEU A 12 8.67 -8.83 -32.23
N LYS A 13 9.12 -8.75 -33.48
CA LYS A 13 8.84 -7.58 -34.31
C LYS A 13 7.73 -7.82 -35.33
N ASN A 14 7.10 -8.98 -35.31
CA ASN A 14 5.95 -9.31 -36.16
C ASN A 14 6.28 -9.07 -37.64
N THR A 15 7.27 -9.81 -38.13
CA THR A 15 7.66 -9.71 -39.53
C THR A 15 6.62 -10.38 -40.44
N TYR A 16 6.07 -11.50 -40.00
CA TYR A 16 5.13 -12.30 -40.78
C TYR A 16 3.73 -12.10 -40.20
N ARG A 17 3.04 -11.08 -40.69
CA ARG A 17 1.76 -10.67 -40.14
C ARG A 17 0.63 -11.48 -40.76
N LEU A 18 -0.26 -11.98 -39.90
CA LEU A 18 -1.43 -12.73 -40.34
C LEU A 18 -2.58 -11.77 -40.56
N LYS A 19 -3.11 -11.75 -41.78
CA LYS A 19 -4.24 -10.88 -42.10
C LYS A 19 -5.53 -11.45 -41.54
N LEU A 20 -6.36 -10.57 -41.00
CA LEU A 20 -7.66 -10.94 -40.46
C LEU A 20 -8.75 -10.19 -41.23
N TYR A 21 -9.98 -10.71 -41.13
CA TYR A 21 -11.15 -10.06 -41.71
C TYR A 21 -12.20 -9.95 -40.60
N SER A 22 -12.19 -8.82 -39.90
CA SER A 22 -13.12 -8.57 -38.81
C SER A 22 -14.22 -7.65 -39.33
N LEU A 23 -15.44 -8.16 -39.36
CA LEU A 23 -16.59 -7.42 -39.87
C LEU A 23 -17.64 -7.26 -38.77
N ARG A 24 -18.51 -6.27 -38.95
CA ARG A 24 -19.58 -5.98 -38.01
C ARG A 24 -20.89 -5.97 -38.79
N TRP A 25 -21.70 -7.00 -38.61
CA TRP A 25 -23.00 -7.07 -39.27
C TRP A 25 -23.89 -5.93 -38.81
N ILE A 26 -24.42 -5.18 -39.79
CA ILE A 26 -25.29 -4.05 -39.49
C ILE A 26 -26.74 -4.49 -39.65
N SER A 27 -26.98 -5.43 -40.57
CA SER A 27 -28.33 -5.90 -40.84
C SER A 27 -28.32 -7.38 -41.17
N ASP A 28 -29.29 -7.83 -41.96
CA ASP A 28 -29.33 -9.19 -42.44
C ASP A 28 -28.62 -9.37 -43.78
N HIS A 29 -28.03 -8.30 -44.35
CA HIS A 29 -27.41 -8.42 -45.66
C HIS A 29 -26.38 -7.32 -45.93
N GLU A 30 -26.08 -6.48 -44.93
CA GLU A 30 -25.10 -5.41 -45.06
C GLU A 30 -24.17 -5.47 -43.87
N TYR A 31 -22.86 -5.58 -44.13
CA TYR A 31 -21.87 -5.63 -43.06
C TYR A 31 -20.81 -4.55 -43.26
N LEU A 32 -20.16 -4.20 -42.16
CA LEU A 32 -19.16 -3.14 -42.12
C LEU A 32 -17.77 -3.74 -41.97
N TYR A 33 -16.82 -3.18 -42.72
CA TYR A 33 -15.42 -3.57 -42.64
C TYR A 33 -14.55 -2.33 -42.87
N LYS A 34 -13.37 -2.34 -42.25
CA LYS A 34 -12.44 -1.22 -42.32
C LYS A 34 -11.26 -1.60 -43.20
N GLN A 35 -11.07 -0.84 -44.28
CA GLN A 35 -9.97 -1.04 -45.20
C GLN A 35 -9.39 0.32 -45.55
N GLU A 36 -8.06 0.42 -45.50
CA GLU A 36 -7.35 1.68 -45.76
C GLU A 36 -7.84 2.79 -44.83
N ASN A 37 -8.15 2.42 -43.58
CA ASN A 37 -8.70 3.32 -42.57
C ASN A 37 -10.03 3.93 -43.02
N ASN A 38 -10.67 3.34 -44.03
CA ASN A 38 -11.99 3.74 -44.49
C ASN A 38 -13.00 2.70 -44.04
N ILE A 39 -13.97 3.11 -43.23
CA ILE A 39 -15.05 2.23 -42.83
C ILE A 39 -16.02 2.10 -43.99
N LEU A 40 -16.23 0.87 -44.44
CA LEU A 40 -17.04 0.58 -45.62
C LEU A 40 -18.23 -0.29 -45.25
N VAL A 41 -19.09 -0.52 -46.23
CA VAL A 41 -20.25 -1.38 -46.08
C VAL A 41 -20.30 -2.32 -47.28
N PHE A 42 -20.30 -3.63 -47.01
CA PHE A 42 -20.27 -4.66 -48.04
C PHE A 42 -21.63 -5.35 -48.06
N ASN A 43 -22.36 -5.19 -49.17
CA ASN A 43 -23.63 -5.89 -49.34
C ASN A 43 -23.37 -7.38 -49.47
N ALA A 44 -23.92 -8.17 -48.55
CA ALA A 44 -23.58 -9.58 -48.47
C ALA A 44 -23.98 -10.35 -49.74
N GLU A 45 -25.01 -9.89 -50.44
CA GLU A 45 -25.48 -10.62 -51.61
C GLU A 45 -24.65 -10.30 -52.85
N TYR A 46 -24.42 -9.02 -53.10
CA TYR A 46 -23.66 -8.60 -54.28
C TYR A 46 -22.17 -8.52 -54.03
N GLY A 47 -21.75 -8.36 -52.78
CA GLY A 47 -20.37 -8.05 -52.49
C GLY A 47 -19.96 -6.63 -52.83
N ASN A 48 -20.86 -5.84 -53.41
CA ASN A 48 -20.52 -4.48 -53.80
C ASN A 48 -20.30 -3.63 -52.56
N SER A 49 -19.09 -3.09 -52.43
CA SER A 49 -18.76 -2.28 -51.26
C SER A 49 -19.21 -0.83 -51.48
N SER A 50 -19.25 -0.09 -50.39
CA SER A 50 -19.61 1.32 -50.43
C SER A 50 -18.95 2.03 -49.26
N VAL A 51 -18.60 3.30 -49.47
CA VAL A 51 -17.93 4.07 -48.44
C VAL A 51 -18.95 4.45 -47.37
N PHE A 52 -18.85 3.84 -46.20
CA PHE A 52 -19.72 4.19 -45.08
C PHE A 52 -19.20 5.41 -44.34
N LEU A 53 -17.92 5.39 -43.95
CA LEU A 53 -17.26 6.54 -43.36
C LEU A 53 -15.78 6.44 -43.69
N GLU A 54 -15.23 7.53 -44.24
CA GLU A 54 -13.87 7.50 -44.76
C GLU A 54 -12.87 7.89 -43.67
N ASN A 55 -11.62 8.09 -44.04
CA ASN A 55 -10.54 8.34 -43.08
C ASN A 55 -10.33 9.83 -42.81
N SER A 56 -10.27 10.65 -43.87
CA SER A 56 -9.97 12.06 -43.71
C SER A 56 -11.08 12.84 -43.02
N THR A 57 -12.22 12.20 -42.73
CA THR A 57 -13.31 12.89 -42.05
C THR A 57 -13.03 13.12 -40.57
N PHE A 58 -11.94 12.54 -40.03
CA PHE A 58 -11.58 12.73 -38.63
C PHE A 58 -10.16 13.27 -38.47
N ASP A 59 -9.54 13.78 -39.55
CA ASP A 59 -8.23 14.40 -39.48
C ASP A 59 -8.26 15.80 -38.88
N GLU A 60 -9.42 16.24 -38.37
CA GLU A 60 -9.53 17.56 -37.75
C GLU A 60 -10.10 17.46 -36.34
N PHE A 61 -10.18 16.26 -35.76
CA PHE A 61 -10.72 16.10 -34.42
C PHE A 61 -9.68 16.37 -33.33
N GLY A 62 -8.40 16.35 -33.68
CA GLY A 62 -7.36 16.64 -32.72
C GLY A 62 -7.24 15.65 -31.58
N HIS A 63 -7.64 14.40 -31.80
CA HIS A 63 -7.57 13.37 -30.78
C HIS A 63 -7.28 12.03 -31.43
N SER A 64 -6.67 11.14 -30.64
CA SER A 64 -6.38 9.78 -31.11
C SER A 64 -7.60 8.91 -30.83
N ILE A 65 -8.41 8.67 -31.86
CA ILE A 65 -9.59 7.83 -31.72
C ILE A 65 -9.13 6.39 -31.50
N ASN A 66 -9.47 5.84 -30.33
CA ASN A 66 -9.03 4.50 -29.97
C ASN A 66 -10.00 3.42 -30.43
N ASP A 67 -11.29 3.72 -30.53
CA ASP A 67 -12.27 2.77 -31.04
C ASP A 67 -13.52 3.54 -31.46
N TYR A 68 -14.48 2.82 -32.04
CA TYR A 68 -15.68 3.43 -32.56
C TYR A 68 -16.83 2.43 -32.47
N SER A 69 -18.05 2.96 -32.34
CA SER A 69 -19.25 2.13 -32.24
C SER A 69 -20.38 2.83 -32.99
N ILE A 70 -20.96 2.14 -33.97
CA ILE A 70 -22.04 2.68 -34.78
C ILE A 70 -23.36 2.16 -34.21
N SER A 71 -24.32 3.07 -34.01
CA SER A 71 -25.62 2.68 -33.49
C SER A 71 -26.34 1.75 -34.46
N PRO A 72 -27.21 0.87 -33.94
CA PRO A 72 -27.85 -0.13 -34.81
C PRO A 72 -28.74 0.47 -35.90
N ASP A 73 -29.01 1.77 -35.88
CA ASP A 73 -29.76 2.42 -36.95
C ASP A 73 -28.88 3.19 -37.91
N GLY A 74 -27.57 3.24 -37.65
CA GLY A 74 -26.63 3.87 -38.57
C GLY A 74 -26.68 5.39 -38.62
N GLN A 75 -27.41 6.03 -37.72
CA GLN A 75 -27.52 7.49 -37.75
C GLN A 75 -26.47 8.18 -36.89
N PHE A 76 -25.79 7.46 -36.01
CA PHE A 76 -24.77 8.05 -35.14
C PHE A 76 -23.59 7.10 -35.04
N ILE A 77 -22.41 7.69 -34.79
CA ILE A 77 -21.20 6.93 -34.51
C ILE A 77 -20.62 7.43 -33.20
N LEU A 78 -20.21 6.50 -32.33
CA LEU A 78 -19.66 6.82 -31.02
C LEU A 78 -18.14 6.78 -31.13
N LEU A 79 -17.51 7.94 -30.96
CA LEU A 79 -16.06 8.06 -31.06
C LEU A 79 -15.45 8.00 -29.66
N GLU A 80 -14.52 7.07 -29.46
CA GLU A 80 -13.86 6.87 -28.17
C GLU A 80 -12.42 7.36 -28.27
N TYR A 81 -12.02 8.17 -27.31
CA TYR A 81 -10.65 8.66 -27.23
C TYR A 81 -10.28 8.86 -25.77
N ASN A 82 -8.99 9.13 -25.53
CA ASN A 82 -8.42 9.22 -24.19
C ASN A 82 -8.61 7.90 -23.43
N TYR A 83 -8.31 6.80 -24.10
CA TYR A 83 -8.46 5.47 -23.52
C TYR A 83 -7.41 5.24 -22.43
N VAL A 84 -7.86 4.82 -21.26
CA VAL A 84 -6.99 4.47 -20.13
C VAL A 84 -7.44 3.13 -19.58
N LYS A 85 -6.57 2.13 -19.70
CA LYS A 85 -6.91 0.76 -19.33
C LYS A 85 -6.94 0.58 -17.82
N GLN A 86 -7.79 -0.35 -17.37
CA GLN A 86 -7.79 -0.77 -15.97
C GLN A 86 -7.40 -2.24 -15.85
N TRP A 87 -8.38 -3.15 -15.91
CA TRP A 87 -8.12 -4.58 -15.84
C TRP A 87 -8.27 -5.21 -17.23
N ARG A 88 -8.59 -6.50 -17.26
CA ARG A 88 -8.59 -7.25 -18.52
C ARG A 88 -9.60 -6.69 -19.51
N HIS A 89 -10.74 -6.21 -19.03
CA HIS A 89 -11.77 -5.64 -19.89
C HIS A 89 -12.18 -4.22 -19.52
N SER A 90 -11.88 -3.74 -18.32
CA SER A 90 -12.36 -2.44 -17.86
C SER A 90 -11.45 -1.32 -18.35
N TYR A 91 -12.06 -0.16 -18.60
CA TYR A 91 -11.34 1.04 -19.02
C TYR A 91 -12.30 2.22 -19.00
N THR A 92 -11.76 3.39 -18.71
CA THR A 92 -12.48 4.66 -18.82
C THR A 92 -11.89 5.47 -19.96
N ALA A 93 -12.72 6.35 -20.53
CA ALA A 93 -12.30 7.17 -21.65
C ALA A 93 -13.26 8.34 -21.80
N SER A 94 -13.03 9.16 -22.81
CA SER A 94 -13.91 10.25 -23.19
C SER A 94 -14.59 9.90 -24.51
N TYR A 95 -15.80 10.43 -24.70
CA TYR A 95 -16.61 10.08 -25.85
C TYR A 95 -17.25 11.31 -26.46
N ASP A 96 -17.52 11.24 -27.76
CA ASP A 96 -18.26 12.26 -28.48
C ASP A 96 -19.15 11.57 -29.52
N ILE A 97 -20.27 12.21 -29.83
CA ILE A 97 -21.27 11.65 -30.74
C ILE A 97 -21.25 12.48 -32.01
N TYR A 98 -20.83 11.86 -33.12
CA TYR A 98 -20.81 12.51 -34.43
C TYR A 98 -22.01 12.02 -35.23
N ASP A 99 -22.93 12.92 -35.52
CA ASP A 99 -24.08 12.58 -36.36
C ASP A 99 -23.62 12.36 -37.79
N LEU A 100 -24.18 11.34 -38.44
CA LEU A 100 -23.69 10.92 -39.75
C LEU A 100 -24.33 11.70 -40.91
N ASN A 101 -25.66 11.65 -41.01
CA ASN A 101 -26.31 12.30 -42.14
C ASN A 101 -26.29 13.83 -42.02
N LYS A 102 -26.32 14.35 -40.79
CA LYS A 102 -26.15 15.78 -40.60
C LYS A 102 -24.69 16.21 -40.70
N ARG A 103 -23.76 15.28 -40.51
CA ARG A 103 -22.32 15.53 -40.62
C ARG A 103 -21.84 16.61 -39.65
N GLN A 104 -22.53 16.75 -38.52
CA GLN A 104 -22.16 17.71 -37.50
C GLN A 104 -21.90 16.99 -36.18
N LEU A 105 -20.85 17.43 -35.48
CA LEU A 105 -20.50 16.86 -34.19
C LEU A 105 -21.47 17.39 -33.13
N ILE A 106 -22.19 16.48 -32.47
CA ILE A 106 -23.13 16.89 -31.43
C ILE A 106 -22.37 17.52 -30.27
N THR A 107 -22.77 18.72 -29.88
CA THR A 107 -22.09 19.46 -28.83
C THR A 107 -22.94 19.67 -27.58
N GLU A 108 -24.25 19.42 -27.64
CA GLU A 108 -25.12 19.63 -26.49
C GLU A 108 -25.19 18.36 -25.65
N GLU A 109 -25.05 18.52 -24.33
CA GLU A 109 -25.17 17.44 -23.37
C GLU A 109 -24.23 16.28 -23.73
N ARG A 110 -22.94 16.58 -23.71
CA ARG A 110 -21.92 15.63 -24.13
C ARG A 110 -21.73 14.54 -23.07
N ILE A 111 -21.11 13.44 -23.48
CA ILE A 111 -20.74 12.36 -22.58
C ILE A 111 -19.59 12.85 -21.71
N PRO A 112 -19.72 12.82 -20.38
CA PRO A 112 -18.66 13.36 -19.52
C PRO A 112 -17.38 12.55 -19.62
N ASN A 113 -16.26 13.22 -19.32
CA ASN A 113 -14.98 12.54 -19.26
C ASN A 113 -14.98 11.49 -18.15
N ASN A 114 -14.03 10.56 -18.24
CA ASN A 114 -13.89 9.46 -17.28
C ASN A 114 -15.12 8.55 -17.27
N THR A 115 -15.74 8.36 -18.44
CA THR A 115 -16.89 7.47 -18.53
C THR A 115 -16.44 6.01 -18.48
N GLN A 116 -17.03 5.25 -17.56
CA GLN A 116 -16.59 3.88 -17.33
C GLN A 116 -17.13 2.93 -18.39
N TRP A 117 -18.34 3.15 -18.87
CA TRP A 117 -18.93 2.27 -19.87
C TRP A 117 -19.99 3.03 -20.63
N VAL A 118 -20.29 2.55 -21.84
CA VAL A 118 -21.31 3.15 -22.70
C VAL A 118 -21.76 2.09 -23.69
N THR A 119 -23.06 2.03 -23.92
CA THR A 119 -23.63 0.99 -24.78
C THR A 119 -24.88 1.52 -25.48
N TRP A 120 -25.03 1.15 -26.75
CA TRP A 120 -26.26 1.42 -27.47
C TRP A 120 -27.33 0.40 -27.09
N SER A 121 -28.58 0.79 -27.26
CA SER A 121 -29.65 -0.19 -27.28
C SER A 121 -29.51 -1.07 -28.52
N PRO A 122 -29.95 -2.32 -28.46
CA PRO A 122 -29.80 -3.22 -29.62
C PRO A 122 -30.54 -2.75 -30.86
N VAL A 123 -31.49 -1.82 -30.70
CA VAL A 123 -32.28 -1.30 -31.81
C VAL A 123 -32.50 0.19 -31.56
N GLY A 124 -32.06 1.01 -32.50
CA GLY A 124 -32.28 2.45 -32.41
C GLY A 124 -31.02 3.26 -32.13
N HIS A 125 -31.17 4.34 -31.36
CA HIS A 125 -30.06 5.23 -31.06
C HIS A 125 -30.20 5.78 -29.64
N LYS A 126 -30.61 4.92 -28.71
CA LYS A 126 -30.63 5.26 -27.29
C LYS A 126 -29.30 4.86 -26.65
N LEU A 127 -28.87 5.67 -25.68
CA LEU A 127 -27.57 5.50 -25.04
C LEU A 127 -27.72 5.33 -23.53
N ALA A 128 -26.90 4.46 -22.96
CA ALA A 128 -26.80 4.28 -21.52
C ALA A 128 -25.32 4.19 -21.17
N TYR A 129 -24.87 5.07 -20.27
CA TYR A 129 -23.46 5.09 -19.88
C TYR A 129 -23.33 5.16 -18.38
N VAL A 130 -22.23 4.60 -17.88
CA VAL A 130 -21.91 4.58 -16.45
C VAL A 130 -20.85 5.64 -16.18
N TRP A 131 -21.03 6.38 -15.09
CA TRP A 131 -20.11 7.45 -14.72
C TRP A 131 -20.16 7.64 -13.21
N ASN A 132 -19.01 7.55 -12.57
CA ASN A 132 -18.91 7.56 -11.10
C ASN A 132 -19.75 6.44 -10.49
N ASN A 133 -19.66 5.24 -11.09
CA ASN A 133 -20.39 4.05 -10.64
C ASN A 133 -21.90 4.28 -10.62
N ASP A 134 -22.39 5.18 -11.47
CA ASP A 134 -23.81 5.48 -11.57
C ASP A 134 -24.23 5.47 -13.03
N ILE A 135 -25.46 5.04 -13.27
CA ILE A 135 -25.97 4.83 -14.63
C ILE A 135 -26.71 6.07 -15.10
N TYR A 136 -26.44 6.46 -16.35
CA TYR A 136 -27.15 7.54 -17.01
C TYR A 136 -27.67 7.04 -18.34
N VAL A 137 -28.78 7.63 -18.80
CA VAL A 137 -29.42 7.24 -20.04
C VAL A 137 -29.78 8.49 -20.84
N LYS A 138 -29.35 8.53 -22.10
CA LYS A 138 -29.74 9.57 -23.04
C LYS A 138 -30.70 8.94 -24.04
N ILE A 139 -31.97 9.34 -23.98
CA ILE A 139 -32.96 8.83 -24.93
C ILE A 139 -32.58 9.20 -26.35
N GLU A 140 -32.00 10.38 -26.54
CA GLU A 140 -31.53 10.82 -27.85
C GLU A 140 -30.18 11.50 -27.69
N PRO A 141 -29.25 11.29 -28.62
CA PRO A 141 -27.86 11.74 -28.43
C PRO A 141 -27.67 13.24 -28.25
N ASN A 142 -28.75 14.03 -28.28
CA ASN A 142 -28.63 15.47 -28.15
C ASN A 142 -29.46 16.04 -27.00
N LEU A 143 -30.04 15.21 -26.15
CA LEU A 143 -30.88 15.64 -25.05
C LEU A 143 -30.22 15.30 -23.71
N PRO A 144 -30.59 16.02 -22.64
CA PRO A 144 -29.94 15.80 -21.34
C PRO A 144 -30.02 14.35 -20.87
N SER A 145 -29.06 13.97 -20.03
CA SER A 145 -28.98 12.61 -19.54
C SER A 145 -30.00 12.37 -18.44
N TYR A 146 -30.56 11.16 -18.42
CA TYR A 146 -31.47 10.73 -17.37
C TYR A 146 -30.69 9.87 -16.38
N ARG A 147 -30.71 10.26 -15.12
CA ARG A 147 -29.95 9.57 -14.07
C ARG A 147 -30.84 8.51 -13.42
N ILE A 148 -30.38 7.27 -13.42
CA ILE A 148 -31.16 6.15 -12.91
C ILE A 148 -30.78 5.81 -11.47
N THR A 149 -29.48 5.79 -11.17
CA THR A 149 -28.99 5.40 -9.85
C THR A 149 -28.34 6.59 -9.16
N TRP A 150 -28.34 6.55 -7.82
CA TRP A 150 -27.79 7.64 -7.01
C TRP A 150 -26.87 7.13 -5.89
N THR A 151 -26.56 5.85 -5.87
CA THR A 151 -25.79 5.24 -4.78
C THR A 151 -24.36 4.91 -5.19
N GLY A 152 -23.79 5.67 -6.13
CA GLY A 152 -22.45 5.40 -6.61
C GLY A 152 -21.35 5.81 -5.64
N LYS A 153 -20.53 4.85 -5.23
CA LYS A 153 -19.41 5.12 -4.34
C LYS A 153 -18.20 4.32 -4.81
N GLU A 154 -17.06 5.00 -4.95
CA GLU A 154 -15.87 4.36 -5.48
C GLU A 154 -15.42 3.21 -4.57
N ASP A 155 -15.17 2.05 -5.18
CA ASP A 155 -14.70 0.84 -4.51
C ASP A 155 -15.69 0.30 -3.48
N ILE A 156 -16.93 0.76 -3.50
CA ILE A 156 -17.92 0.33 -2.50
C ILE A 156 -19.18 -0.17 -3.19
N ILE A 157 -19.87 0.71 -3.92
CA ILE A 157 -21.13 0.37 -4.58
C ILE A 157 -20.95 0.55 -6.08
N TYR A 158 -21.26 -0.49 -6.85
CA TYR A 158 -21.11 -0.50 -8.30
C TYR A 158 -22.48 -0.64 -8.94
N ASN A 159 -22.82 0.30 -9.83
CA ASN A 159 -24.08 0.28 -10.55
C ASN A 159 -23.81 0.17 -12.04
N GLY A 160 -24.28 -0.92 -12.65
CA GLY A 160 -24.09 -1.14 -14.07
C GLY A 160 -22.70 -1.57 -14.48
N ILE A 161 -21.75 -1.59 -13.55
CA ILE A 161 -20.39 -2.04 -13.81
C ILE A 161 -20.04 -3.14 -12.81
N THR A 162 -19.09 -3.99 -13.20
CA THR A 162 -18.68 -5.12 -12.38
C THR A 162 -17.49 -4.74 -11.50
N ASP A 163 -17.33 -5.47 -10.40
CA ASP A 163 -16.14 -5.31 -9.57
C ASP A 163 -15.01 -6.11 -10.18
N TRP A 164 -14.06 -6.57 -9.36
CA TRP A 164 -12.94 -7.33 -9.92
C TRP A 164 -13.30 -8.79 -10.12
N VAL A 165 -13.88 -9.43 -9.09
CA VAL A 165 -14.13 -10.86 -9.16
C VAL A 165 -15.26 -11.21 -10.13
N TYR A 166 -16.17 -10.27 -10.39
CA TYR A 166 -17.24 -10.52 -11.36
C TYR A 166 -16.76 -10.27 -12.79
N GLU A 167 -15.95 -9.22 -12.99
CA GLU A 167 -15.39 -8.95 -14.31
C GLU A 167 -14.45 -10.07 -14.76
N GLU A 168 -13.72 -10.67 -13.84
CA GLU A 168 -12.67 -11.62 -14.19
C GLU A 168 -13.16 -13.06 -14.26
N GLU A 169 -13.97 -13.50 -13.29
CA GLU A 169 -14.30 -14.91 -13.15
C GLU A 169 -15.77 -15.24 -13.35
N VAL A 170 -16.63 -14.23 -13.54
CA VAL A 170 -18.06 -14.49 -13.68
C VAL A 170 -18.55 -14.06 -15.06
N PHE A 171 -18.69 -12.75 -15.26
CA PHE A 171 -19.25 -12.22 -16.50
C PHE A 171 -18.24 -12.10 -17.62
N SER A 172 -16.94 -12.22 -17.32
CA SER A 172 -15.88 -12.05 -18.32
C SER A 172 -16.03 -10.74 -19.08
N ALA A 173 -16.52 -9.72 -18.38
CA ALA A 173 -16.79 -8.42 -19.00
C ALA A 173 -16.96 -7.40 -17.89
N TYR A 174 -16.89 -6.13 -18.28
CA TYR A 174 -17.02 -5.01 -17.35
C TYR A 174 -18.45 -4.53 -17.22
N SER A 175 -19.28 -4.74 -18.25
CA SER A 175 -20.63 -4.20 -18.26
C SER A 175 -21.56 -5.08 -17.44
N ALA A 176 -22.36 -4.43 -16.57
CA ALA A 176 -23.48 -5.07 -15.90
C ALA A 176 -24.80 -4.48 -16.36
N LEU A 177 -24.84 -4.01 -17.61
CA LEU A 177 -26.04 -3.45 -18.22
C LEU A 177 -26.58 -4.44 -19.24
N TRP A 178 -27.92 -4.52 -19.33
CA TRP A 178 -28.58 -5.43 -20.26
C TRP A 178 -29.83 -4.76 -20.79
N TRP A 179 -29.79 -4.31 -22.04
CA TRP A 179 -30.95 -3.73 -22.68
C TRP A 179 -31.99 -4.81 -23.01
N SER A 180 -33.25 -4.42 -22.99
CA SER A 180 -34.28 -5.26 -23.58
C SER A 180 -34.18 -5.19 -25.10
N PRO A 181 -34.57 -6.27 -25.81
CA PRO A 181 -34.38 -6.32 -27.27
C PRO A 181 -34.78 -5.07 -28.03
N ASN A 182 -36.01 -4.57 -27.84
CA ASN A 182 -36.47 -3.43 -28.60
C ASN A 182 -36.26 -2.10 -27.86
N GLY A 183 -35.40 -2.10 -26.83
CA GLY A 183 -34.93 -0.89 -26.19
C GLY A 183 -35.73 -0.41 -25.01
N THR A 184 -36.75 -1.15 -24.59
CA THR A 184 -37.68 -0.64 -23.58
C THR A 184 -37.08 -0.71 -22.18
N PHE A 185 -36.59 -1.87 -21.77
CA PHE A 185 -36.09 -2.07 -20.43
C PHE A 185 -34.56 -2.13 -20.42
N LEU A 186 -33.97 -1.63 -19.35
CA LEU A 186 -32.53 -1.70 -19.12
C LEU A 186 -32.31 -2.41 -17.78
N ALA A 187 -31.93 -3.68 -17.85
CA ALA A 187 -31.65 -4.47 -16.65
C ALA A 187 -30.20 -4.25 -16.23
N TYR A 188 -29.99 -3.95 -14.95
CA TYR A 188 -28.65 -3.69 -14.44
C TYR A 188 -28.49 -4.31 -13.07
N ALA A 189 -27.29 -4.82 -12.81
CA ALA A 189 -26.94 -5.38 -11.51
C ALA A 189 -26.22 -4.33 -10.67
N GLN A 190 -26.25 -4.56 -9.35
CA GLN A 190 -25.58 -3.69 -8.39
C GLN A 190 -24.72 -4.55 -7.47
N PHE A 191 -23.47 -4.15 -7.28
CA PHE A 191 -22.52 -4.90 -6.47
C PHE A 191 -22.14 -4.09 -5.24
N ASN A 192 -21.99 -4.77 -4.11
CA ASN A 192 -21.69 -4.16 -2.83
C ASN A 192 -20.38 -4.75 -2.30
N ASP A 193 -19.36 -3.91 -2.15
CA ASP A 193 -18.03 -4.33 -1.74
C ASP A 193 -17.64 -3.73 -0.38
N THR A 194 -18.60 -3.53 0.51
CA THR A 194 -18.31 -2.87 1.77
C THR A 194 -17.36 -3.69 2.64
N GLU A 195 -17.70 -4.96 2.88
CA GLU A 195 -16.90 -5.82 3.75
C GLU A 195 -15.94 -6.71 2.99
N VAL A 196 -15.62 -6.37 1.75
CA VAL A 196 -14.66 -7.13 0.94
C VAL A 196 -13.28 -6.54 1.19
N PRO A 197 -12.30 -7.33 1.64
CA PRO A 197 -10.98 -6.79 1.92
C PRO A 197 -10.28 -6.36 0.64
N LEU A 198 -9.23 -5.56 0.80
CA LEU A 198 -8.52 -4.93 -0.30
C LEU A 198 -7.12 -5.49 -0.43
N ILE A 199 -6.73 -5.83 -1.65
CA ILE A 199 -5.33 -6.12 -1.96
C ILE A 199 -4.60 -4.81 -2.21
N GLU A 200 -3.39 -4.70 -1.67
CA GLU A 200 -2.61 -3.47 -1.79
C GLU A 200 -1.24 -3.79 -2.38
N TYR A 201 -0.86 -3.04 -3.41
CA TYR A 201 0.45 -3.15 -4.01
C TYR A 201 0.88 -1.78 -4.49
N SER A 202 2.17 -1.64 -4.78
CA SER A 202 2.75 -0.36 -5.13
C SER A 202 2.81 -0.19 -6.64
N PHE A 203 2.50 1.01 -7.11
CA PHE A 203 2.70 1.41 -8.50
C PHE A 203 3.69 2.54 -8.52
N TYR A 204 4.84 2.31 -9.17
CA TYR A 204 5.94 3.26 -9.15
C TYR A 204 5.85 4.31 -10.25
N SER A 205 5.21 3.96 -11.37
CA SER A 205 4.86 4.89 -12.45
C SER A 205 6.14 5.47 -13.05
N ASP A 206 6.06 6.70 -13.56
CA ASP A 206 7.18 7.32 -14.25
C ASP A 206 8.23 7.78 -13.26
N GLU A 207 9.45 7.97 -13.79
CA GLU A 207 10.56 8.52 -13.01
C GLU A 207 10.14 9.80 -12.27
N SER A 208 9.34 10.64 -12.92
CA SER A 208 8.95 11.94 -12.34
C SER A 208 8.21 11.79 -11.02
N LEU A 209 7.63 10.63 -10.73
CA LEU A 209 6.85 10.42 -9.51
C LEU A 209 7.80 10.18 -8.35
N GLN A 210 7.79 11.10 -7.38
CA GLN A 210 8.71 10.98 -6.24
C GLN A 210 8.29 9.86 -5.30
N TYR A 211 7.03 9.89 -4.83
CA TYR A 211 6.56 8.86 -3.92
C TYR A 211 5.74 7.83 -4.67
N PRO A 212 6.01 6.54 -4.47
CA PRO A 212 5.20 5.50 -5.14
C PRO A 212 3.74 5.60 -4.76
N LYS A 213 2.90 4.93 -5.55
CA LYS A 213 1.46 4.95 -5.37
C LYS A 213 0.97 3.59 -4.91
N THR A 214 0.06 3.58 -3.95
CA THR A 214 -0.53 2.35 -3.44
C THR A 214 -1.88 2.12 -4.10
N VAL A 215 -2.03 1.00 -4.80
CA VAL A 215 -3.27 0.61 -5.44
C VAL A 215 -4.03 -0.33 -4.51
N ARG A 216 -5.31 -0.03 -4.30
CA ARG A 216 -6.16 -0.80 -3.39
C ARG A 216 -7.43 -1.17 -4.12
N VAL A 217 -7.63 -2.47 -4.34
CA VAL A 217 -8.78 -2.99 -5.06
C VAL A 217 -9.47 -4.04 -4.19
N PRO A 218 -10.79 -4.00 -4.05
CA PRO A 218 -11.49 -5.08 -3.33
C PRO A 218 -11.31 -6.42 -4.02
N TYR A 219 -10.62 -7.34 -3.36
CA TYR A 219 -10.24 -8.63 -3.95
C TYR A 219 -10.61 -9.73 -2.98
N PRO A 220 -11.69 -10.46 -3.22
CA PRO A 220 -12.06 -11.58 -2.34
C PRO A 220 -11.19 -12.79 -2.58
N LYS A 221 -10.25 -13.04 -1.67
CA LYS A 221 -9.40 -14.23 -1.76
C LYS A 221 -10.16 -15.46 -1.27
N ALA A 222 -9.50 -16.61 -1.35
CA ALA A 222 -10.13 -17.89 -1.01
C ALA A 222 -10.62 -17.91 0.43
N GLY A 223 -11.94 -17.98 0.62
CA GLY A 223 -12.54 -18.03 1.94
C GLY A 223 -12.88 -16.70 2.56
N ALA A 224 -12.62 -15.59 1.87
CA ALA A 224 -12.88 -14.26 2.41
C ALA A 224 -14.34 -13.86 2.17
N VAL A 225 -14.68 -12.63 2.52
CA VAL A 225 -16.04 -12.13 2.39
C VAL A 225 -16.26 -11.72 0.93
N ASN A 226 -17.15 -12.43 0.25
CA ASN A 226 -17.50 -12.10 -1.13
C ASN A 226 -18.43 -10.90 -1.19
N PRO A 227 -18.47 -10.21 -2.32
CA PRO A 227 -19.46 -9.14 -2.49
C PRO A 227 -20.87 -9.69 -2.61
N THR A 228 -21.83 -8.79 -2.49
CA THR A 228 -23.24 -9.10 -2.67
C THR A 228 -23.77 -8.40 -3.91
N VAL A 229 -24.82 -8.96 -4.49
CA VAL A 229 -25.33 -8.52 -5.79
C VAL A 229 -26.83 -8.32 -5.71
N LYS A 230 -27.31 -7.21 -6.24
CA LYS A 230 -28.73 -6.96 -6.43
C LYS A 230 -29.02 -6.77 -7.92
N PHE A 231 -30.26 -7.01 -8.31
CA PHE A 231 -30.69 -6.91 -9.70
C PHE A 231 -31.84 -5.93 -9.81
N PHE A 232 -31.80 -5.09 -10.84
CA PHE A 232 -32.83 -4.09 -11.07
C PHE A 232 -33.16 -4.00 -12.55
N VAL A 233 -34.41 -3.66 -12.84
CA VAL A 233 -34.87 -3.43 -14.21
C VAL A 233 -35.66 -2.12 -14.22
N VAL A 234 -35.31 -1.23 -15.13
CA VAL A 234 -35.93 0.08 -15.24
C VAL A 234 -36.53 0.23 -16.64
N ASN A 235 -37.70 0.85 -16.71
CA ASN A 235 -38.38 1.09 -17.98
C ASN A 235 -37.85 2.38 -18.59
N THR A 236 -37.11 2.25 -19.70
CA THR A 236 -36.44 3.38 -20.33
C THR A 236 -37.36 4.18 -21.25
N ASP A 237 -38.67 3.93 -21.23
CA ASP A 237 -39.61 4.69 -22.03
C ASP A 237 -40.44 5.68 -21.25
N SER A 238 -40.63 5.47 -19.94
CA SER A 238 -41.40 6.37 -19.09
C SER A 238 -40.51 7.25 -18.22
N LEU A 239 -39.33 7.62 -18.71
CA LEU A 239 -38.46 8.52 -17.97
C LEU A 239 -39.13 9.88 -17.81
N SER A 240 -38.96 10.47 -16.64
CA SER A 240 -39.56 11.77 -16.32
C SER A 240 -38.45 12.78 -16.10
N SER A 241 -38.61 13.96 -16.71
CA SER A 241 -37.66 15.04 -16.57
C SER A 241 -37.85 15.85 -15.29
N VAL A 242 -38.80 15.47 -14.44
CA VAL A 242 -39.09 16.23 -13.23
C VAL A 242 -39.07 15.32 -12.00
N THR A 243 -39.07 14.01 -12.23
CA THR A 243 -39.04 13.04 -11.13
C THR A 243 -37.86 12.08 -11.32
N ASN A 244 -37.34 11.59 -10.19
CA ASN A 244 -36.30 10.57 -10.23
C ASN A 244 -36.85 9.28 -10.81
N ALA A 245 -36.00 8.55 -11.53
CA ALA A 245 -36.40 7.28 -12.09
C ALA A 245 -36.57 6.23 -11.00
N THR A 246 -37.43 5.25 -11.26
CA THR A 246 -37.75 4.20 -10.30
C THR A 246 -37.31 2.86 -10.87
N SER A 247 -36.65 2.05 -10.05
CA SER A 247 -36.15 0.75 -10.44
C SER A 247 -36.84 -0.34 -9.66
N ILE A 248 -37.23 -1.41 -10.34
CA ILE A 248 -37.87 -2.56 -9.73
C ILE A 248 -36.83 -3.65 -9.54
N GLN A 249 -36.73 -4.16 -8.31
CA GLN A 249 -35.72 -5.15 -7.96
C GLN A 249 -36.28 -6.56 -8.09
N ILE A 250 -35.50 -7.44 -8.71
CA ILE A 250 -35.84 -8.86 -8.82
C ILE A 250 -34.99 -9.62 -7.82
N THR A 251 -35.65 -10.32 -6.89
CA THR A 251 -34.96 -11.04 -5.84
C THR A 251 -34.54 -12.42 -6.34
N ALA A 252 -33.35 -12.86 -5.91
CA ALA A 252 -32.90 -14.21 -6.20
C ALA A 252 -33.88 -15.23 -5.61
N PRO A 253 -33.94 -16.44 -6.18
CA PRO A 253 -34.87 -17.44 -5.67
C PRO A 253 -34.59 -17.78 -4.21
N ALA A 254 -35.62 -18.32 -3.56
CA ALA A 254 -35.51 -18.64 -2.13
C ALA A 254 -34.40 -19.65 -1.86
N SER A 255 -34.08 -20.50 -2.83
CA SER A 255 -32.99 -21.44 -2.69
C SER A 255 -31.62 -20.78 -2.72
N MET A 256 -31.56 -19.48 -3.01
CA MET A 256 -30.30 -18.75 -3.07
C MET A 256 -30.16 -17.70 -1.98
N LEU A 257 -31.23 -17.39 -1.26
CA LEU A 257 -31.20 -16.38 -0.20
C LEU A 257 -30.77 -16.95 1.14
N ILE A 258 -30.53 -18.27 1.23
CA ILE A 258 -30.12 -18.88 2.49
C ILE A 258 -28.61 -18.90 2.67
N GLY A 259 -27.86 -18.40 1.71
CA GLY A 259 -26.41 -18.37 1.84
C GLY A 259 -25.80 -17.46 0.79
N ASP A 260 -24.48 -17.55 0.67
CA ASP A 260 -23.77 -16.77 -0.33
C ASP A 260 -24.07 -17.30 -1.73
N HIS A 261 -24.21 -16.39 -2.69
CA HIS A 261 -24.56 -16.76 -4.06
C HIS A 261 -23.99 -15.72 -5.01
N TYR A 262 -24.07 -16.03 -6.30
CA TYR A 262 -23.63 -15.13 -7.35
C TYR A 262 -24.71 -15.02 -8.42
N LEU A 263 -24.90 -13.81 -8.94
CA LEU A 263 -25.61 -13.61 -10.20
C LEU A 263 -24.61 -13.87 -11.31
N CYS A 264 -24.81 -14.97 -12.06
CA CYS A 264 -23.80 -15.40 -13.02
C CYS A 264 -24.24 -15.34 -14.48
N ASP A 265 -25.51 -15.03 -14.76
CA ASP A 265 -25.95 -14.96 -16.15
C ASP A 265 -27.27 -14.20 -16.22
N VAL A 266 -27.37 -13.29 -17.19
CA VAL A 266 -28.57 -12.52 -17.47
C VAL A 266 -28.86 -12.64 -18.95
N THR A 267 -30.04 -13.13 -19.30
CA THR A 267 -30.40 -13.38 -20.69
C THR A 267 -31.86 -13.01 -20.92
N TRP A 268 -32.09 -11.99 -21.76
CA TRP A 268 -33.44 -11.67 -22.18
C TRP A 268 -33.98 -12.73 -23.14
N ALA A 269 -35.26 -13.06 -22.98
CA ALA A 269 -35.92 -14.03 -23.84
C ALA A 269 -36.86 -13.35 -24.82
N THR A 270 -38.00 -12.83 -24.34
CA THR A 270 -38.86 -12.00 -25.17
C THR A 270 -38.48 -10.54 -24.97
N GLN A 271 -39.49 -9.67 -24.92
CA GLN A 271 -39.28 -8.29 -24.52
C GLN A 271 -40.03 -7.95 -23.24
N GLU A 272 -40.68 -8.94 -22.61
CA GLU A 272 -41.26 -8.82 -21.28
C GLU A 272 -40.91 -10.03 -20.41
N ARG A 273 -39.88 -10.78 -20.80
CA ARG A 273 -39.46 -11.98 -20.11
C ARG A 273 -37.94 -12.03 -20.06
N ILE A 274 -37.39 -12.27 -18.87
CA ILE A 274 -35.95 -12.26 -18.67
C ILE A 274 -35.57 -13.46 -17.81
N SER A 275 -34.41 -14.05 -18.09
CA SER A 275 -33.94 -15.24 -17.40
C SER A 275 -32.66 -14.92 -16.63
N LEU A 276 -32.65 -15.23 -15.34
CA LEU A 276 -31.51 -14.99 -14.48
C LEU A 276 -31.01 -16.31 -13.92
N GLN A 277 -29.71 -16.57 -14.06
CA GLN A 277 -29.08 -17.73 -13.47
C GLN A 277 -28.35 -17.33 -12.20
N TRP A 278 -28.50 -18.15 -11.16
CA TRP A 278 -27.86 -17.92 -9.87
C TRP A 278 -27.05 -19.15 -9.50
N LEU A 279 -25.95 -18.92 -8.78
CA LEU A 279 -25.04 -19.99 -8.40
C LEU A 279 -24.62 -19.80 -6.96
N ARG A 280 -24.72 -20.87 -6.17
CA ARG A 280 -24.27 -20.83 -4.79
C ARG A 280 -22.76 -20.68 -4.71
N ARG A 281 -22.29 -20.21 -3.55
CA ARG A 281 -20.85 -20.05 -3.35
C ARG A 281 -20.13 -21.39 -3.53
N ILE A 282 -20.67 -22.45 -2.93
CA ILE A 282 -20.32 -23.81 -3.34
C ILE A 282 -20.95 -24.02 -4.70
N GLN A 283 -20.15 -23.89 -5.76
CA GLN A 283 -20.68 -23.86 -7.13
C GLN A 283 -21.08 -25.23 -7.66
N ASN A 284 -21.69 -26.06 -6.82
CA ASN A 284 -22.25 -27.34 -7.25
C ASN A 284 -23.77 -27.28 -7.40
N TYR A 285 -24.37 -26.10 -7.30
CA TYR A 285 -25.81 -25.97 -7.36
C TYR A 285 -26.16 -24.64 -7.99
N SER A 286 -26.87 -24.67 -9.12
CA SER A 286 -27.37 -23.48 -9.78
C SER A 286 -28.84 -23.66 -10.12
N VAL A 287 -29.59 -22.58 -10.06
CA VAL A 287 -31.01 -22.57 -10.42
C VAL A 287 -31.28 -21.35 -11.30
N MET A 288 -32.06 -21.54 -12.35
CA MET A 288 -32.37 -20.50 -13.32
C MET A 288 -33.80 -20.04 -13.11
N ASP A 289 -33.99 -18.73 -13.00
CA ASP A 289 -35.30 -18.12 -12.85
C ASP A 289 -35.78 -17.55 -14.18
N ILE A 290 -37.10 -17.50 -14.34
CA ILE A 290 -37.75 -16.94 -15.52
C ILE A 290 -38.83 -15.98 -15.04
N CYS A 291 -38.67 -14.69 -15.37
CA CYS A 291 -39.51 -13.63 -14.80
C CYS A 291 -40.23 -12.88 -15.91
N ASP A 292 -41.54 -12.71 -15.74
CA ASP A 292 -42.37 -11.97 -16.67
C ASP A 292 -42.74 -10.61 -16.09
N TYR A 293 -42.86 -9.62 -16.98
CA TYR A 293 -43.26 -8.28 -16.57
C TYR A 293 -44.75 -8.25 -16.29
N ASP A 294 -45.13 -7.66 -15.16
CA ASP A 294 -46.53 -7.54 -14.76
C ASP A 294 -46.97 -6.11 -14.99
N GLU A 295 -47.86 -5.91 -15.98
CA GLU A 295 -48.30 -4.57 -16.33
C GLU A 295 -49.18 -3.96 -15.24
N SER A 296 -49.91 -4.79 -14.50
CA SER A 296 -50.81 -4.28 -13.48
C SER A 296 -50.04 -3.54 -12.37
N SER A 297 -49.13 -4.24 -11.70
CA SER A 297 -48.35 -3.66 -10.62
C SER A 297 -47.06 -3.00 -11.10
N GLY A 298 -46.64 -3.25 -12.32
CA GLY A 298 -45.38 -2.74 -12.82
C GLY A 298 -44.16 -3.52 -12.39
N ARG A 299 -44.34 -4.61 -11.64
CA ARG A 299 -43.23 -5.37 -11.10
C ARG A 299 -42.82 -6.47 -12.08
N TRP A 300 -41.97 -7.39 -11.62
CA TRP A 300 -41.57 -8.56 -12.37
C TRP A 300 -41.81 -9.78 -11.50
N ASN A 301 -42.52 -10.77 -12.04
CA ASN A 301 -42.94 -11.95 -11.29
C ASN A 301 -42.26 -13.18 -11.85
N CYS A 302 -41.58 -13.93 -10.98
CA CYS A 302 -40.92 -15.18 -11.33
C CYS A 302 -41.60 -16.31 -10.56
N LEU A 303 -42.09 -17.31 -11.28
CA LEU A 303 -42.78 -18.42 -10.65
C LEU A 303 -41.82 -19.58 -10.38
N VAL A 304 -42.06 -20.28 -9.26
CA VAL A 304 -41.22 -21.42 -8.90
C VAL A 304 -41.38 -22.54 -9.91
N ALA A 305 -42.57 -22.69 -10.51
CA ALA A 305 -42.78 -23.69 -11.54
C ALA A 305 -41.93 -23.44 -12.79
N ARG A 306 -41.35 -22.24 -12.93
CA ARG A 306 -40.50 -21.91 -14.05
C ARG A 306 -39.01 -22.02 -13.70
N GLN A 307 -38.68 -22.53 -12.52
CA GLN A 307 -37.29 -22.65 -12.09
C GLN A 307 -36.71 -23.97 -12.55
N HIS A 308 -35.47 -23.93 -13.03
CA HIS A 308 -34.76 -25.12 -13.50
C HIS A 308 -33.45 -25.24 -12.74
N ILE A 309 -33.28 -26.37 -12.06
CA ILE A 309 -32.10 -26.62 -11.24
C ILE A 309 -31.06 -27.34 -12.08
N GLU A 310 -29.85 -26.80 -12.10
CA GLU A 310 -28.71 -27.42 -12.78
C GLU A 310 -27.61 -27.61 -11.75
N MET A 311 -27.52 -28.81 -11.21
CA MET A 311 -26.53 -29.14 -10.18
C MET A 311 -25.65 -30.28 -10.64
N SER A 312 -24.59 -30.52 -9.87
CA SER A 312 -23.64 -31.59 -10.14
C SER A 312 -23.15 -32.17 -8.82
N THR A 313 -22.89 -33.48 -8.83
CA THR A 313 -22.48 -34.19 -7.62
C THR A 313 -21.02 -34.65 -7.67
N THR A 314 -20.34 -34.52 -8.80
CA THR A 314 -18.92 -34.84 -8.89
C THR A 314 -18.06 -33.64 -9.24
N GLY A 315 -18.65 -32.45 -9.34
CA GLY A 315 -17.89 -31.26 -9.66
C GLY A 315 -18.71 -29.98 -9.57
N TRP A 316 -18.45 -29.05 -10.49
CA TRP A 316 -19.11 -27.75 -10.50
C TRP A 316 -20.13 -27.71 -11.64
N VAL A 317 -20.71 -26.54 -11.87
CA VAL A 317 -21.77 -26.34 -12.86
C VAL A 317 -21.18 -25.56 -14.03
N GLY A 318 -21.13 -26.19 -15.20
CA GLY A 318 -20.60 -25.55 -16.40
C GLY A 318 -19.11 -25.74 -16.54
N ARG A 319 -18.59 -25.25 -17.66
CA ARG A 319 -17.15 -25.24 -17.86
C ARG A 319 -16.47 -24.28 -16.89
N PHE A 320 -16.83 -23.00 -16.97
CA PHE A 320 -16.47 -22.02 -15.96
C PHE A 320 -17.68 -21.39 -15.29
N ARG A 321 -18.84 -21.44 -15.92
CA ARG A 321 -20.10 -20.99 -15.34
C ARG A 321 -21.23 -21.69 -16.08
N PRO A 322 -22.43 -21.77 -15.48
CA PRO A 322 -23.55 -22.42 -16.19
C PRO A 322 -23.86 -21.74 -17.51
N SER A 323 -24.28 -22.55 -18.48
CA SER A 323 -24.47 -22.07 -19.84
C SER A 323 -25.66 -21.11 -19.92
N GLU A 324 -25.65 -20.28 -20.99
CA GLU A 324 -26.72 -19.32 -21.22
C GLU A 324 -27.83 -19.93 -22.07
N PRO A 325 -29.06 -19.48 -21.90
CA PRO A 325 -30.15 -20.02 -22.71
C PRO A 325 -30.27 -19.33 -24.06
N HIS A 326 -30.78 -20.10 -25.03
CA HIS A 326 -31.09 -19.59 -26.36
C HIS A 326 -32.58 -19.84 -26.59
N PHE A 327 -33.38 -18.80 -26.45
CA PHE A 327 -34.83 -18.95 -26.50
C PHE A 327 -35.33 -18.96 -27.94
N THR A 328 -36.54 -19.50 -28.10
CA THR A 328 -37.25 -19.39 -29.37
C THR A 328 -37.88 -18.00 -29.50
N LEU A 329 -38.35 -17.69 -30.70
CA LEU A 329 -38.81 -16.34 -31.00
C LEU A 329 -40.03 -15.92 -30.21
N ASP A 330 -40.69 -16.86 -29.51
CA ASP A 330 -41.86 -16.52 -28.70
C ASP A 330 -41.60 -16.61 -27.20
N GLY A 331 -40.51 -17.26 -26.78
CA GLY A 331 -40.13 -17.25 -25.38
C GLY A 331 -40.81 -18.27 -24.51
N ASN A 332 -41.19 -19.43 -25.05
CA ASN A 332 -41.78 -20.50 -24.26
C ASN A 332 -40.91 -21.74 -24.21
N SER A 333 -39.75 -21.73 -24.85
CA SER A 333 -38.79 -22.82 -24.80
C SER A 333 -37.42 -22.27 -25.12
N PHE A 334 -36.38 -23.01 -24.72
CA PHE A 334 -35.02 -22.56 -24.94
C PHE A 334 -34.09 -23.76 -25.03
N TYR A 335 -32.84 -23.48 -25.41
CA TYR A 335 -31.82 -24.49 -25.59
C TYR A 335 -30.61 -24.16 -24.73
N LYS A 336 -30.14 -25.13 -23.96
CA LYS A 336 -28.97 -24.96 -23.11
C LYS A 336 -28.07 -26.18 -23.23
N ILE A 337 -26.80 -26.00 -22.89
CA ILE A 337 -25.79 -27.05 -22.97
C ILE A 337 -25.48 -27.53 -21.56
N ILE A 338 -25.80 -28.80 -21.30
CA ILE A 338 -25.62 -29.42 -19.99
C ILE A 338 -25.08 -30.83 -20.20
N SER A 339 -24.45 -31.37 -19.16
CA SER A 339 -23.95 -32.74 -19.19
C SER A 339 -25.08 -33.73 -19.44
N ASN A 340 -24.74 -34.89 -19.98
CA ASN A 340 -25.71 -35.88 -20.44
C ASN A 340 -25.68 -37.16 -19.60
N GLU A 341 -25.50 -37.03 -18.29
CA GLU A 341 -25.54 -38.14 -17.33
C GLU A 341 -24.35 -39.07 -17.49
N GLU A 342 -23.85 -39.25 -18.71
CA GLU A 342 -22.58 -39.94 -18.92
C GLU A 342 -21.39 -39.01 -18.84
N GLY A 343 -21.61 -37.69 -18.77
CA GLY A 343 -20.56 -36.71 -18.58
C GLY A 343 -20.32 -35.78 -19.76
N TYR A 344 -20.97 -36.01 -20.89
CA TYR A 344 -20.68 -35.28 -22.11
C TYR A 344 -21.70 -34.17 -22.32
N ARG A 345 -21.20 -32.97 -22.60
CA ARG A 345 -22.05 -31.78 -22.66
C ARG A 345 -22.69 -31.68 -24.04
N HIS A 346 -24.01 -31.81 -24.09
CA HIS A 346 -24.78 -31.71 -25.32
C HIS A 346 -25.93 -30.73 -25.11
N ILE A 347 -26.69 -30.51 -26.18
CA ILE A 347 -27.81 -29.57 -26.14
C ILE A 347 -29.04 -30.26 -25.57
N CYS A 348 -29.75 -29.57 -24.69
CA CYS A 348 -31.02 -30.05 -24.16
C CYS A 348 -32.11 -29.05 -24.48
N TYR A 349 -33.27 -29.55 -24.88
CA TYR A 349 -34.43 -28.73 -25.23
C TYR A 349 -35.35 -28.63 -24.03
N PHE A 350 -35.56 -27.41 -23.54
CA PHE A 350 -36.31 -27.16 -22.31
C PHE A 350 -37.69 -26.61 -22.61
N GLN A 351 -38.64 -26.95 -21.74
CA GLN A 351 -39.93 -26.29 -21.66
C GLN A 351 -39.93 -25.46 -20.37
N ILE A 352 -40.21 -24.15 -20.51
CA ILE A 352 -40.02 -23.24 -19.39
C ILE A 352 -40.88 -23.58 -18.18
N ASP A 353 -41.88 -24.45 -18.36
CA ASP A 353 -42.72 -24.89 -17.25
C ASP A 353 -42.49 -26.35 -16.87
N LYS A 354 -41.77 -27.11 -17.68
CA LYS A 354 -41.47 -28.51 -17.40
C LYS A 354 -40.00 -28.62 -17.01
N LYS A 355 -39.74 -29.09 -15.78
CA LYS A 355 -38.37 -29.14 -15.27
C LYS A 355 -37.50 -30.14 -16.02
N ASP A 356 -38.11 -31.09 -16.73
CA ASP A 356 -37.35 -32.09 -17.47
C ASP A 356 -37.14 -31.64 -18.92
N CYS A 357 -35.91 -31.83 -19.39
CA CYS A 357 -35.55 -31.54 -20.77
C CYS A 357 -35.17 -32.85 -21.47
N THR A 358 -35.18 -32.80 -22.80
CA THR A 358 -34.82 -33.95 -23.63
C THR A 358 -33.60 -33.59 -24.46
N PHE A 359 -32.57 -34.44 -24.39
CA PHE A 359 -31.33 -34.19 -25.11
C PHE A 359 -31.54 -34.41 -26.60
N ILE A 360 -31.38 -33.34 -27.39
CA ILE A 360 -31.43 -33.46 -28.85
C ILE A 360 -30.08 -33.87 -29.43
N THR A 361 -29.08 -34.09 -28.59
CA THR A 361 -27.73 -34.39 -29.03
C THR A 361 -27.11 -35.38 -28.06
N LYS A 362 -26.33 -36.33 -28.58
CA LYS A 362 -25.71 -37.35 -27.75
C LYS A 362 -24.45 -37.85 -28.43
N GLY A 363 -23.61 -38.53 -27.65
CA GLY A 363 -22.37 -39.09 -28.17
C GLY A 363 -21.16 -38.85 -27.29
N THR A 364 -20.02 -39.43 -27.66
CA THR A 364 -18.77 -39.24 -26.92
C THR A 364 -18.03 -38.05 -27.51
N TRP A 365 -18.60 -36.87 -27.28
CA TRP A 365 -18.07 -35.59 -27.75
C TRP A 365 -18.88 -34.50 -27.07
N GLU A 366 -18.55 -33.25 -27.38
CA GLU A 366 -19.17 -32.13 -26.67
C GLU A 366 -19.55 -31.02 -27.65
N VAL A 367 -20.70 -30.41 -27.41
CA VAL A 367 -21.10 -29.20 -28.10
C VAL A 367 -20.35 -28.02 -27.48
N ILE A 368 -19.75 -27.19 -28.33
CA ILE A 368 -18.96 -26.06 -27.84
C ILE A 368 -19.84 -24.84 -27.56
N GLY A 369 -20.82 -24.56 -28.42
CA GLY A 369 -21.68 -23.41 -28.22
C GLY A 369 -22.81 -23.40 -29.22
N ILE A 370 -23.84 -22.63 -28.88
CA ILE A 370 -25.00 -22.43 -29.73
C ILE A 370 -24.87 -21.06 -30.37
N GLU A 371 -24.88 -21.02 -31.70
CA GLU A 371 -24.51 -19.81 -32.45
C GLU A 371 -25.70 -19.07 -33.03
N ALA A 372 -26.76 -19.78 -33.44
CA ALA A 372 -27.92 -19.12 -34.03
C ALA A 372 -29.13 -20.03 -33.87
N LEU A 373 -30.29 -19.40 -33.74
CA LEU A 373 -31.56 -20.12 -33.59
C LEU A 373 -32.59 -19.49 -34.52
N THR A 374 -32.97 -20.21 -35.56
CA THR A 374 -33.99 -19.77 -36.49
C THR A 374 -35.31 -20.48 -36.20
N SER A 375 -36.37 -20.01 -36.86
CA SER A 375 -37.67 -20.66 -36.75
C SER A 375 -37.62 -22.11 -37.22
N ASP A 376 -36.59 -22.48 -37.98
CA ASP A 376 -36.48 -23.82 -38.54
C ASP A 376 -35.25 -24.59 -38.09
N TYR A 377 -34.13 -23.92 -37.82
CA TYR A 377 -32.86 -24.60 -37.59
C TYR A 377 -32.23 -24.16 -36.28
N LEU A 378 -31.16 -24.86 -35.92
CA LEU A 378 -30.40 -24.57 -34.69
C LEU A 378 -28.95 -24.92 -35.00
N TYR A 379 -28.10 -23.90 -35.10
CA TYR A 379 -26.70 -24.08 -35.49
C TYR A 379 -25.81 -24.11 -34.26
N TYR A 380 -24.85 -25.03 -34.25
CA TYR A 380 -23.95 -25.17 -33.12
C TYR A 380 -22.56 -25.59 -33.60
N ILE A 381 -21.56 -25.27 -32.78
CA ILE A 381 -20.17 -25.67 -33.01
C ILE A 381 -19.87 -26.89 -32.16
N SER A 382 -19.07 -27.80 -32.70
CA SER A 382 -18.78 -29.05 -31.99
C SER A 382 -17.40 -29.56 -32.39
N ASN A 383 -16.94 -30.58 -31.66
CA ASN A 383 -15.68 -31.27 -31.90
C ASN A 383 -15.90 -32.70 -32.37
N GLU A 384 -17.05 -32.96 -32.99
CA GLU A 384 -17.44 -34.33 -33.33
C GLU A 384 -16.66 -34.88 -34.51
N TYR A 385 -16.17 -34.02 -35.40
CA TYR A 385 -15.55 -34.48 -36.64
C TYR A 385 -14.29 -35.30 -36.36
N LYS A 386 -14.31 -36.55 -36.78
CA LYS A 386 -13.22 -37.51 -36.63
C LYS A 386 -12.84 -37.74 -35.16
N GLY A 387 -13.75 -37.43 -34.24
CA GLY A 387 -13.53 -37.71 -32.83
C GLY A 387 -12.32 -37.01 -32.25
N MET A 388 -12.06 -35.77 -32.65
CA MET A 388 -10.92 -35.01 -32.15
C MET A 388 -11.41 -33.85 -31.29
N PRO A 389 -11.16 -33.86 -29.99
CA PRO A 389 -11.63 -32.73 -29.15
C PRO A 389 -10.94 -31.42 -29.46
N GLY A 390 -9.80 -31.42 -30.13
CA GLY A 390 -9.10 -30.21 -30.49
C GLY A 390 -9.57 -29.53 -31.75
N GLY A 391 -10.69 -29.96 -32.33
CA GLY A 391 -11.20 -29.36 -33.54
C GLY A 391 -12.56 -28.70 -33.36
N ARG A 392 -12.89 -27.76 -34.23
CA ARG A 392 -14.15 -27.03 -34.16
C ARG A 392 -14.80 -27.03 -35.54
N ASN A 393 -16.08 -27.39 -35.61
CA ASN A 393 -16.82 -27.42 -36.85
C ASN A 393 -18.25 -26.94 -36.63
N LEU A 394 -18.82 -26.32 -37.65
CA LEU A 394 -20.18 -25.79 -37.59
C LEU A 394 -21.17 -26.88 -38.01
N TYR A 395 -22.23 -27.02 -37.23
CA TYR A 395 -23.23 -28.06 -37.44
C TYR A 395 -24.62 -27.44 -37.57
N LYS A 396 -25.51 -28.18 -38.22
CA LYS A 396 -26.90 -27.76 -38.42
C LYS A 396 -27.82 -28.92 -38.08
N ILE A 397 -28.80 -28.67 -37.22
CA ILE A 397 -29.77 -29.67 -36.83
C ILE A 397 -31.17 -29.15 -37.11
N GLN A 398 -32.06 -30.05 -37.47
CA GLN A 398 -33.43 -29.69 -37.83
C GLN A 398 -34.31 -29.66 -36.59
N LEU A 399 -35.12 -28.60 -36.47
CA LEU A 399 -36.02 -28.48 -35.31
C LEU A 399 -37.03 -29.61 -35.28
N SER A 400 -37.37 -30.18 -36.43
CA SER A 400 -38.37 -31.23 -36.48
C SER A 400 -37.78 -32.62 -36.38
N ASP A 401 -36.63 -32.86 -37.01
CA ASP A 401 -36.13 -34.22 -37.16
C ASP A 401 -35.28 -34.65 -35.97
N TYR A 402 -34.31 -33.83 -35.60
CA TYR A 402 -33.27 -34.13 -34.60
C TYR A 402 -32.36 -35.27 -35.04
N THR A 403 -32.53 -35.78 -36.26
CA THR A 403 -31.64 -36.81 -36.80
C THR A 403 -31.03 -36.39 -38.13
N LYS A 404 -31.25 -35.15 -38.57
CA LYS A 404 -30.73 -34.66 -39.83
C LYS A 404 -29.70 -33.56 -39.56
N VAL A 405 -28.55 -33.98 -39.07
CA VAL A 405 -27.44 -33.09 -38.76
C VAL A 405 -26.52 -33.00 -39.98
N THR A 406 -26.13 -31.78 -40.32
CA THR A 406 -25.36 -31.51 -41.54
C THR A 406 -24.09 -30.74 -41.18
N CYS A 407 -22.94 -31.33 -41.52
CA CYS A 407 -21.64 -30.70 -41.33
C CYS A 407 -21.51 -29.54 -42.32
N LEU A 408 -21.82 -28.33 -41.85
CA LEU A 408 -21.84 -27.18 -42.74
C LEU A 408 -20.44 -26.67 -43.06
N SER A 409 -19.43 -27.02 -42.27
CA SER A 409 -18.06 -26.56 -42.48
C SER A 409 -17.09 -27.69 -42.74
N CYS A 410 -17.26 -28.83 -42.08
CA CYS A 410 -16.39 -29.99 -42.27
C CYS A 410 -16.35 -30.40 -43.74
N GLU A 411 -15.14 -30.68 -44.23
CA GLU A 411 -14.85 -31.12 -45.60
C GLU A 411 -14.95 -29.99 -46.63
N LEU A 412 -15.02 -28.72 -46.19
CA LEU A 412 -14.91 -27.63 -47.15
C LEU A 412 -13.47 -27.40 -47.57
N ASN A 413 -12.52 -27.74 -46.70
CA ASN A 413 -11.09 -27.79 -46.97
C ASN A 413 -10.45 -28.62 -45.85
N PRO A 414 -10.71 -29.93 -45.81
CA PRO A 414 -10.33 -30.71 -44.63
C PRO A 414 -8.83 -30.82 -44.42
N GLU A 415 -8.03 -30.65 -45.46
CA GLU A 415 -6.57 -30.68 -45.30
C GLU A 415 -6.03 -29.41 -44.68
N ARG A 416 -6.78 -28.30 -44.77
CA ARG A 416 -6.32 -27.00 -44.30
C ARG A 416 -7.08 -26.49 -43.08
N CYS A 417 -8.35 -26.87 -42.92
CA CYS A 417 -9.22 -26.27 -41.91
C CYS A 417 -9.82 -27.35 -41.04
N GLN A 418 -9.57 -27.26 -39.72
CA GLN A 418 -10.21 -28.13 -38.74
C GLN A 418 -10.64 -27.36 -37.50
N TYR A 419 -10.61 -26.03 -37.52
CA TYR A 419 -10.97 -25.20 -36.38
C TYR A 419 -11.76 -24.01 -36.92
N TYR A 420 -13.04 -23.93 -36.59
CA TYR A 420 -13.94 -22.97 -37.22
C TYR A 420 -14.59 -22.04 -36.20
N SER A 421 -14.84 -20.82 -36.66
CA SER A 421 -15.59 -19.82 -35.90
C SER A 421 -16.58 -19.17 -36.86
N VAL A 422 -17.84 -19.08 -36.45
CA VAL A 422 -18.91 -18.59 -37.29
C VAL A 422 -19.43 -17.26 -36.76
N SER A 423 -19.82 -16.37 -37.66
CA SER A 423 -20.38 -15.07 -37.32
C SER A 423 -21.64 -14.87 -38.16
N PHE A 424 -22.80 -15.10 -37.54
CA PHE A 424 -24.06 -14.99 -38.25
C PHE A 424 -24.51 -13.54 -38.37
N SER A 425 -25.33 -13.28 -39.37
CA SER A 425 -25.96 -11.97 -39.55
C SER A 425 -27.30 -11.94 -38.82
N LYS A 426 -27.96 -10.79 -38.89
CA LYS A 426 -29.32 -10.69 -38.33
C LYS A 426 -30.24 -11.65 -39.06
N GLU A 427 -31.13 -12.29 -38.31
CA GLU A 427 -32.06 -13.30 -38.81
C GLU A 427 -31.35 -14.53 -39.35
N ALA A 428 -30.03 -14.64 -39.15
CA ALA A 428 -29.22 -15.76 -39.66
C ALA A 428 -29.37 -15.90 -41.18
N LYS A 429 -29.40 -14.77 -41.89
CA LYS A 429 -29.51 -14.81 -43.34
C LYS A 429 -28.21 -15.31 -43.97
N TYR A 430 -27.10 -14.66 -43.66
CA TYR A 430 -25.77 -15.09 -44.08
C TYR A 430 -24.94 -15.42 -42.84
N TYR A 431 -23.72 -15.88 -43.07
CA TYR A 431 -22.80 -16.15 -41.97
C TYR A 431 -21.38 -16.25 -42.50
N GLN A 432 -20.43 -15.78 -41.69
CA GLN A 432 -19.01 -15.83 -42.02
C GLN A 432 -18.36 -16.97 -41.24
N LEU A 433 -17.56 -17.77 -41.93
CA LEU A 433 -16.82 -18.87 -41.31
C LEU A 433 -15.35 -18.49 -41.21
N ARG A 434 -14.80 -18.56 -40.00
CA ARG A 434 -13.41 -18.22 -39.72
C ARG A 434 -12.66 -19.50 -39.39
N CYS A 435 -11.71 -19.86 -40.25
CA CYS A 435 -10.91 -21.08 -40.08
C CYS A 435 -9.57 -20.70 -39.47
N SER A 436 -9.25 -21.30 -38.32
CA SER A 436 -8.07 -20.92 -37.54
C SER A 436 -6.87 -21.85 -37.75
N GLY A 437 -7.05 -22.97 -38.43
CA GLY A 437 -5.96 -23.90 -38.65
C GLY A 437 -6.45 -25.25 -39.12
N PRO A 438 -5.52 -26.20 -39.34
CA PRO A 438 -4.05 -26.12 -39.14
C PRO A 438 -3.34 -25.25 -40.16
N GLY A 439 -3.96 -24.94 -41.30
CA GLY A 439 -3.34 -24.09 -42.30
C GLY A 439 -3.46 -22.62 -41.96
N LEU A 440 -3.18 -21.79 -42.95
CA LEU A 440 -3.30 -20.35 -42.77
C LEU A 440 -4.77 -19.97 -42.57
N PRO A 441 -5.03 -18.93 -41.77
CA PRO A 441 -6.41 -18.51 -41.52
C PRO A 441 -7.16 -18.22 -42.82
N LEU A 442 -8.37 -18.77 -42.92
CA LEU A 442 -9.19 -18.68 -44.12
C LEU A 442 -10.54 -18.09 -43.76
N TYR A 443 -10.94 -17.03 -44.45
CA TYR A 443 -12.18 -16.33 -44.19
C TYR A 443 -13.13 -16.53 -45.37
N THR A 444 -14.28 -17.13 -45.11
CA THR A 444 -15.26 -17.43 -46.15
C THR A 444 -16.61 -16.83 -45.77
N LEU A 445 -17.38 -16.47 -46.80
CA LEU A 445 -18.72 -15.92 -46.63
C LEU A 445 -19.73 -16.86 -47.28
N HIS A 446 -20.84 -17.11 -46.58
CA HIS A 446 -21.83 -18.05 -47.07
C HIS A 446 -23.23 -17.47 -47.06
N SER A 447 -24.24 -18.31 -47.31
CA SER A 447 -25.64 -17.92 -47.24
C SER A 447 -26.42 -19.09 -46.66
N SER A 448 -27.09 -18.84 -45.53
CA SER A 448 -27.69 -19.94 -44.76
C SER A 448 -28.80 -20.65 -45.51
N VAL A 449 -29.31 -20.06 -46.59
CA VAL A 449 -30.46 -20.66 -47.27
C VAL A 449 -30.10 -22.01 -47.86
N ASN A 450 -29.04 -22.06 -48.67
CA ASN A 450 -28.63 -23.28 -49.35
C ASN A 450 -27.13 -23.51 -49.23
N ASP A 451 -26.51 -22.96 -48.18
CA ASP A 451 -25.08 -23.16 -47.90
C ASP A 451 -24.23 -22.75 -49.10
N LYS A 452 -24.45 -21.52 -49.58
CA LYS A 452 -23.81 -21.01 -50.78
C LYS A 452 -22.57 -20.21 -50.41
N GLY A 453 -21.42 -20.86 -50.46
CA GLY A 453 -20.15 -20.17 -50.29
C GLY A 453 -19.93 -19.16 -51.41
N LEU A 454 -20.48 -17.96 -51.24
CA LEU A 454 -20.53 -17.00 -52.34
C LEU A 454 -19.22 -16.25 -52.54
N ARG A 455 -18.47 -15.99 -51.48
CA ARG A 455 -17.27 -15.19 -51.56
C ARG A 455 -16.18 -15.76 -50.68
N VAL A 456 -14.94 -15.44 -51.03
CA VAL A 456 -13.76 -15.70 -50.20
C VAL A 456 -13.20 -14.34 -49.80
N LEU A 457 -13.10 -14.10 -48.49
CA LEU A 457 -12.76 -12.79 -47.97
C LEU A 457 -11.25 -12.62 -47.79
N GLU A 458 -10.57 -13.60 -47.21
CA GLU A 458 -9.13 -13.53 -47.00
C GLU A 458 -8.57 -14.94 -47.04
N ASP A 459 -7.77 -15.23 -48.07
CA ASP A 459 -7.05 -16.50 -48.15
C ASP A 459 -5.68 -16.45 -47.50
N ASN A 460 -5.21 -15.25 -47.12
CA ASN A 460 -3.89 -15.05 -46.53
C ASN A 460 -2.78 -15.59 -47.43
N SER A 461 -3.00 -15.55 -48.74
CA SER A 461 -1.98 -15.99 -49.68
C SER A 461 -0.75 -15.08 -49.67
N ALA A 462 -0.92 -13.82 -49.24
CA ALA A 462 0.23 -12.93 -49.12
C ALA A 462 1.21 -13.44 -48.08
N LEU A 463 0.70 -13.93 -46.94
CA LEU A 463 1.55 -14.53 -45.93
C LEU A 463 2.10 -15.88 -46.37
N ASP A 464 1.46 -16.53 -47.34
CA ASP A 464 1.92 -17.83 -47.81
C ASP A 464 3.14 -17.71 -48.69
N LYS A 465 3.20 -16.67 -49.54
CA LYS A 465 4.37 -16.48 -50.39
C LYS A 465 5.61 -16.18 -49.57
N MET A 466 5.46 -15.54 -48.41
CA MET A 466 6.60 -15.26 -47.55
C MET A 466 7.06 -16.52 -46.83
N LEU A 467 6.12 -17.34 -46.37
CA LEU A 467 6.47 -18.52 -45.57
C LEU A 467 7.06 -19.66 -46.39
N GLN A 468 7.17 -19.51 -47.71
CA GLN A 468 7.73 -20.58 -48.53
C GLN A 468 9.26 -20.61 -48.43
N ASN A 469 9.90 -19.45 -48.36
CA ASN A 469 11.35 -19.35 -48.23
C ASN A 469 11.81 -19.26 -46.78
N VAL A 470 11.01 -19.74 -45.84
CA VAL A 470 11.43 -19.92 -44.45
C VAL A 470 11.15 -21.36 -44.06
N GLN A 471 11.93 -21.86 -43.10
CA GLN A 471 11.84 -23.26 -42.68
C GLN A 471 10.88 -23.35 -41.50
N MET A 472 9.60 -23.45 -41.83
CA MET A 472 8.57 -23.48 -40.80
C MET A 472 8.56 -24.83 -40.10
N PRO A 473 8.32 -24.86 -38.79
CA PRO A 473 8.18 -26.13 -38.08
C PRO A 473 6.81 -26.76 -38.33
N SER A 474 6.77 -28.08 -38.21
CA SER A 474 5.53 -28.83 -38.36
C SER A 474 4.84 -28.97 -37.01
N LYS A 475 3.59 -29.47 -37.05
CA LYS A 475 2.75 -29.58 -35.87
C LYS A 475 2.04 -30.92 -35.90
N LYS A 476 2.41 -31.81 -34.99
CA LYS A 476 1.78 -33.13 -34.86
C LYS A 476 0.74 -33.08 -33.74
N LEU A 477 -0.45 -33.62 -34.02
CA LEU A 477 -1.52 -33.75 -33.05
C LEU A 477 -1.93 -35.22 -33.01
N ASP A 478 -1.68 -35.88 -31.88
CA ASP A 478 -2.04 -37.28 -31.70
C ASP A 478 -2.38 -37.49 -30.23
N PHE A 479 -2.33 -38.76 -29.79
CA PHE A 479 -2.81 -39.11 -28.47
C PHE A 479 -2.03 -40.31 -27.93
N ILE A 480 -2.21 -40.55 -26.63
CA ILE A 480 -1.69 -41.73 -25.95
C ILE A 480 -2.79 -42.28 -25.06
N ILE A 481 -2.61 -43.52 -24.61
CA ILE A 481 -3.59 -44.21 -23.79
C ILE A 481 -2.95 -44.56 -22.47
N LEU A 482 -3.43 -43.93 -21.39
CA LEU A 482 -2.96 -44.19 -20.04
C LEU A 482 -4.16 -44.49 -19.14
N ASN A 483 -4.01 -45.52 -18.31
CA ASN A 483 -5.10 -45.99 -17.44
C ASN A 483 -6.36 -46.26 -18.25
N GLU A 484 -6.18 -46.86 -19.43
CA GLU A 484 -7.25 -47.27 -20.33
C GLU A 484 -8.06 -46.09 -20.87
N THR A 485 -7.54 -44.86 -20.74
CA THR A 485 -8.22 -43.68 -21.24
C THR A 485 -7.33 -42.96 -22.24
N LYS A 486 -7.96 -42.30 -23.21
CA LYS A 486 -7.24 -41.59 -24.26
C LYS A 486 -6.97 -40.16 -23.82
N PHE A 487 -5.69 -39.80 -23.73
CA PHE A 487 -5.26 -38.45 -23.42
C PHE A 487 -4.46 -37.90 -24.59
N TRP A 488 -4.71 -36.64 -24.94
CA TRP A 488 -4.17 -36.04 -26.14
C TRP A 488 -2.94 -35.19 -25.84
N TYR A 489 -1.96 -35.25 -26.74
CA TYR A 489 -0.79 -34.41 -26.71
C TYR A 489 -0.64 -33.72 -28.06
N GLN A 490 0.23 -32.71 -28.11
CA GLN A 490 0.58 -32.08 -29.37
C GLN A 490 2.03 -31.62 -29.28
N MET A 491 2.69 -31.59 -30.43
CA MET A 491 4.12 -31.29 -30.49
C MET A 491 4.41 -30.42 -31.71
N ILE A 492 5.28 -29.44 -31.52
CA ILE A 492 5.81 -28.63 -32.62
C ILE A 492 7.22 -29.12 -32.90
N LEU A 493 7.42 -29.69 -34.09
CA LEU A 493 8.68 -30.36 -34.43
C LEU A 493 9.57 -29.45 -35.25
N PRO A 494 10.88 -29.51 -35.01
CA PRO A 494 11.81 -28.69 -35.79
C PRO A 494 11.73 -29.06 -37.26
N PRO A 495 12.02 -28.12 -38.15
CA PRO A 495 11.97 -28.42 -39.59
C PRO A 495 12.97 -29.50 -39.96
N HIS A 496 12.59 -30.32 -40.94
CA HIS A 496 13.38 -31.49 -41.35
C HIS A 496 13.60 -32.42 -40.16
N PHE A 497 12.51 -32.75 -39.47
CA PHE A 497 12.55 -33.53 -38.25
C PHE A 497 12.95 -34.97 -38.56
N ASP A 498 14.13 -35.37 -38.09
CA ASP A 498 14.57 -36.76 -38.21
C ASP A 498 13.99 -37.56 -37.05
N LYS A 499 13.38 -38.71 -37.38
CA LYS A 499 12.70 -39.51 -36.38
C LYS A 499 13.66 -40.28 -35.47
N SER A 500 14.96 -40.26 -35.76
CA SER A 500 15.94 -41.03 -35.00
C SER A 500 16.85 -40.19 -34.12
N LYS A 501 17.10 -38.94 -34.48
CA LYS A 501 18.01 -38.10 -33.71
C LYS A 501 17.35 -37.63 -32.41
N LYS A 502 18.17 -37.46 -31.39
CA LYS A 502 17.68 -36.95 -30.11
C LYS A 502 17.47 -35.45 -30.19
N TYR A 503 16.45 -34.98 -29.47
CA TYR A 503 16.06 -33.57 -29.51
C TYR A 503 15.84 -33.05 -28.10
N PRO A 504 16.10 -31.76 -27.87
CA PRO A 504 15.67 -31.13 -26.63
C PRO A 504 14.16 -30.98 -26.59
N LEU A 505 13.60 -31.11 -25.39
CA LEU A 505 12.15 -31.11 -25.20
C LEU A 505 11.77 -30.01 -24.23
N LEU A 506 11.01 -29.03 -24.72
CA LEU A 506 10.38 -28.02 -23.88
C LEU A 506 8.90 -28.35 -23.74
N LEU A 507 8.45 -28.57 -22.51
CA LEU A 507 7.07 -28.99 -22.24
C LEU A 507 6.27 -27.75 -21.85
N ASP A 508 5.59 -27.15 -22.83
CA ASP A 508 4.66 -26.07 -22.55
C ASP A 508 3.45 -26.63 -21.82
N VAL A 509 3.02 -25.93 -20.77
CA VAL A 509 1.98 -26.44 -19.89
C VAL A 509 1.14 -25.30 -19.36
N TYR A 510 -0.18 -25.44 -19.46
CA TYR A 510 -1.13 -24.67 -18.67
C TYR A 510 -1.87 -25.54 -17.67
N ALA A 511 -2.45 -26.65 -18.15
CA ALA A 511 -3.03 -27.70 -17.31
C ALA A 511 -4.10 -27.17 -16.35
N GLY A 512 -4.71 -26.04 -16.68
CA GLY A 512 -5.77 -25.50 -15.86
C GLY A 512 -7.03 -26.35 -15.98
N PRO A 513 -7.95 -26.18 -15.03
CA PRO A 513 -9.24 -26.89 -15.13
C PRO A 513 -9.98 -26.49 -16.39
N CYS A 514 -10.37 -27.51 -17.17
CA CYS A 514 -11.07 -27.31 -18.44
C CYS A 514 -10.22 -26.52 -19.43
N SER A 515 -8.95 -26.91 -19.53
CA SER A 515 -8.04 -26.32 -20.49
C SER A 515 -7.84 -27.25 -21.68
N GLN A 516 -7.28 -26.70 -22.75
CA GLN A 516 -6.98 -27.50 -23.94
C GLN A 516 -5.80 -26.84 -24.65
N LYS A 517 -4.61 -27.44 -24.49
CA LYS A 517 -3.41 -26.95 -25.15
C LYS A 517 -3.11 -27.67 -26.46
N ALA A 518 -3.77 -28.80 -26.72
CA ALA A 518 -3.58 -29.57 -27.94
C ALA A 518 -4.80 -29.35 -28.83
N ASP A 519 -4.63 -28.54 -29.87
CA ASP A 519 -5.71 -28.23 -30.81
C ASP A 519 -5.14 -28.23 -32.21
N THR A 520 -5.92 -27.71 -33.17
CA THR A 520 -5.52 -27.64 -34.56
C THR A 520 -5.30 -26.19 -35.02
N VAL A 521 -5.10 -25.27 -34.10
CA VAL A 521 -4.97 -23.86 -34.44
C VAL A 521 -3.55 -23.57 -34.89
N PHE A 522 -3.41 -22.76 -35.93
CA PHE A 522 -2.12 -22.35 -36.45
C PHE A 522 -1.65 -21.10 -35.72
N ARG A 523 -0.38 -21.12 -35.28
CA ARG A 523 0.17 -20.01 -34.49
C ARG A 523 1.59 -19.72 -34.95
N LEU A 524 1.93 -18.43 -34.96
CA LEU A 524 3.31 -17.96 -35.11
C LEU A 524 3.74 -17.40 -33.75
N ASN A 525 4.15 -18.30 -32.87
CA ASN A 525 4.42 -17.97 -31.48
C ASN A 525 5.90 -18.15 -31.15
N TRP A 526 6.22 -18.05 -29.86
CA TRP A 526 7.58 -18.28 -29.40
C TRP A 526 8.00 -19.72 -29.58
N ALA A 527 7.05 -20.66 -29.49
CA ALA A 527 7.35 -22.07 -29.76
C ALA A 527 7.74 -22.28 -31.21
N THR A 528 7.18 -21.49 -32.13
CA THR A 528 7.59 -21.56 -33.52
C THR A 528 9.07 -21.23 -33.68
N TYR A 529 9.55 -20.22 -32.94
CA TYR A 529 10.96 -19.85 -33.00
C TYR A 529 11.84 -20.92 -32.37
N LEU A 530 11.43 -21.47 -31.22
CA LEU A 530 12.25 -22.45 -30.53
C LEU A 530 12.39 -23.74 -31.34
N ALA A 531 11.42 -24.05 -32.18
CA ALA A 531 11.50 -25.24 -33.02
C ALA A 531 12.20 -24.95 -34.35
N SER A 532 11.95 -23.77 -34.94
CA SER A 532 12.53 -23.46 -36.24
C SER A 532 14.02 -23.12 -36.11
N THR A 533 14.39 -22.33 -35.10
CA THR A 533 15.77 -21.87 -34.97
C THR A 533 16.59 -22.76 -34.06
N GLU A 534 16.14 -22.94 -32.81
CA GLU A 534 16.90 -23.70 -31.83
C GLU A 534 16.70 -25.21 -31.96
N ASN A 535 15.82 -25.66 -32.84
CA ASN A 535 15.56 -27.08 -33.05
C ASN A 535 15.11 -27.76 -31.76
N ILE A 536 14.22 -27.12 -31.02
CA ILE A 536 13.67 -27.66 -29.79
C ILE A 536 12.29 -28.22 -30.07
N ILE A 537 12.00 -29.40 -29.53
CA ILE A 537 10.66 -29.96 -29.59
C ILE A 537 9.81 -29.30 -28.51
N VAL A 538 8.80 -28.55 -28.94
CA VAL A 538 7.85 -27.92 -28.03
C VAL A 538 6.61 -28.79 -27.98
N ALA A 539 6.24 -29.24 -26.78
CA ALA A 539 5.15 -30.19 -26.60
C ALA A 539 4.22 -29.73 -25.50
N SER A 540 2.93 -30.02 -25.69
CA SER A 540 1.91 -29.81 -24.69
C SER A 540 1.16 -31.12 -24.47
N PHE A 541 0.38 -31.18 -23.39
CA PHE A 541 -0.33 -32.41 -23.05
C PHE A 541 -1.58 -32.05 -22.25
N ASP A 542 -2.73 -32.51 -22.74
CA ASP A 542 -4.01 -32.34 -22.05
C ASP A 542 -4.29 -33.59 -21.25
N GLY A 543 -4.21 -33.47 -19.92
CA GLY A 543 -4.38 -34.63 -19.05
C GLY A 543 -5.63 -34.58 -18.20
N ARG A 544 -5.57 -35.20 -17.02
CA ARG A 544 -6.71 -35.21 -16.13
C ARG A 544 -7.06 -33.79 -15.68
N GLY A 545 -8.26 -33.35 -16.04
CA GLY A 545 -8.71 -32.00 -15.79
C GLY A 545 -8.94 -31.18 -17.04
N SER A 546 -8.35 -31.58 -18.16
CA SER A 546 -8.57 -30.89 -19.42
C SER A 546 -10.02 -31.04 -19.88
N GLY A 547 -10.53 -30.01 -20.54
CA GLY A 547 -11.92 -29.95 -20.90
C GLY A 547 -12.21 -30.55 -22.26
N TYR A 548 -13.49 -30.48 -22.64
CA TYR A 548 -13.99 -30.92 -23.94
C TYR A 548 -13.82 -32.42 -24.17
N GLN A 549 -13.74 -33.19 -23.09
CA GLN A 549 -13.61 -34.65 -23.16
C GLN A 549 -14.53 -35.34 -22.16
N GLY A 550 -15.65 -34.70 -21.85
CA GLY A 550 -16.58 -35.26 -20.88
C GLY A 550 -16.21 -34.90 -19.46
N ASP A 551 -17.25 -34.78 -18.63
CA ASP A 551 -17.05 -34.41 -17.22
C ASP A 551 -16.35 -35.50 -16.42
N LYS A 552 -16.09 -36.67 -17.01
CA LYS A 552 -15.31 -37.69 -16.33
C LYS A 552 -13.84 -37.26 -16.20
N ILE A 553 -13.24 -36.86 -17.33
CA ILE A 553 -11.85 -36.42 -17.31
C ILE A 553 -11.71 -35.08 -16.60
N MET A 554 -12.67 -34.17 -16.81
CA MET A 554 -12.52 -32.81 -16.31
C MET A 554 -12.62 -32.76 -14.79
N HIS A 555 -13.53 -33.54 -14.20
CA HIS A 555 -13.76 -33.51 -12.77
C HIS A 555 -12.77 -34.36 -11.98
N ALA A 556 -11.70 -34.83 -12.60
CA ALA A 556 -10.70 -35.62 -11.87
C ALA A 556 -9.94 -34.78 -10.86
N ILE A 557 -9.90 -33.46 -11.04
CA ILE A 557 -9.12 -32.59 -10.17
C ILE A 557 -10.00 -31.85 -9.17
N ASN A 558 -11.26 -32.26 -9.01
CA ASN A 558 -12.15 -31.60 -8.07
C ASN A 558 -11.66 -31.81 -6.64
N ARG A 559 -11.54 -30.71 -5.89
CA ARG A 559 -11.01 -30.73 -4.53
C ARG A 559 -9.63 -31.37 -4.45
N ARG A 560 -8.88 -31.31 -5.55
CA ARG A 560 -7.56 -31.92 -5.62
C ARG A 560 -6.68 -31.19 -6.64
N LEU A 561 -6.78 -29.86 -6.68
CA LEU A 561 -5.91 -29.08 -7.56
C LEU A 561 -4.47 -29.20 -7.08
N GLY A 562 -3.59 -29.60 -7.99
CA GLY A 562 -2.19 -29.82 -7.66
C GLY A 562 -1.81 -31.27 -7.45
N THR A 563 -2.68 -32.22 -7.81
CA THR A 563 -2.36 -33.63 -7.67
C THR A 563 -2.29 -34.32 -9.04
N PHE A 564 -3.46 -34.61 -9.63
CA PHE A 564 -3.48 -35.39 -10.86
C PHE A 564 -2.91 -34.61 -12.04
N GLU A 565 -3.36 -33.36 -12.23
CA GLU A 565 -2.92 -32.59 -13.38
C GLU A 565 -1.43 -32.31 -13.37
N VAL A 566 -0.78 -32.40 -12.21
CA VAL A 566 0.67 -32.23 -12.14
C VAL A 566 1.37 -33.52 -12.54
N GLU A 567 0.94 -34.65 -11.97
CA GLU A 567 1.54 -35.94 -12.30
C GLU A 567 1.29 -36.34 -13.74
N ASP A 568 0.27 -35.77 -14.39
CA ASP A 568 0.07 -36.03 -15.81
C ASP A 568 1.25 -35.52 -16.63
N GLN A 569 1.64 -34.27 -16.42
CA GLN A 569 2.77 -33.72 -17.15
C GLN A 569 4.07 -34.47 -16.82
N ILE A 570 4.19 -34.96 -15.59
CA ILE A 570 5.40 -35.69 -15.21
C ILE A 570 5.46 -37.03 -15.94
N GLU A 571 4.44 -37.86 -15.77
CA GLU A 571 4.45 -39.18 -16.38
C GLU A 571 4.39 -39.11 -17.90
N ALA A 572 3.81 -38.05 -18.46
CA ALA A 572 3.82 -37.88 -19.91
C ALA A 572 5.24 -37.69 -20.42
N ALA A 573 6.07 -36.96 -19.66
CA ALA A 573 7.48 -36.81 -20.04
C ALA A 573 8.18 -38.16 -20.10
N ARG A 574 7.82 -39.09 -19.20
CA ARG A 574 8.28 -40.46 -19.33
C ARG A 574 7.80 -41.06 -20.64
N GLN A 575 6.55 -40.81 -21.01
CA GLN A 575 6.03 -41.30 -22.28
C GLN A 575 6.64 -40.54 -23.46
N PHE A 576 6.89 -39.24 -23.29
CA PHE A 576 7.49 -38.45 -24.35
C PHE A 576 8.92 -38.89 -24.64
N SER A 577 9.74 -39.02 -23.59
CA SER A 577 11.14 -39.36 -23.79
C SER A 577 11.31 -40.80 -24.25
N LYS A 578 10.43 -41.70 -23.84
CA LYS A 578 10.52 -43.09 -24.25
C LYS A 578 10.20 -43.30 -25.73
N MET A 579 9.71 -42.27 -26.41
CA MET A 579 9.42 -42.39 -27.84
C MET A 579 10.68 -42.53 -28.68
N GLY A 580 11.85 -42.21 -28.12
CA GLY A 580 13.12 -42.49 -28.75
C GLY A 580 13.83 -41.31 -29.37
N PHE A 581 13.10 -40.23 -29.69
CA PHE A 581 13.67 -39.08 -30.38
C PHE A 581 13.81 -37.87 -29.47
N VAL A 582 14.02 -38.09 -28.17
CA VAL A 582 14.10 -37.02 -27.19
C VAL A 582 15.32 -37.24 -26.31
N ASP A 583 16.09 -36.18 -26.10
CA ASP A 583 17.25 -36.21 -25.20
C ASP A 583 16.73 -36.28 -23.77
N ASN A 584 16.79 -37.47 -23.17
CA ASN A 584 16.21 -37.71 -21.85
C ASN A 584 16.97 -36.97 -20.75
N LYS A 585 17.96 -36.17 -21.12
CA LYS A 585 18.69 -35.36 -20.17
C LYS A 585 18.51 -33.87 -20.39
N ARG A 586 17.69 -33.46 -21.38
CA ARG A 586 17.45 -32.04 -21.67
C ARG A 586 15.94 -31.85 -21.85
N ILE A 587 15.21 -31.93 -20.73
CA ILE A 587 13.76 -31.80 -20.72
C ILE A 587 13.40 -30.63 -19.80
N ALA A 588 12.73 -29.62 -20.36
CA ALA A 588 12.33 -28.44 -19.62
C ALA A 588 10.80 -28.36 -19.54
N ILE A 589 10.33 -27.38 -18.78
CA ILE A 589 8.90 -27.17 -18.57
C ILE A 589 8.68 -25.70 -18.24
N TRP A 590 7.66 -25.09 -18.86
CA TRP A 590 7.43 -23.67 -18.68
C TRP A 590 5.94 -23.38 -18.74
N GLY A 591 5.50 -22.41 -17.95
CA GLY A 591 4.08 -22.13 -17.84
C GLY A 591 3.80 -20.74 -17.30
N TRP A 592 2.55 -20.31 -17.53
CA TRP A 592 2.06 -19.00 -17.14
C TRP A 592 0.78 -19.19 -16.33
N SER A 593 0.57 -18.30 -15.36
CA SER A 593 -0.58 -18.36 -14.46
C SER A 593 -0.70 -19.73 -13.81
N TYR A 594 -1.80 -20.44 -14.08
CA TYR A 594 -1.95 -21.80 -13.58
C TYR A 594 -0.82 -22.70 -14.08
N GLY A 595 -0.41 -22.51 -15.34
CA GLY A 595 0.72 -23.25 -15.86
C GLY A 595 2.02 -23.01 -15.11
N GLY A 596 2.23 -21.79 -14.63
CA GLY A 596 3.36 -21.54 -13.77
C GLY A 596 3.27 -22.28 -12.46
N TYR A 597 2.05 -22.38 -11.90
CA TYR A 597 1.85 -23.19 -10.70
C TYR A 597 2.17 -24.64 -10.96
N VAL A 598 1.77 -25.16 -12.12
CA VAL A 598 2.06 -26.56 -12.46
C VAL A 598 3.56 -26.75 -12.65
N THR A 599 4.22 -25.83 -13.37
CA THR A 599 5.66 -25.93 -13.57
C THR A 599 6.40 -25.89 -12.24
N SER A 600 5.94 -25.06 -11.31
CA SER A 600 6.57 -25.00 -9.99
C SER A 600 6.38 -26.30 -9.22
N MET A 601 5.17 -26.84 -9.24
CA MET A 601 4.90 -28.10 -8.54
C MET A 601 5.68 -29.25 -9.15
N VAL A 602 5.90 -29.23 -10.47
CA VAL A 602 6.63 -30.31 -11.13
C VAL A 602 8.11 -30.24 -10.77
N LEU A 603 8.70 -29.05 -10.82
CA LEU A 603 10.12 -28.91 -10.54
C LEU A 603 10.45 -29.27 -9.09
N GLY A 604 9.50 -29.08 -8.17
CA GLY A 604 9.73 -29.43 -6.79
C GLY A 604 9.13 -30.77 -6.41
N SER A 605 8.78 -31.57 -7.41
CA SER A 605 8.16 -32.88 -7.17
C SER A 605 9.17 -34.00 -7.01
N GLY A 606 10.46 -33.72 -7.20
CA GLY A 606 11.47 -34.76 -7.07
C GLY A 606 11.36 -35.88 -8.07
N SER A 607 10.67 -35.66 -9.19
CA SER A 607 10.52 -36.70 -10.19
C SER A 607 11.84 -37.04 -10.87
N GLY A 608 12.81 -36.13 -10.85
CA GLY A 608 14.08 -36.42 -11.48
C GLY A 608 14.06 -36.51 -12.99
N VAL A 609 13.01 -35.98 -13.63
CA VAL A 609 12.87 -36.03 -15.06
C VAL A 609 13.19 -34.71 -15.72
N PHE A 610 12.91 -33.58 -15.07
CA PHE A 610 13.10 -32.26 -15.67
C PHE A 610 14.39 -31.62 -15.19
N LYS A 611 15.09 -30.96 -16.10
CA LYS A 611 16.37 -30.32 -15.81
C LYS A 611 16.21 -28.89 -15.29
N CYS A 612 15.45 -28.07 -16.02
CA CYS A 612 15.19 -26.70 -15.64
C CYS A 612 13.71 -26.40 -15.85
N GLY A 613 13.32 -25.16 -15.55
CA GLY A 613 11.95 -24.74 -15.73
C GLY A 613 11.72 -23.26 -15.48
N ILE A 614 10.74 -22.69 -16.17
CA ILE A 614 10.39 -21.28 -16.03
C ILE A 614 8.95 -21.18 -15.55
N ALA A 615 8.69 -20.26 -14.63
CA ALA A 615 7.35 -20.02 -14.09
C ALA A 615 7.09 -18.53 -14.12
N VAL A 616 6.10 -18.13 -14.93
CA VAL A 616 5.75 -16.72 -15.11
C VAL A 616 4.45 -16.45 -14.37
N ALA A 617 4.50 -15.52 -13.42
CA ALA A 617 3.36 -15.13 -12.58
C ALA A 617 2.59 -16.35 -12.06
N PRO A 618 3.24 -17.23 -11.29
CA PRO A 618 2.58 -18.47 -10.90
C PRO A 618 1.77 -18.35 -9.62
N VAL A 619 0.72 -19.16 -9.54
CA VAL A 619 0.03 -19.37 -8.28
C VAL A 619 0.91 -20.22 -7.38
N SER A 620 1.00 -19.85 -6.10
CA SER A 620 1.81 -20.58 -5.14
C SER A 620 1.00 -21.22 -4.03
N ARG A 621 -0.05 -20.54 -3.56
CA ARG A 621 -0.87 -21.03 -2.47
C ARG A 621 -2.30 -20.62 -2.77
N TRP A 622 -3.21 -21.60 -2.86
CA TRP A 622 -4.55 -21.32 -3.34
C TRP A 622 -5.32 -20.38 -2.42
N GLU A 623 -4.89 -20.23 -1.17
CA GLU A 623 -5.51 -19.24 -0.30
C GLU A 623 -5.14 -17.81 -0.69
N TYR A 624 -4.24 -17.64 -1.66
CA TYR A 624 -3.86 -16.31 -2.14
C TYR A 624 -4.69 -15.86 -3.34
N TYR A 625 -5.31 -16.78 -4.07
CA TYR A 625 -6.07 -16.44 -5.26
C TYR A 625 -7.53 -16.12 -4.89
N ASP A 626 -8.26 -15.58 -5.87
CA ASP A 626 -9.60 -15.10 -5.59
C ASP A 626 -10.55 -16.25 -5.28
N SER A 627 -11.74 -15.90 -4.79
CA SER A 627 -12.65 -16.89 -4.23
C SER A 627 -13.47 -17.59 -5.31
N VAL A 628 -13.99 -16.84 -6.28
CA VAL A 628 -14.89 -17.43 -7.28
C VAL A 628 -14.17 -18.53 -8.06
N TYR A 629 -12.92 -18.27 -8.48
CA TYR A 629 -12.18 -19.27 -9.23
C TYR A 629 -11.77 -20.44 -8.35
N THR A 630 -11.10 -20.16 -7.24
CA THR A 630 -10.53 -21.22 -6.41
C THR A 630 -11.60 -22.10 -5.79
N GLU A 631 -12.58 -21.49 -5.14
CA GLU A 631 -13.62 -22.26 -4.44
C GLU A 631 -14.47 -23.09 -5.40
N ARG A 632 -14.46 -22.76 -6.70
CA ARG A 632 -15.16 -23.58 -7.67
C ARG A 632 -14.56 -24.98 -7.76
N TYR A 633 -13.23 -25.08 -7.62
CA TYR A 633 -12.55 -26.36 -7.71
C TYR A 633 -12.00 -26.84 -6.37
N MET A 634 -11.91 -25.98 -5.36
CA MET A 634 -11.31 -26.33 -4.08
C MET A 634 -12.26 -26.24 -2.90
N GLY A 635 -13.43 -25.65 -3.05
CA GLY A 635 -14.29 -25.50 -1.89
C GLY A 635 -13.81 -24.36 -0.99
N LEU A 636 -14.12 -24.50 0.30
CA LEU A 636 -13.75 -23.44 1.22
C LEU A 636 -12.57 -23.85 2.09
N PRO A 637 -11.61 -22.95 2.31
CA PRO A 637 -10.45 -23.25 3.17
C PRO A 637 -10.79 -23.24 4.65
N THR A 638 -11.66 -24.16 5.06
CA THR A 638 -12.03 -24.34 6.45
C THR A 638 -11.74 -25.78 6.87
N PRO A 639 -11.46 -26.02 8.17
CA PRO A 639 -11.11 -27.38 8.60
C PRO A 639 -12.26 -28.36 8.42
N GLU A 640 -13.41 -27.86 8.00
CA GLU A 640 -14.58 -28.68 7.73
C GLU A 640 -14.73 -29.08 6.26
N ASP A 641 -14.10 -28.33 5.34
CA ASP A 641 -14.28 -28.58 3.92
C ASP A 641 -12.99 -29.15 3.37
N ASN A 642 -12.09 -28.35 2.79
CA ASN A 642 -10.92 -28.87 2.12
C ASN A 642 -9.65 -28.14 2.52
N LEU A 643 -9.60 -27.62 3.75
CA LEU A 643 -8.41 -26.91 4.20
C LEU A 643 -7.19 -27.82 4.22
N ASP A 644 -7.39 -29.10 4.56
CA ASP A 644 -6.27 -30.04 4.63
C ASP A 644 -5.57 -30.15 3.28
N HIS A 645 -6.32 -30.11 2.18
CA HIS A 645 -5.69 -30.12 0.87
C HIS A 645 -5.25 -28.73 0.43
N TYR A 646 -5.88 -27.67 0.96
CA TYR A 646 -5.38 -26.33 0.73
C TYR A 646 -3.94 -26.18 1.20
N ARG A 647 -3.61 -26.78 2.35
CA ARG A 647 -2.26 -26.72 2.89
C ARG A 647 -1.35 -27.77 2.28
N ASN A 648 -1.92 -28.85 1.74
CA ASN A 648 -1.14 -29.94 1.14
C ASN A 648 -0.73 -29.67 -0.30
N SER A 649 -1.06 -28.50 -0.85
CA SER A 649 -0.90 -28.25 -2.28
C SER A 649 -0.06 -27.01 -2.59
N THR A 650 0.53 -26.37 -1.59
CA THR A 650 1.30 -25.17 -1.85
C THR A 650 2.64 -25.50 -2.52
N VAL A 651 3.14 -24.54 -3.29
CA VAL A 651 4.47 -24.70 -3.90
C VAL A 651 5.55 -24.62 -2.82
N MET A 652 5.34 -23.82 -1.79
CA MET A 652 6.32 -23.68 -0.72
C MET A 652 6.57 -25.00 0.02
N SER A 653 5.63 -25.94 -0.04
CA SER A 653 5.85 -27.24 0.57
C SER A 653 7.00 -27.98 -0.09
N ARG A 654 7.23 -27.73 -1.38
CA ARG A 654 8.23 -28.43 -2.18
C ARG A 654 9.52 -27.63 -2.33
N ALA A 655 9.89 -26.85 -1.31
CA ALA A 655 11.04 -25.96 -1.44
C ALA A 655 12.35 -26.74 -1.49
N GLU A 656 12.49 -27.77 -0.63
CA GLU A 656 13.75 -28.49 -0.54
C GLU A 656 14.05 -29.32 -1.79
N ASN A 657 13.06 -29.57 -2.64
CA ASN A 657 13.28 -30.36 -3.85
C ASN A 657 13.71 -29.53 -5.04
N PHE A 658 13.73 -28.20 -4.93
CA PHE A 658 14.25 -27.36 -5.99
C PHE A 658 15.77 -27.36 -6.05
N LYS A 659 16.45 -28.06 -5.14
CA LYS A 659 17.90 -28.17 -5.17
C LYS A 659 18.40 -29.00 -6.34
N GLN A 660 17.51 -29.60 -7.12
CA GLN A 660 17.89 -30.48 -8.22
C GLN A 660 17.61 -29.89 -9.59
N VAL A 661 16.98 -28.73 -9.67
CA VAL A 661 16.59 -28.13 -10.94
C VAL A 661 17.01 -26.67 -10.97
N GLU A 662 17.21 -26.15 -12.18
CA GLU A 662 17.31 -24.73 -12.40
C GLU A 662 15.92 -24.12 -12.46
N TYR A 663 15.76 -22.93 -11.91
CA TYR A 663 14.43 -22.34 -11.74
C TYR A 663 14.48 -20.86 -12.11
N LEU A 664 13.62 -20.46 -13.03
CA LEU A 664 13.46 -19.07 -13.45
C LEU A 664 12.09 -18.59 -13.01
N LEU A 665 12.06 -17.65 -12.08
CA LEU A 665 10.81 -17.13 -11.51
C LEU A 665 10.61 -15.70 -12.01
N ILE A 666 9.52 -15.48 -12.75
CA ILE A 666 9.19 -14.19 -13.33
C ILE A 666 7.80 -13.78 -12.88
N HIS A 667 7.64 -12.50 -12.52
CA HIS A 667 6.37 -11.99 -12.05
C HIS A 667 6.36 -10.48 -12.17
N GLY A 668 5.22 -9.93 -12.58
CA GLY A 668 5.06 -8.49 -12.69
C GLY A 668 4.60 -7.88 -11.38
N THR A 669 5.19 -6.74 -11.03
CA THR A 669 4.95 -6.13 -9.71
C THR A 669 3.54 -5.57 -9.57
N ALA A 670 2.85 -5.30 -10.68
CA ALA A 670 1.51 -4.72 -10.65
C ALA A 670 0.44 -5.73 -11.08
N ASP A 671 0.66 -7.01 -10.79
CA ASP A 671 -0.27 -8.05 -11.19
C ASP A 671 -1.51 -7.99 -10.29
N ASP A 672 -2.65 -7.64 -10.88
CA ASP A 672 -3.91 -7.58 -10.14
C ASP A 672 -4.56 -8.95 -10.00
N ASN A 673 -4.19 -9.91 -10.84
CA ASN A 673 -4.76 -11.25 -10.79
C ASN A 673 -3.98 -12.11 -9.81
N VAL A 674 -2.91 -12.74 -10.28
CA VAL A 674 -1.99 -13.49 -9.42
C VAL A 674 -1.03 -12.46 -8.82
N HIS A 675 -1.34 -11.99 -7.61
CA HIS A 675 -0.56 -10.92 -6.99
C HIS A 675 0.90 -11.33 -6.83
N PHE A 676 1.78 -10.33 -6.87
CA PHE A 676 3.21 -10.58 -6.66
C PHE A 676 3.48 -11.30 -5.35
N GLN A 677 2.59 -11.17 -4.37
CA GLN A 677 2.70 -11.93 -3.12
C GLN A 677 2.96 -13.41 -3.36
N GLN A 678 2.39 -13.97 -4.43
CA GLN A 678 2.55 -15.40 -4.69
C GLN A 678 4.00 -15.74 -4.99
N SER A 679 4.64 -14.99 -5.89
CA SER A 679 6.03 -15.24 -6.21
C SER A 679 6.95 -14.81 -5.08
N ALA A 680 6.56 -13.79 -4.31
CA ALA A 680 7.38 -13.34 -3.19
C ALA A 680 7.46 -14.41 -2.10
N GLN A 681 6.40 -15.20 -1.93
CA GLN A 681 6.42 -16.28 -0.96
C GLN A 681 7.16 -17.51 -1.48
N ILE A 682 7.23 -17.68 -2.80
CA ILE A 682 8.02 -18.78 -3.36
C ILE A 682 9.51 -18.52 -3.13
N SER A 683 9.98 -17.32 -3.46
CA SER A 683 11.38 -17.00 -3.28
C SER A 683 11.77 -17.02 -1.81
N LYS A 684 10.88 -16.58 -0.93
CA LYS A 684 11.20 -16.56 0.49
C LYS A 684 11.35 -17.97 1.04
N ALA A 685 10.65 -18.95 0.47
CA ALA A 685 10.81 -20.33 0.91
C ALA A 685 12.07 -20.94 0.34
N LEU A 686 12.42 -20.61 -0.91
CA LEU A 686 13.64 -21.13 -1.50
C LEU A 686 14.88 -20.56 -0.83
N VAL A 687 14.82 -19.30 -0.40
CA VAL A 687 15.94 -18.70 0.31
C VAL A 687 16.11 -19.33 1.68
N ASP A 688 15.00 -19.51 2.42
CA ASP A 688 15.05 -20.07 3.77
C ASP A 688 15.46 -21.52 3.80
N VAL A 689 15.55 -22.18 2.64
CA VAL A 689 15.97 -23.56 2.55
C VAL A 689 17.40 -23.69 2.05
N GLY A 690 17.82 -22.78 1.17
CA GLY A 690 19.17 -22.83 0.63
C GLY A 690 19.26 -23.21 -0.83
N VAL A 691 18.25 -22.80 -1.59
CA VAL A 691 18.15 -23.12 -3.01
C VAL A 691 18.47 -21.87 -3.81
N ASP A 692 19.45 -21.97 -4.71
CA ASP A 692 19.74 -20.89 -5.62
C ASP A 692 18.83 -20.98 -6.84
N PHE A 693 18.51 -19.82 -7.41
CA PHE A 693 17.60 -19.74 -8.54
C PHE A 693 17.70 -18.36 -9.16
N GLN A 694 17.18 -18.24 -10.37
CA GLN A 694 17.12 -16.96 -11.07
C GLN A 694 15.73 -16.35 -10.87
N ALA A 695 15.70 -15.03 -10.73
CA ALA A 695 14.46 -14.30 -10.55
C ALA A 695 14.48 -13.04 -11.40
N MET A 696 13.29 -12.58 -11.77
CA MET A 696 13.16 -11.39 -12.61
C MET A 696 11.79 -10.78 -12.37
N TRP A 697 11.77 -9.51 -11.95
CA TRP A 697 10.53 -8.78 -11.78
C TRP A 697 10.39 -7.74 -12.89
N TYR A 698 9.15 -7.39 -13.20
CA TYR A 698 8.85 -6.40 -14.24
C TYR A 698 8.01 -5.28 -13.63
N THR A 699 8.63 -4.11 -13.49
CA THR A 699 8.01 -3.00 -12.79
C THR A 699 6.75 -2.52 -13.50
N ASP A 700 5.66 -2.41 -12.73
CA ASP A 700 4.39 -1.85 -13.19
C ASP A 700 3.75 -2.67 -14.30
N GLU A 701 4.16 -3.93 -14.47
CA GLU A 701 3.55 -4.81 -15.46
C GLU A 701 2.55 -5.74 -14.77
N ASP A 702 1.54 -6.15 -15.54
CA ASP A 702 0.41 -6.89 -14.99
C ASP A 702 0.55 -8.38 -15.31
N HIS A 703 -0.56 -9.12 -15.22
CA HIS A 703 -0.54 -10.57 -15.44
C HIS A 703 -0.17 -10.95 -16.86
N GLY A 704 -0.25 -10.01 -17.81
CA GLY A 704 0.09 -10.32 -19.18
C GLY A 704 1.54 -10.05 -19.53
N ILE A 705 2.17 -9.12 -18.82
CA ILE A 705 3.51 -8.63 -19.16
C ILE A 705 3.52 -8.32 -20.65
N ALA A 706 2.52 -7.57 -21.10
CA ALA A 706 2.24 -7.40 -22.52
C ALA A 706 2.55 -5.99 -23.03
N SER A 707 3.22 -5.17 -22.24
CA SER A 707 3.73 -3.93 -22.79
C SER A 707 4.75 -4.23 -23.88
N SER A 708 4.85 -3.32 -24.85
CA SER A 708 5.67 -3.58 -26.03
C SER A 708 7.10 -3.91 -25.65
N THR A 709 7.70 -3.11 -24.76
CA THR A 709 9.08 -3.34 -24.37
C THR A 709 9.21 -4.53 -23.42
N ALA A 710 8.27 -4.69 -22.50
CA ALA A 710 8.36 -5.77 -21.53
C ALA A 710 8.12 -7.13 -22.17
N HIS A 711 7.27 -7.20 -23.19
CA HIS A 711 7.02 -8.47 -23.86
C HIS A 711 8.27 -8.98 -24.58
N GLN A 712 9.01 -8.07 -25.21
CA GLN A 712 10.24 -8.47 -25.88
C GLN A 712 11.32 -8.84 -24.87
N HIS A 713 11.32 -8.21 -23.70
CA HIS A 713 12.36 -8.47 -22.71
C HIS A 713 12.18 -9.84 -22.06
N ILE A 714 10.94 -10.21 -21.75
CA ILE A 714 10.71 -11.47 -21.05
C ILE A 714 10.97 -12.66 -21.96
N TYR A 715 10.67 -12.54 -23.25
CA TYR A 715 10.92 -13.65 -24.17
C TYR A 715 12.38 -13.72 -24.59
N THR A 716 13.07 -12.57 -24.66
CA THR A 716 14.52 -12.60 -24.84
C THR A 716 15.20 -13.23 -23.64
N HIS A 717 14.72 -12.91 -22.43
CA HIS A 717 15.32 -13.46 -21.22
C HIS A 717 15.07 -14.97 -21.10
N MET A 718 13.85 -15.41 -21.41
CA MET A 718 13.56 -16.84 -21.35
C MET A 718 14.29 -17.62 -22.45
N SER A 719 14.58 -16.96 -23.58
CA SER A 719 15.34 -17.63 -24.63
C SER A 719 16.78 -17.88 -24.20
N HIS A 720 17.39 -16.91 -23.51
CA HIS A 720 18.74 -17.13 -22.97
C HIS A 720 18.75 -18.24 -21.94
N PHE A 721 17.74 -18.27 -21.06
CA PHE A 721 17.68 -19.30 -20.03
C PHE A 721 17.55 -20.69 -20.63
N ILE A 722 16.72 -20.83 -21.67
CA ILE A 722 16.51 -22.13 -22.29
C ILE A 722 17.76 -22.57 -23.06
N LYS A 723 18.38 -21.63 -23.78
CA LYS A 723 19.57 -21.99 -24.56
C LYS A 723 20.73 -22.39 -23.65
N GLN A 724 20.85 -21.75 -22.48
CA GLN A 724 21.92 -22.11 -21.55
C GLN A 724 21.63 -23.45 -20.89
N CYS A 725 20.39 -23.66 -20.43
CA CYS A 725 20.04 -24.90 -19.76
C CYS A 725 20.21 -26.11 -20.67
N PHE A 726 19.96 -25.94 -21.97
CA PHE A 726 20.12 -27.01 -22.94
C PHE A 726 21.53 -27.08 -23.53
N SER A 727 22.46 -26.25 -23.06
CA SER A 727 23.83 -26.23 -23.55
C SER A 727 23.88 -26.03 -25.06
N LEU A 728 23.05 -25.12 -25.56
CA LEU A 728 22.92 -24.88 -27.00
C LEU A 728 23.60 -23.59 -27.39
N PRO A 729 24.74 -23.64 -28.10
CA PRO A 729 25.34 -22.44 -28.69
C PRO A 729 24.59 -21.97 -29.93
N ASP B 1 50.85 -24.44 0.13
CA ASP B 1 51.08 -25.61 -0.72
C ASP B 1 49.92 -26.59 -0.61
N SER B 2 49.95 -27.43 0.43
CA SER B 2 48.89 -28.38 0.71
C SER B 2 47.84 -27.83 1.67
N ARG B 3 47.94 -26.55 2.04
CA ARG B 3 47.06 -25.98 3.03
C ARG B 3 45.67 -25.70 2.44
N LYS B 4 44.72 -25.43 3.33
CA LYS B 4 43.35 -25.10 3.00
C LYS B 4 43.23 -23.60 2.70
N THR B 5 42.19 -23.24 1.93
CA THR B 5 41.90 -21.86 1.61
C THR B 5 40.69 -21.37 2.40
N TYR B 6 40.56 -20.06 2.50
CA TYR B 6 39.43 -19.43 3.18
C TYR B 6 38.22 -19.50 2.26
N THR B 7 37.31 -20.43 2.54
CA THR B 7 36.20 -20.71 1.66
C THR B 7 35.03 -19.77 1.91
N LEU B 8 34.04 -19.83 1.00
CA LEU B 8 32.81 -19.07 1.20
C LEU B 8 32.02 -19.60 2.39
N THR B 9 32.10 -20.91 2.65
CA THR B 9 31.40 -21.48 3.78
C THR B 9 32.04 -21.07 5.11
N ASP B 10 33.34 -20.77 5.10
CA ASP B 10 33.99 -20.27 6.30
C ASP B 10 33.51 -18.86 6.63
N TYR B 11 33.36 -18.00 5.61
CA TYR B 11 32.88 -16.65 5.83
C TYR B 11 31.40 -16.64 6.20
N LEU B 12 30.62 -17.55 5.60
CA LEU B 12 29.18 -17.57 5.87
C LEU B 12 28.84 -18.21 7.20
N LYS B 13 29.61 -19.21 7.63
CA LYS B 13 29.35 -19.91 8.88
C LYS B 13 30.22 -19.44 10.03
N ASN B 14 30.99 -18.37 9.83
CA ASN B 14 31.85 -17.79 10.87
C ASN B 14 32.76 -18.86 11.48
N THR B 15 33.51 -19.54 10.62
CA THR B 15 34.42 -20.59 11.10
C THR B 15 35.56 -19.99 11.91
N TYR B 16 36.09 -18.85 11.48
CA TYR B 16 37.17 -18.17 12.17
C TYR B 16 36.65 -16.84 12.71
N ARG B 17 36.70 -16.69 14.03
CA ARG B 17 36.11 -15.54 14.72
C ARG B 17 37.16 -14.74 15.45
N LEU B 18 37.06 -13.42 15.37
CA LEU B 18 37.97 -12.53 16.08
C LEU B 18 37.51 -12.38 17.52
N LYS B 19 38.40 -12.69 18.47
CA LYS B 19 38.10 -12.43 19.87
C LYS B 19 38.29 -10.95 20.17
N LEU B 20 37.41 -10.41 21.00
CA LEU B 20 37.43 -9.02 21.39
C LEU B 20 37.52 -8.91 22.90
N TYR B 21 37.76 -7.69 23.38
CA TYR B 21 37.81 -7.40 24.82
C TYR B 21 36.96 -6.16 25.06
N SER B 22 35.64 -6.35 25.11
CA SER B 22 34.72 -5.25 25.35
C SER B 22 34.57 -5.03 26.84
N LEU B 23 34.99 -3.84 27.30
CA LEU B 23 34.91 -3.50 28.71
C LEU B 23 34.02 -2.27 28.90
N ARG B 24 33.45 -2.17 30.11
CA ARG B 24 32.61 -1.04 30.49
C ARG B 24 33.20 -0.45 31.77
N TRP B 25 33.78 0.74 31.65
CA TRP B 25 34.36 1.41 32.81
C TRP B 25 33.25 1.82 33.77
N ILE B 26 33.32 1.32 35.01
CA ILE B 26 32.39 1.72 36.06
C ILE B 26 32.98 2.77 36.99
N SER B 27 34.28 3.01 36.93
CA SER B 27 34.94 3.94 37.83
C SER B 27 36.16 4.51 37.14
N ASP B 28 37.09 5.04 37.93
CA ASP B 28 38.39 5.47 37.43
C ASP B 28 39.43 4.36 37.44
N HIS B 29 39.11 3.20 38.04
CA HIS B 29 40.09 2.13 38.18
C HIS B 29 39.48 0.74 38.06
N GLU B 30 38.20 0.62 37.75
CA GLU B 30 37.54 -0.68 37.62
C GLU B 30 36.71 -0.71 36.35
N TYR B 31 36.61 -1.90 35.75
CA TYR B 31 35.80 -2.09 34.56
C TYR B 31 35.12 -3.45 34.61
N LEU B 32 34.03 -3.56 33.86
CA LEU B 32 33.25 -4.79 33.75
C LEU B 32 33.58 -5.50 32.44
N TYR B 33 33.66 -6.83 32.50
CA TYR B 33 34.02 -7.63 31.34
C TYR B 33 33.33 -8.98 31.45
N LYS B 34 32.56 -9.34 30.41
CA LYS B 34 31.85 -10.61 30.39
C LYS B 34 32.77 -11.69 29.82
N GLN B 35 32.95 -12.76 30.57
CA GLN B 35 33.77 -13.90 30.16
C GLN B 35 33.04 -15.18 30.53
N GLU B 36 32.85 -16.06 29.54
CA GLU B 36 32.07 -17.29 29.73
C GLU B 36 30.69 -16.97 30.31
N ASN B 37 30.09 -15.89 29.81
CA ASN B 37 28.78 -15.37 30.21
C ASN B 37 28.73 -14.93 31.67
N ASN B 38 29.86 -14.90 32.37
CA ASN B 38 29.95 -14.34 33.71
C ASN B 38 30.45 -12.91 33.61
N ILE B 39 29.78 -12.00 34.32
CA ILE B 39 30.19 -10.60 34.35
C ILE B 39 31.22 -10.42 35.46
N LEU B 40 32.42 -9.99 35.08
CA LEU B 40 33.53 -9.83 35.99
C LEU B 40 33.88 -8.36 36.13
N VAL B 41 34.29 -7.97 37.34
CA VAL B 41 34.80 -6.63 37.60
C VAL B 41 36.31 -6.75 37.79
N PHE B 42 37.07 -5.96 37.04
CA PHE B 42 38.53 -6.01 37.08
C PHE B 42 39.08 -4.73 37.70
N ASN B 43 40.21 -4.87 38.39
CA ASN B 43 40.97 -3.72 38.89
C ASN B 43 42.04 -3.37 37.87
N ALA B 44 42.00 -2.14 37.37
CA ALA B 44 42.85 -1.75 36.24
C ALA B 44 44.33 -1.81 36.62
N GLU B 45 44.68 -1.25 37.78
CA GLU B 45 46.09 -1.13 38.15
C GLU B 45 46.74 -2.50 38.32
N TYR B 46 46.06 -3.40 39.03
CA TYR B 46 46.66 -4.68 39.40
C TYR B 46 46.21 -5.83 38.48
N GLY B 47 44.92 -5.95 38.22
CA GLY B 47 44.40 -6.97 37.34
C GLY B 47 43.53 -8.01 38.01
N ASN B 48 43.43 -8.00 39.33
CA ASN B 48 42.59 -8.98 40.00
C ASN B 48 41.11 -8.70 39.70
N SER B 49 40.32 -9.78 39.67
CA SER B 49 38.93 -9.70 39.27
C SER B 49 38.05 -10.44 40.28
N SER B 50 36.77 -10.08 40.28
CA SER B 50 35.76 -10.75 41.07
C SER B 50 34.51 -10.91 40.23
N VAL B 51 33.68 -11.88 40.61
CA VAL B 51 32.44 -12.14 39.89
C VAL B 51 31.40 -11.12 40.30
N PHE B 52 30.80 -10.45 39.31
CA PHE B 52 29.73 -9.48 39.53
C PHE B 52 28.35 -10.08 39.30
N LEU B 53 28.25 -11.08 38.43
CA LEU B 53 27.00 -11.72 38.08
C LEU B 53 27.32 -13.05 37.41
N GLU B 54 26.71 -14.12 37.89
CA GLU B 54 27.05 -15.46 37.43
C GLU B 54 26.29 -15.83 36.17
N ASN B 55 26.87 -16.75 35.40
CA ASN B 55 26.27 -17.21 34.15
C ASN B 55 25.03 -18.06 34.35
N SER B 56 24.57 -18.24 35.59
CA SER B 56 23.39 -19.06 35.87
C SER B 56 22.35 -18.34 36.73
N THR B 57 22.58 -17.08 37.08
CA THR B 57 21.64 -16.35 37.95
C THR B 57 20.36 -15.94 37.23
N PHE B 58 20.23 -16.23 35.93
CA PHE B 58 19.06 -15.87 35.15
C PHE B 58 18.52 -17.05 34.35
N ASP B 59 18.81 -18.27 34.79
CA ASP B 59 18.47 -19.46 34.02
C ASP B 59 17.05 -19.96 34.27
N GLU B 60 16.32 -19.38 35.24
CA GLU B 60 14.96 -19.81 35.55
C GLU B 60 13.91 -18.82 35.06
N PHE B 61 14.22 -18.06 34.02
CA PHE B 61 13.28 -17.05 33.55
C PHE B 61 12.37 -17.56 32.43
N GLY B 62 12.73 -18.66 31.77
CA GLY B 62 11.99 -19.12 30.62
C GLY B 62 12.21 -18.26 29.39
N HIS B 63 12.69 -17.04 29.62
CA HIS B 63 13.00 -16.10 28.57
C HIS B 63 14.42 -16.32 28.07
N SER B 64 14.68 -15.82 26.87
CA SER B 64 16.03 -15.75 26.32
C SER B 64 16.49 -14.31 26.42
N ILE B 65 17.42 -14.04 27.33
CA ILE B 65 17.88 -12.68 27.58
C ILE B 65 18.65 -12.20 26.34
N ASN B 66 18.05 -11.26 25.62
CA ASN B 66 18.67 -10.76 24.39
C ASN B 66 19.81 -9.78 24.68
N ASP B 67 19.66 -8.94 25.71
CA ASP B 67 20.68 -7.98 26.06
C ASP B 67 20.47 -7.56 27.51
N TYR B 68 21.45 -6.81 28.05
CA TYR B 68 21.38 -6.37 29.43
C TYR B 68 22.02 -4.99 29.55
N SER B 69 21.71 -4.31 30.65
CA SER B 69 22.27 -3.00 30.93
C SER B 69 22.32 -2.83 32.45
N ILE B 70 23.53 -2.82 33.01
CA ILE B 70 23.71 -2.65 34.44
C ILE B 70 23.71 -1.16 34.77
N SER B 71 23.05 -0.80 35.87
CA SER B 71 23.00 0.59 36.29
C SER B 71 24.39 1.06 36.73
N PRO B 72 24.67 2.36 36.63
CA PRO B 72 26.02 2.85 36.96
C PRO B 72 26.46 2.58 38.38
N ASP B 73 25.53 2.42 39.33
CA ASP B 73 25.91 2.08 40.70
C ASP B 73 25.96 0.58 40.94
N GLY B 74 25.66 -0.23 39.92
CA GLY B 74 25.76 -1.67 40.03
C GLY B 74 24.69 -2.33 40.88
N GLN B 75 23.64 -1.61 41.26
CA GLN B 75 22.60 -2.17 42.10
C GLN B 75 21.51 -2.89 41.32
N PHE B 76 21.35 -2.60 40.04
CA PHE B 76 20.31 -3.21 39.23
C PHE B 76 20.85 -3.54 37.84
N ILE B 77 20.29 -4.58 37.24
CA ILE B 77 20.59 -4.96 35.87
C ILE B 77 19.28 -5.02 35.10
N LEU B 78 19.20 -4.32 33.98
CA LEU B 78 18.01 -4.29 33.14
C LEU B 78 18.11 -5.40 32.10
N LEU B 79 17.13 -6.30 32.11
CA LEU B 79 17.12 -7.42 31.18
C LEU B 79 16.19 -7.13 30.02
N GLU B 80 16.63 -7.48 28.81
CA GLU B 80 15.95 -7.14 27.58
C GLU B 80 15.64 -8.43 26.81
N TYR B 81 14.35 -8.71 26.61
CA TYR B 81 13.92 -9.92 25.92
C TYR B 81 12.76 -9.59 24.99
N ASN B 82 12.49 -10.51 24.06
CA ASN B 82 11.48 -10.35 23.02
C ASN B 82 11.82 -9.17 22.11
N TYR B 83 13.01 -9.26 21.50
CA TYR B 83 13.55 -8.21 20.66
C TYR B 83 12.94 -8.29 19.26
N VAL B 84 12.40 -7.17 18.78
CA VAL B 84 11.88 -7.04 17.42
C VAL B 84 12.52 -5.81 16.81
N LYS B 85 13.32 -6.02 15.76
CA LYS B 85 14.05 -4.92 15.14
C LYS B 85 13.11 -4.06 14.29
N GLN B 86 13.30 -2.75 14.38
CA GLN B 86 12.58 -1.83 13.51
C GLN B 86 13.53 -1.34 12.42
N TRP B 87 14.21 -0.22 12.64
CA TRP B 87 15.15 0.30 11.64
C TRP B 87 16.58 -0.05 12.05
N ARG B 88 17.54 0.81 11.71
CA ARG B 88 18.94 0.47 11.95
C ARG B 88 19.29 0.46 13.43
N HIS B 89 18.73 1.40 14.20
CA HIS B 89 18.98 1.48 15.63
C HIS B 89 17.74 1.29 16.49
N SER B 90 16.55 1.58 15.97
CA SER B 90 15.32 1.41 16.72
C SER B 90 14.95 -0.07 16.81
N TYR B 91 14.21 -0.40 17.86
CA TYR B 91 13.67 -1.75 18.06
C TYR B 91 12.63 -1.66 19.17
N THR B 92 12.09 -2.82 19.56
CA THR B 92 11.11 -2.90 20.63
C THR B 92 11.28 -4.25 21.33
N ALA B 93 11.03 -4.26 22.63
CA ALA B 93 11.22 -5.46 23.43
C ALA B 93 10.54 -5.25 24.79
N SER B 94 10.54 -6.30 25.59
CA SER B 94 10.10 -6.25 26.97
C SER B 94 11.32 -6.16 27.90
N TYR B 95 11.07 -5.73 29.14
CA TYR B 95 12.16 -5.42 30.06
C TYR B 95 11.82 -5.90 31.46
N ASP B 96 12.60 -6.86 31.95
CA ASP B 96 12.59 -7.24 33.36
C ASP B 96 13.77 -6.58 34.06
N ILE B 97 13.53 -6.10 35.29
CA ILE B 97 14.56 -5.46 36.10
C ILE B 97 14.88 -6.39 37.27
N TYR B 98 16.17 -6.59 37.52
CA TYR B 98 16.65 -7.52 38.53
C TYR B 98 17.43 -6.76 39.59
N ASP B 99 16.92 -6.77 40.82
CA ASP B 99 17.61 -6.13 41.94
C ASP B 99 18.80 -6.99 42.34
N LEU B 100 20.01 -6.48 42.13
CA LEU B 100 21.23 -7.22 42.44
C LEU B 100 21.49 -7.30 43.95
N ASN B 101 21.03 -6.30 44.71
CA ASN B 101 21.23 -6.34 46.15
C ASN B 101 20.29 -7.34 46.81
N LYS B 102 19.00 -7.25 46.52
CA LYS B 102 18.03 -8.19 47.08
C LYS B 102 18.03 -9.53 46.38
N ARG B 103 18.75 -9.67 45.26
CA ARG B 103 18.87 -10.94 44.54
C ARG B 103 17.50 -11.45 44.07
N GLN B 104 16.59 -10.53 43.76
CA GLN B 104 15.25 -10.90 43.30
C GLN B 104 14.86 -10.00 42.13
N LEU B 105 13.88 -10.45 41.36
CA LEU B 105 13.40 -9.71 40.21
C LEU B 105 12.37 -8.68 40.64
N ILE B 106 12.55 -7.44 40.20
CA ILE B 106 11.60 -6.37 40.49
C ILE B 106 10.28 -6.68 39.81
N THR B 107 9.23 -6.88 40.60
CA THR B 107 7.92 -7.23 40.07
C THR B 107 6.86 -6.16 40.28
N GLU B 108 7.14 -5.15 41.11
CA GLU B 108 6.22 -4.04 41.30
C GLU B 108 6.46 -2.99 40.24
N GLU B 109 5.39 -2.50 39.62
CA GLU B 109 5.45 -1.43 38.61
C GLU B 109 6.42 -1.79 37.50
N ARG B 110 6.15 -2.93 36.85
CA ARG B 110 7.03 -3.42 35.80
C ARG B 110 7.02 -2.49 34.59
N ILE B 111 8.08 -2.55 33.81
CA ILE B 111 8.15 -1.76 32.57
C ILE B 111 7.17 -2.35 31.56
N PRO B 112 6.30 -1.53 30.96
CA PRO B 112 5.26 -2.09 30.09
C PRO B 112 5.84 -2.71 28.83
N ASN B 113 5.06 -3.60 28.23
CA ASN B 113 5.43 -4.20 26.97
C ASN B 113 5.41 -3.15 25.85
N ASN B 114 6.03 -3.51 24.72
CA ASN B 114 6.15 -2.62 23.57
C ASN B 114 6.87 -1.31 23.93
N THR B 115 7.79 -1.39 24.89
CA THR B 115 8.57 -0.22 25.27
C THR B 115 9.57 0.10 24.16
N GLN B 116 9.66 1.38 23.79
CA GLN B 116 10.46 1.80 22.65
C GLN B 116 11.92 2.07 23.02
N TRP B 117 12.20 2.51 24.25
CA TRP B 117 13.56 2.83 24.64
C TRP B 117 13.63 2.97 26.16
N VAL B 118 14.71 2.46 26.75
CA VAL B 118 14.98 2.59 28.18
C VAL B 118 16.42 3.02 28.36
N THR B 119 16.67 3.85 29.38
CA THR B 119 18.01 4.33 29.66
C THR B 119 18.13 4.67 31.14
N TRP B 120 19.24 4.23 31.76
CA TRP B 120 19.54 4.66 33.11
C TRP B 120 20.03 6.10 33.11
N SER B 121 20.04 6.70 34.29
CA SER B 121 20.78 7.94 34.48
C SER B 121 22.27 7.64 34.48
N PRO B 122 23.12 8.61 34.12
CA PRO B 122 24.56 8.33 34.06
C PRO B 122 25.16 8.00 35.42
N VAL B 123 24.52 8.37 36.52
CA VAL B 123 24.93 7.98 37.86
C VAL B 123 23.69 7.58 38.65
N GLY B 124 23.75 6.45 39.34
CA GLY B 124 22.65 6.00 40.18
C GLY B 124 21.78 4.93 39.53
N HIS B 125 20.47 5.01 39.78
CA HIS B 125 19.55 4.03 39.24
C HIS B 125 18.24 4.64 38.75
N LYS B 126 18.24 5.92 38.41
CA LYS B 126 17.06 6.53 37.79
C LYS B 126 16.86 5.95 36.39
N LEU B 127 15.60 5.93 35.96
CA LEU B 127 15.22 5.34 34.68
C LEU B 127 14.31 6.30 33.91
N ALA B 128 14.54 6.37 32.61
CA ALA B 128 13.67 7.09 31.70
C ALA B 128 13.36 6.17 30.53
N TYR B 129 12.08 5.87 30.33
CA TYR B 129 11.66 5.03 29.22
C TYR B 129 10.59 5.73 28.40
N VAL B 130 10.55 5.39 27.11
CA VAL B 130 9.58 5.95 26.17
C VAL B 130 8.60 4.86 25.78
N TRP B 131 7.31 5.13 25.95
CA TRP B 131 6.25 4.17 25.67
C TRP B 131 5.08 4.90 25.05
N ASN B 132 4.63 4.42 23.88
CA ASN B 132 3.59 5.09 23.09
C ASN B 132 3.99 6.53 22.79
N ASN B 133 5.26 6.73 22.46
CA ASN B 133 5.84 8.02 22.11
C ASN B 133 5.76 9.04 23.26
N ASP B 134 5.65 8.57 24.50
CA ASP B 134 5.64 9.44 25.67
C ASP B 134 6.74 9.02 26.63
N ILE B 135 7.27 9.98 27.37
CA ILE B 135 8.40 9.78 28.26
C ILE B 135 7.90 9.55 29.68
N TYR B 136 8.48 8.56 30.35
CA TYR B 136 8.18 8.25 31.74
C TYR B 136 9.49 8.15 32.51
N VAL B 137 9.44 8.53 33.79
CA VAL B 137 10.63 8.57 34.64
C VAL B 137 10.34 7.80 35.92
N LYS B 138 11.23 6.85 36.25
CA LYS B 138 11.18 6.12 37.50
C LYS B 138 12.39 6.52 38.34
N ILE B 139 12.13 7.03 39.55
CA ILE B 139 13.22 7.37 40.45
C ILE B 139 13.83 6.10 41.04
N GLU B 140 12.98 5.11 41.34
CA GLU B 140 13.42 3.81 41.81
C GLU B 140 12.80 2.72 40.93
N PRO B 141 13.53 1.62 40.71
CA PRO B 141 13.05 0.61 39.75
C PRO B 141 11.71 -0.03 40.11
N ASN B 142 11.27 0.04 41.37
CA ASN B 142 10.01 -0.58 41.78
C ASN B 142 9.00 0.45 42.29
N LEU B 143 9.18 1.72 41.94
CA LEU B 143 8.23 2.76 42.29
C LEU B 143 7.41 3.16 41.06
N PRO B 144 6.25 3.79 41.27
CA PRO B 144 5.46 4.26 40.12
C PRO B 144 6.21 5.28 39.29
N SER B 145 5.83 5.37 38.02
CA SER B 145 6.51 6.23 37.05
C SER B 145 5.78 7.56 36.91
N TYR B 146 6.56 8.63 36.78
CA TYR B 146 6.01 9.95 36.46
C TYR B 146 5.91 10.09 34.96
N ARG B 147 4.75 10.56 34.47
CA ARG B 147 4.55 10.78 33.05
C ARG B 147 4.92 12.22 32.71
N ILE B 148 5.92 12.39 31.84
CA ILE B 148 6.44 13.71 31.52
C ILE B 148 5.67 14.34 30.37
N THR B 149 5.28 13.56 29.37
CA THR B 149 4.64 14.08 28.17
C THR B 149 3.31 13.36 27.94
N TRP B 150 2.37 14.10 27.33
CA TRP B 150 1.07 13.55 26.99
C TRP B 150 0.71 13.75 25.52
N THR B 151 1.61 14.30 24.72
CA THR B 151 1.34 14.60 23.32
C THR B 151 1.69 13.47 22.38
N GLY B 152 2.20 12.34 22.89
CA GLY B 152 2.61 11.23 22.05
C GLY B 152 1.53 10.69 21.14
N LYS B 153 1.80 10.67 19.84
CA LYS B 153 0.87 10.18 18.84
C LYS B 153 1.66 9.42 17.78
N GLU B 154 1.25 8.19 17.51
CA GLU B 154 1.98 7.33 16.58
C GLU B 154 2.07 7.95 15.20
N ASP B 155 3.29 7.98 14.65
CA ASP B 155 3.62 8.55 13.35
C ASP B 155 3.35 10.04 13.26
N ILE B 156 3.06 10.70 14.37
CA ILE B 156 2.77 12.14 14.36
C ILE B 156 3.74 12.86 15.29
N ILE B 157 3.65 12.57 16.58
CA ILE B 157 4.43 13.25 17.61
C ILE B 157 5.36 12.22 18.27
N TYR B 158 6.65 12.55 18.33
CA TYR B 158 7.66 11.70 18.94
C TYR B 158 8.27 12.45 20.12
N ASN B 159 8.17 11.87 21.32
CA ASN B 159 8.78 12.43 22.52
C ASN B 159 9.84 11.47 23.02
N GLY B 160 11.07 11.96 23.15
CA GLY B 160 12.17 11.15 23.63
C GLY B 160 12.72 10.14 22.65
N ILE B 161 12.08 9.97 21.49
CA ILE B 161 12.58 9.10 20.43
C ILE B 161 12.60 9.89 19.13
N THR B 162 13.33 9.35 18.15
CA THR B 162 13.50 9.99 16.86
C THR B 162 12.56 9.38 15.83
N ASP B 163 12.33 10.13 14.76
CA ASP B 163 11.62 9.59 13.60
C ASP B 163 12.65 8.87 12.72
N TRP B 164 12.28 8.56 11.47
CA TRP B 164 13.20 7.82 10.61
C TRP B 164 14.40 8.70 10.21
N VAL B 165 14.12 9.94 9.80
CA VAL B 165 15.19 10.76 9.23
C VAL B 165 16.17 11.21 10.32
N TYR B 166 15.69 11.44 11.55
CA TYR B 166 16.60 11.79 12.63
C TYR B 166 17.36 10.59 13.16
N GLU B 167 16.74 9.42 13.19
CA GLU B 167 17.43 8.21 13.62
C GLU B 167 18.53 7.83 12.63
N GLU B 168 18.30 8.04 11.33
CA GLU B 168 19.20 7.53 10.32
C GLU B 168 20.32 8.51 9.97
N GLU B 169 20.01 9.79 9.82
CA GLU B 169 20.96 10.73 9.23
C GLU B 169 21.44 11.84 10.15
N VAL B 170 20.92 11.92 11.38
CA VAL B 170 21.31 13.01 12.27
C VAL B 170 21.97 12.48 13.52
N PHE B 171 21.22 11.72 14.33
CA PHE B 171 21.71 11.24 15.61
C PHE B 171 22.25 9.81 15.56
N SER B 172 22.01 9.08 14.46
CA SER B 172 22.47 7.69 14.32
C SER B 172 22.06 6.84 15.52
N ALA B 173 20.89 7.13 16.08
CA ALA B 173 20.41 6.45 17.27
C ALA B 173 18.91 6.68 17.42
N TYR B 174 18.24 5.71 18.03
CA TYR B 174 16.81 5.86 18.31
C TYR B 174 16.57 6.87 19.43
N SER B 175 17.51 7.00 20.36
CA SER B 175 17.28 7.77 21.57
C SER B 175 17.31 9.27 21.29
N ALA B 176 16.35 9.99 21.87
CA ALA B 176 16.35 11.44 21.93
C ALA B 176 16.29 11.91 23.38
N LEU B 177 16.90 11.15 24.28
CA LEU B 177 16.98 11.48 25.70
C LEU B 177 18.41 11.82 26.06
N TRP B 178 18.59 12.85 26.89
CA TRP B 178 19.91 13.30 27.31
C TRP B 178 19.84 13.72 28.78
N TRP B 179 20.30 12.83 29.66
CA TRP B 179 20.37 13.15 31.08
C TRP B 179 21.46 14.19 31.35
N SER B 180 21.31 14.88 32.47
CA SER B 180 22.38 15.74 32.97
C SER B 180 23.49 14.88 33.57
N PRO B 181 24.70 15.43 33.71
CA PRO B 181 25.83 14.60 34.18
C PRO B 181 25.57 13.86 35.48
N ASN B 182 24.84 14.45 36.43
CA ASN B 182 24.56 13.77 37.70
C ASN B 182 23.08 13.43 37.87
N GLY B 183 22.34 13.37 36.76
CA GLY B 183 20.98 12.86 36.77
C GLY B 183 19.91 13.81 37.25
N THR B 184 20.23 15.09 37.41
CA THR B 184 19.24 16.04 37.92
C THR B 184 18.21 16.39 36.85
N PHE B 185 18.66 16.74 35.65
CA PHE B 185 17.79 17.16 34.58
C PHE B 185 17.73 16.09 33.48
N LEU B 186 16.55 15.97 32.87
CA LEU B 186 16.35 15.11 31.71
C LEU B 186 15.97 16.01 30.54
N ALA B 187 16.85 16.11 29.56
CA ALA B 187 16.61 16.89 28.36
C ALA B 187 16.22 15.96 27.22
N TYR B 188 15.16 16.33 26.50
CA TYR B 188 14.64 15.48 25.44
C TYR B 188 14.20 16.34 24.27
N ALA B 189 14.04 15.69 23.11
CA ALA B 189 13.58 16.34 21.90
C ALA B 189 12.19 15.84 21.52
N GLN B 190 11.43 16.70 20.86
CA GLN B 190 10.10 16.37 20.38
C GLN B 190 10.05 16.58 18.87
N PHE B 191 9.51 15.59 18.14
CA PHE B 191 9.44 15.63 16.70
C PHE B 191 8.00 15.56 16.24
N ASN B 192 7.64 16.43 15.29
CA ASN B 192 6.28 16.55 14.78
C ASN B 192 6.30 16.19 13.30
N ASP B 193 5.71 15.05 12.96
CA ASP B 193 5.69 14.52 11.59
C ASP B 193 4.35 14.74 10.90
N THR B 194 3.66 15.84 11.20
CA THR B 194 2.29 16.02 10.73
C THR B 194 2.23 16.07 9.20
N GLU B 195 3.04 16.92 8.59
CA GLU B 195 2.98 17.13 7.15
C GLU B 195 4.06 16.38 6.38
N VAL B 196 4.74 15.43 7.02
CA VAL B 196 5.76 14.63 6.34
C VAL B 196 5.07 13.56 5.51
N PRO B 197 5.33 13.48 4.20
CA PRO B 197 4.73 12.43 3.38
C PRO B 197 5.20 11.05 3.82
N LEU B 198 4.44 10.03 3.42
CA LEU B 198 4.65 8.66 3.86
C LEU B 198 5.15 7.82 2.70
N ILE B 199 6.22 7.06 2.94
CA ILE B 199 6.61 6.01 2.01
C ILE B 199 5.78 4.76 2.30
N GLU B 200 5.28 4.13 1.26
CA GLU B 200 4.41 2.97 1.41
C GLU B 200 4.95 1.82 0.59
N TYR B 201 5.01 0.63 1.20
CA TYR B 201 5.47 -0.57 0.53
C TYR B 201 4.83 -1.77 1.20
N SER B 202 4.83 -2.88 0.49
CA SER B 202 4.20 -4.11 0.98
C SER B 202 5.15 -4.90 1.86
N PHE B 203 4.59 -5.55 2.88
CA PHE B 203 5.30 -6.52 3.70
C PHE B 203 4.48 -7.80 3.70
N TYR B 204 5.06 -8.88 3.22
CA TYR B 204 4.31 -10.11 2.97
C TYR B 204 4.27 -11.06 4.15
N SER B 205 5.23 -10.96 5.08
CA SER B 205 5.27 -11.75 6.30
C SER B 205 5.27 -13.25 6.01
N ASP B 206 4.88 -14.05 7.00
CA ASP B 206 4.95 -15.50 6.85
C ASP B 206 3.88 -16.00 5.86
N GLU B 207 4.04 -17.26 5.44
CA GLU B 207 3.15 -17.85 4.45
C GLU B 207 1.69 -17.83 4.89
N SER B 208 1.45 -17.88 6.21
CA SER B 208 0.08 -17.96 6.72
C SER B 208 -0.71 -16.67 6.52
N LEU B 209 -0.04 -15.53 6.33
CA LEU B 209 -0.75 -14.28 6.15
C LEU B 209 -1.39 -14.24 4.75
N GLN B 210 -2.71 -14.04 4.72
CA GLN B 210 -3.43 -14.10 3.46
C GLN B 210 -3.34 -12.79 2.69
N TYR B 211 -3.46 -11.65 3.37
CA TYR B 211 -3.40 -10.35 2.74
C TYR B 211 -2.16 -9.60 3.19
N PRO B 212 -1.37 -9.06 2.27
CA PRO B 212 -0.13 -8.39 2.66
C PRO B 212 -0.40 -7.10 3.42
N LYS B 213 0.51 -6.78 4.33
CA LYS B 213 0.47 -5.51 5.05
C LYS B 213 1.12 -4.42 4.22
N THR B 214 0.70 -3.18 4.48
CA THR B 214 1.24 -2.00 3.80
C THR B 214 1.90 -1.12 4.85
N VAL B 215 3.24 -1.17 4.89
CA VAL B 215 3.99 -0.38 5.86
C VAL B 215 3.99 1.08 5.45
N ARG B 216 3.64 1.96 6.39
CA ARG B 216 3.66 3.41 6.17
C ARG B 216 4.62 4.04 7.16
N VAL B 217 5.64 4.72 6.63
CA VAL B 217 6.64 5.37 7.47
C VAL B 217 6.77 6.83 7.04
N PRO B 218 6.64 7.79 7.96
CA PRO B 218 6.95 9.18 7.61
C PRO B 218 8.40 9.33 7.16
N TYR B 219 8.59 9.61 5.88
CA TYR B 219 9.91 9.63 5.25
C TYR B 219 10.00 10.84 4.33
N PRO B 220 10.75 11.88 4.72
CA PRO B 220 10.87 13.07 3.87
C PRO B 220 11.90 12.84 2.77
N LYS B 221 11.43 12.83 1.52
CA LYS B 221 12.34 12.73 0.38
C LYS B 221 12.85 14.11 0.02
N ALA B 222 13.72 14.17 -0.99
CA ALA B 222 14.39 15.41 -1.36
C ALA B 222 13.37 16.50 -1.68
N GLY B 223 13.46 17.61 -0.96
CA GLY B 223 12.57 18.74 -1.14
C GLY B 223 11.25 18.63 -0.43
N ALA B 224 10.87 17.45 0.05
CA ALA B 224 9.59 17.27 0.71
C ALA B 224 9.57 17.97 2.07
N VAL B 225 8.40 17.98 2.69
CA VAL B 225 8.23 18.62 3.99
C VAL B 225 8.99 17.82 5.04
N ASN B 226 9.84 18.52 5.80
CA ASN B 226 10.64 17.90 6.83
C ASN B 226 9.92 17.93 8.17
N PRO B 227 10.30 17.05 9.10
CA PRO B 227 9.78 17.16 10.47
C PRO B 227 10.28 18.42 11.15
N THR B 228 9.54 18.82 12.18
CA THR B 228 9.92 19.93 13.04
C THR B 228 10.35 19.40 14.40
N VAL B 229 11.18 20.17 15.09
CA VAL B 229 11.80 19.71 16.33
C VAL B 229 11.61 20.77 17.41
N LYS B 230 11.37 20.31 18.64
CA LYS B 230 11.37 21.14 19.84
C LYS B 230 12.25 20.48 20.89
N PHE B 231 12.79 21.29 21.79
CA PHE B 231 13.69 20.81 22.83
C PHE B 231 13.17 21.23 24.20
N PHE B 232 13.21 20.29 25.15
CA PHE B 232 12.70 20.52 26.49
C PHE B 232 13.65 19.92 27.52
N VAL B 233 13.65 20.51 28.71
CA VAL B 233 14.43 20.02 29.85
C VAL B 233 13.51 19.99 31.06
N VAL B 234 13.54 18.88 31.80
CA VAL B 234 12.68 18.68 32.96
C VAL B 234 13.53 18.29 34.15
N ASN B 235 13.19 18.82 35.33
CA ASN B 235 13.88 18.48 36.57
C ASN B 235 13.30 17.19 37.12
N THR B 236 14.11 16.13 37.14
CA THR B 236 13.65 14.82 37.59
C THR B 236 13.59 14.69 39.10
N ASP B 237 13.99 15.71 39.85
CA ASP B 237 13.89 15.70 41.31
C ASP B 237 12.63 16.38 41.82
N SER B 238 12.13 17.40 41.12
CA SER B 238 10.93 18.12 41.51
C SER B 238 9.66 17.48 40.96
N LEU B 239 9.62 16.15 40.88
CA LEU B 239 8.51 15.45 40.25
C LEU B 239 7.46 15.09 41.30
N SER B 240 6.33 15.78 41.26
CA SER B 240 5.24 15.50 42.17
C SER B 240 4.37 14.39 41.61
N SER B 241 3.82 13.57 42.52
CA SER B 241 2.91 12.50 42.14
C SER B 241 1.46 12.95 42.15
N VAL B 242 1.21 14.24 42.27
CA VAL B 242 -0.16 14.77 42.24
C VAL B 242 -0.35 15.85 41.17
N THR B 243 0.71 16.46 40.66
CA THR B 243 0.61 17.45 39.60
C THR B 243 1.46 17.00 38.41
N ASN B 244 1.01 17.38 37.21
CA ASN B 244 1.76 17.08 36.01
C ASN B 244 3.13 17.74 36.05
N ALA B 245 4.12 17.04 35.48
CA ALA B 245 5.48 17.57 35.45
C ALA B 245 5.58 18.76 34.50
N THR B 246 6.53 19.64 34.78
CA THR B 246 6.76 20.85 34.00
C THR B 246 8.06 20.73 33.22
N SER B 247 8.00 21.02 31.93
CA SER B 247 9.15 20.95 31.05
C SER B 247 9.45 22.33 30.49
N ILE B 248 10.68 22.80 30.66
CA ILE B 248 11.10 24.10 30.15
C ILE B 248 11.60 23.93 28.72
N GLN B 249 11.09 24.77 27.82
CA GLN B 249 11.46 24.70 26.42
C GLN B 249 12.66 25.60 26.15
N ILE B 250 13.65 25.05 25.45
CA ILE B 250 14.79 25.82 24.97
C ILE B 250 14.60 26.02 23.48
N THR B 251 14.27 27.25 23.09
CA THR B 251 14.00 27.55 21.69
C THR B 251 15.29 27.63 20.89
N ALA B 252 15.20 27.34 19.60
CA ALA B 252 16.34 27.48 18.71
C ALA B 252 16.72 28.95 18.59
N PRO B 253 17.98 29.25 18.27
CA PRO B 253 18.38 30.64 18.08
C PRO B 253 17.60 31.29 16.95
N ALA B 254 17.48 32.63 17.03
CA ALA B 254 16.64 33.35 16.08
C ALA B 254 17.12 33.20 14.64
N SER B 255 18.43 33.05 14.43
CA SER B 255 18.95 32.83 13.09
C SER B 255 18.54 31.49 12.52
N MET B 256 18.00 30.58 13.33
CA MET B 256 17.49 29.31 12.86
C MET B 256 15.98 29.28 12.68
N LEU B 257 15.25 30.07 13.47
CA LEU B 257 13.79 30.08 13.38
C LEU B 257 13.29 30.73 12.08
N ILE B 258 14.15 31.48 11.38
CA ILE B 258 13.74 32.13 10.14
C ILE B 258 13.44 31.16 9.01
N GLY B 259 13.79 29.88 9.18
CA GLY B 259 13.51 28.89 8.17
C GLY B 259 13.55 27.50 8.74
N ASP B 260 13.56 26.52 7.84
CA ASP B 260 13.65 25.13 8.26
C ASP B 260 15.03 24.84 8.83
N HIS B 261 15.06 24.10 9.94
CA HIS B 261 16.31 23.83 10.64
C HIS B 261 16.25 22.44 11.27
N TYR B 262 17.41 22.00 11.77
CA TYR B 262 17.53 20.72 12.45
C TYR B 262 18.18 20.93 13.81
N LEU B 263 18.04 19.91 14.66
CA LEU B 263 18.78 19.80 15.92
C LEU B 263 19.76 18.64 15.74
N CYS B 264 21.06 18.95 15.73
CA CYS B 264 22.04 17.97 15.30
C CYS B 264 22.98 17.49 16.41
N ASP B 265 22.95 18.09 17.60
CA ASP B 265 23.81 17.59 18.68
C ASP B 265 23.35 18.14 20.02
N VAL B 266 23.40 17.30 21.05
CA VAL B 266 23.11 17.67 22.42
C VAL B 266 24.33 17.28 23.25
N THR B 267 24.92 18.24 23.95
CA THR B 267 26.08 18.00 24.79
C THR B 267 25.94 18.75 26.10
N TRP B 268 25.87 18.02 27.20
CA TRP B 268 25.87 18.63 28.53
C TRP B 268 27.28 19.01 28.92
N ALA B 269 27.44 20.25 29.42
CA ALA B 269 28.76 20.73 29.85
C ALA B 269 28.92 20.55 31.35
N THR B 270 28.23 21.36 32.14
CA THR B 270 28.22 21.24 33.58
C THR B 270 26.90 20.59 34.02
N GLN B 271 26.63 20.62 35.32
CA GLN B 271 25.35 20.14 35.83
C GLN B 271 24.23 21.17 35.63
N GLU B 272 24.56 22.39 35.21
CA GLU B 272 23.58 23.44 34.97
C GLU B 272 23.80 24.14 33.63
N ARG B 273 24.58 23.54 32.73
CA ARG B 273 24.88 24.15 31.44
C ARG B 273 24.78 23.09 30.36
N ILE B 274 23.99 23.38 29.32
CA ILE B 274 23.81 22.45 28.21
C ILE B 274 24.11 23.19 26.91
N SER B 275 24.68 22.47 25.95
CA SER B 275 25.06 23.04 24.66
C SER B 275 24.31 22.29 23.55
N LEU B 276 23.54 23.05 22.76
CA LEU B 276 22.81 22.50 21.63
C LEU B 276 23.44 22.96 20.32
N GLN B 277 23.44 22.09 19.32
CA GLN B 277 23.90 22.44 17.98
C GLN B 277 22.71 22.36 17.03
N TRP B 278 22.38 23.50 16.42
CA TRP B 278 21.33 23.58 15.43
C TRP B 278 21.95 23.75 14.04
N LEU B 279 21.18 23.35 13.02
CA LEU B 279 21.66 23.37 11.65
C LEU B 279 20.52 23.77 10.71
N ARG B 280 20.79 24.75 9.85
CA ARG B 280 19.82 25.14 8.85
C ARG B 280 19.55 23.98 7.89
N ARG B 281 18.45 24.11 7.14
CA ARG B 281 18.15 23.08 6.14
C ARG B 281 19.20 23.08 5.03
N ILE B 282 19.65 24.25 4.62
CA ILE B 282 20.87 24.38 3.82
C ILE B 282 22.03 24.14 4.76
N GLN B 283 22.59 22.92 4.73
CA GLN B 283 23.50 22.46 5.78
C GLN B 283 24.92 22.98 5.62
N ASN B 284 25.08 24.27 5.26
CA ASN B 284 26.39 24.93 5.31
C ASN B 284 26.43 26.02 6.36
N TYR B 285 25.56 25.95 7.37
CA TYR B 285 25.50 26.98 8.40
C TYR B 285 24.89 26.38 9.65
N SER B 286 25.71 26.19 10.69
CA SER B 286 25.26 25.67 11.96
C SER B 286 25.58 26.66 13.08
N VAL B 287 24.78 26.63 14.13
CA VAL B 287 24.94 27.51 15.28
C VAL B 287 24.91 26.69 16.55
N MET B 288 25.82 26.99 17.47
CA MET B 288 25.91 26.32 18.76
C MET B 288 25.42 27.27 19.85
N ASP B 289 24.45 26.81 20.64
CA ASP B 289 23.91 27.59 21.74
C ASP B 289 24.46 27.08 23.07
N ILE B 290 24.54 27.97 24.05
CA ILE B 290 25.01 27.64 25.40
C ILE B 290 23.99 28.18 26.38
N CYS B 291 23.32 27.30 27.10
CA CYS B 291 22.22 27.66 27.97
C CYS B 291 22.54 27.27 29.41
N ASP B 292 22.24 28.19 30.34
CA ASP B 292 22.49 27.98 31.76
C ASP B 292 21.18 27.97 32.53
N TYR B 293 21.14 27.18 33.59
CA TYR B 293 19.97 27.08 34.45
C TYR B 293 20.11 28.03 35.64
N ASP B 294 18.99 28.64 36.02
CA ASP B 294 18.92 29.41 37.26
C ASP B 294 17.71 28.93 38.04
N GLU B 295 17.93 28.57 39.31
CA GLU B 295 16.86 28.04 40.15
C GLU B 295 15.93 29.11 40.69
N SER B 296 16.21 30.40 40.42
CA SER B 296 15.32 31.46 40.86
C SER B 296 13.95 31.32 40.23
N SER B 297 13.90 31.29 38.89
CA SER B 297 12.64 31.09 38.18
C SER B 297 12.40 29.62 37.83
N GLY B 298 13.46 28.87 37.57
CA GLY B 298 13.34 27.48 37.17
C GLY B 298 13.47 27.24 35.68
N ARG B 299 13.68 28.29 34.88
CA ARG B 299 13.82 28.17 33.44
C ARG B 299 15.28 28.27 33.04
N TRP B 300 15.53 28.15 31.75
CA TRP B 300 16.89 28.17 31.20
C TRP B 300 17.15 29.50 30.50
N ASN B 301 18.41 29.72 30.14
CA ASN B 301 18.86 31.02 29.67
C ASN B 301 20.03 30.80 28.73
N CYS B 302 19.82 31.08 27.44
CA CYS B 302 20.85 30.95 26.42
C CYS B 302 21.28 32.36 25.99
N LEU B 303 22.43 32.80 26.49
CA LEU B 303 22.94 34.12 26.12
C LEU B 303 23.28 34.16 24.64
N VAL B 304 22.89 35.25 23.98
CA VAL B 304 23.20 35.41 22.56
C VAL B 304 24.70 35.55 22.36
N ALA B 305 25.37 36.26 23.26
CA ALA B 305 26.82 36.46 23.17
C ALA B 305 27.61 35.17 23.38
N ARG B 306 26.96 34.06 23.68
CA ARG B 306 27.63 32.77 23.85
C ARG B 306 27.39 31.83 22.68
N GLN B 307 26.78 32.31 21.60
CA GLN B 307 26.57 31.48 20.42
C GLN B 307 27.85 31.40 19.58
N HIS B 308 27.98 30.30 18.85
CA HIS B 308 29.12 30.07 17.98
C HIS B 308 28.63 29.60 16.62
N ILE B 309 29.32 30.04 15.57
CA ILE B 309 28.87 29.84 14.19
C ILE B 309 29.95 29.08 13.44
N GLU B 310 29.61 27.86 13.01
CA GLU B 310 30.52 27.07 12.13
C GLU B 310 29.84 27.02 10.78
N MET B 311 30.43 27.67 9.79
CA MET B 311 29.81 27.72 8.45
C MET B 311 30.83 27.26 7.41
N SER B 312 30.36 26.88 6.24
CA SER B 312 31.25 26.41 5.15
C SER B 312 30.89 27.10 3.85
N THR B 313 31.91 27.51 3.13
CA THR B 313 31.74 28.09 1.80
C THR B 313 32.08 27.14 0.67
N THR B 314 32.77 26.04 0.96
CA THR B 314 33.11 25.04 -0.04
C THR B 314 32.14 23.86 -0.06
N GLY B 315 31.31 23.72 0.98
CA GLY B 315 30.36 22.62 1.04
C GLY B 315 29.53 22.64 2.30
N TRP B 316 29.38 21.47 2.94
CA TRP B 316 28.59 21.33 4.14
C TRP B 316 29.47 21.46 5.39
N VAL B 317 28.82 21.49 6.55
CA VAL B 317 29.50 21.67 7.84
C VAL B 317 29.76 20.30 8.45
N GLY B 318 31.00 20.06 8.84
CA GLY B 318 31.38 18.79 9.43
C GLY B 318 31.53 17.70 8.38
N ARG B 319 31.82 16.50 8.85
CA ARG B 319 31.92 15.34 7.96
C ARG B 319 30.53 14.87 7.55
N PHE B 320 29.68 14.57 8.53
CA PHE B 320 28.26 14.36 8.31
C PHE B 320 27.39 15.32 9.11
N ARG B 321 27.85 15.74 10.28
CA ARG B 321 27.23 16.79 11.07
C ARG B 321 28.33 17.50 11.83
N PRO B 322 28.08 18.70 12.35
CA PRO B 322 29.10 19.38 13.15
C PRO B 322 29.59 18.52 14.30
N SER B 323 30.87 18.66 14.63
CA SER B 323 31.47 17.86 15.68
C SER B 323 30.96 18.29 17.05
N GLU B 324 31.01 17.35 18.01
CA GLU B 324 30.52 17.67 19.34
C GLU B 324 31.62 18.31 20.18
N PRO B 325 31.26 19.20 21.10
CA PRO B 325 32.28 19.87 21.92
C PRO B 325 32.72 19.02 23.10
N HIS B 326 33.88 19.36 23.62
CA HIS B 326 34.45 18.73 24.82
C HIS B 326 34.79 19.85 25.81
N PHE B 327 33.96 20.02 26.82
CA PHE B 327 34.08 21.13 27.75
C PHE B 327 35.07 20.84 28.87
N THR B 328 35.70 21.89 29.37
CA THR B 328 36.52 21.80 30.56
C THR B 328 35.62 21.54 31.78
N LEU B 329 36.26 21.33 32.94
CA LEU B 329 35.51 20.95 34.13
C LEU B 329 34.56 22.05 34.57
N ASP B 330 35.01 23.31 34.55
CA ASP B 330 34.13 24.41 34.92
C ASP B 330 33.12 24.74 33.83
N GLY B 331 33.30 24.23 32.61
CA GLY B 331 32.36 24.47 31.55
C GLY B 331 32.38 25.87 30.96
N ASN B 332 33.51 26.57 31.07
CA ASN B 332 33.65 27.91 30.50
C ASN B 332 34.54 27.92 29.27
N SER B 333 34.97 26.76 28.80
CA SER B 333 35.76 26.63 27.59
C SER B 333 35.64 25.21 27.08
N PHE B 334 35.85 25.03 25.78
CA PHE B 334 35.73 23.72 25.19
C PHE B 334 36.63 23.60 23.96
N TYR B 335 36.86 22.36 23.55
CA TYR B 335 37.67 22.04 22.38
C TYR B 335 36.78 21.36 21.34
N LYS B 336 36.88 21.80 20.09
CA LYS B 336 36.03 21.28 19.02
C LYS B 336 36.85 21.11 17.75
N ILE B 337 36.53 20.06 17.01
CA ILE B 337 37.19 19.79 15.74
C ILE B 337 36.46 20.56 14.64
N ILE B 338 37.15 21.51 14.01
CA ILE B 338 36.61 22.29 12.91
C ILE B 338 37.66 22.38 11.81
N SER B 339 37.21 22.78 10.62
CA SER B 339 38.09 22.90 9.48
C SER B 339 38.85 24.22 9.51
N ASN B 340 40.16 24.15 9.21
CA ASN B 340 40.99 25.35 9.24
C ASN B 340 40.88 26.08 7.91
N GLU B 341 41.75 27.07 7.70
CA GLU B 341 41.75 27.85 6.48
C GLU B 341 42.22 27.04 5.27
N GLU B 342 42.94 25.94 5.50
CA GLU B 342 43.37 25.06 4.43
C GLU B 342 42.40 23.90 4.19
N GLY B 343 41.28 23.87 4.92
CA GLY B 343 40.34 22.79 4.76
C GLY B 343 40.68 21.52 5.50
N TYR B 344 41.51 21.61 6.55
CA TYR B 344 41.87 20.46 7.36
C TYR B 344 41.23 20.58 8.74
N ARG B 345 40.81 19.45 9.29
CA ARG B 345 40.04 19.42 10.54
C ARG B 345 41.00 19.22 11.70
N HIS B 346 41.13 20.24 12.54
CA HIS B 346 41.98 20.21 13.71
C HIS B 346 41.19 20.74 14.91
N ILE B 347 41.83 20.75 16.07
CA ILE B 347 41.16 21.06 17.33
C ILE B 347 41.30 22.55 17.61
N CYS B 348 40.17 23.24 17.74
CA CYS B 348 40.15 24.64 18.13
C CYS B 348 39.75 24.78 19.59
N TYR B 349 40.30 25.78 20.25
CA TYR B 349 40.04 26.06 21.66
C TYR B 349 39.14 27.27 21.77
N PHE B 350 37.93 27.06 22.30
CA PHE B 350 36.91 28.10 22.38
C PHE B 350 36.75 28.58 23.81
N GLN B 351 36.48 29.88 23.97
CA GLN B 351 35.91 30.42 25.18
C GLN B 351 34.43 30.67 24.93
N ILE B 352 33.59 30.33 25.91
CA ILE B 352 32.16 30.26 25.66
C ILE B 352 31.58 31.59 25.24
N ASP B 353 32.21 32.70 25.63
CA ASP B 353 31.78 34.03 25.22
C ASP B 353 32.88 34.79 24.48
N LYS B 354 33.69 34.07 23.71
CA LYS B 354 34.70 34.66 22.84
C LYS B 354 34.55 34.03 21.46
N LYS B 355 34.16 34.85 20.48
CA LYS B 355 33.82 34.32 19.16
C LYS B 355 35.03 33.70 18.45
N ASP B 356 36.23 34.22 18.69
CA ASP B 356 37.42 33.69 18.06
C ASP B 356 37.95 32.49 18.84
N CYS B 357 38.35 31.45 18.11
CA CYS B 357 38.95 30.26 18.71
C CYS B 357 40.38 30.10 18.20
N THR B 358 41.18 29.40 19.00
CA THR B 358 42.59 29.17 18.71
C THR B 358 42.81 27.71 18.32
N PHE B 359 43.40 27.50 17.15
CA PHE B 359 43.75 26.15 16.71
C PHE B 359 44.98 25.67 17.47
N ILE B 360 44.86 24.48 18.08
CA ILE B 360 45.97 23.89 18.82
C ILE B 360 46.69 22.81 18.03
N THR B 361 46.21 22.48 16.83
CA THR B 361 46.84 21.51 15.96
C THR B 361 46.77 22.00 14.52
N LYS B 362 47.76 21.61 13.73
CA LYS B 362 47.85 22.00 12.33
C LYS B 362 48.58 20.91 11.55
N GLY B 363 48.46 20.99 10.22
CA GLY B 363 49.13 20.04 9.35
C GLY B 363 48.26 19.51 8.24
N THR B 364 48.87 18.85 7.26
CA THR B 364 48.13 18.24 6.14
C THR B 364 47.60 16.86 6.55
N TRP B 365 46.84 16.86 7.64
CA TRP B 365 46.19 15.68 8.17
C TRP B 365 45.00 16.16 8.98
N GLU B 366 44.24 15.20 9.53
CA GLU B 366 43.01 15.54 10.23
C GLU B 366 42.93 14.82 11.56
N VAL B 367 42.32 15.50 12.53
CA VAL B 367 41.98 14.89 13.81
C VAL B 367 40.66 14.16 13.64
N ILE B 368 40.65 12.85 13.95
CA ILE B 368 39.45 12.06 13.78
C ILE B 368 38.46 12.31 14.92
N GLY B 369 38.96 12.31 16.16
CA GLY B 369 38.10 12.54 17.30
C GLY B 369 38.82 12.83 18.59
N ILE B 370 38.21 13.68 19.42
CA ILE B 370 38.73 13.94 20.77
C ILE B 370 38.22 12.84 21.70
N GLU B 371 39.13 12.24 22.47
CA GLU B 371 38.80 11.06 23.26
C GLU B 371 38.78 11.30 24.76
N ALA B 372 39.60 12.20 25.28
CA ALA B 372 39.61 12.48 26.71
C ALA B 372 40.22 13.85 26.93
N LEU B 373 39.90 14.43 28.10
CA LEU B 373 40.37 15.78 28.42
C LEU B 373 40.62 15.85 29.93
N THR B 374 41.89 15.92 30.31
CA THR B 374 42.26 16.13 31.70
C THR B 374 42.52 17.63 31.91
N SER B 375 42.92 17.97 33.13
CA SER B 375 43.29 19.35 33.42
C SER B 375 44.61 19.74 32.77
N ASP B 376 45.39 18.78 32.29
CA ASP B 376 46.70 19.04 31.71
C ASP B 376 46.86 18.57 30.27
N TYR B 377 46.19 17.48 29.89
CA TYR B 377 46.40 16.86 28.59
C TYR B 377 45.09 16.72 27.84
N LEU B 378 45.19 16.77 26.51
CA LEU B 378 44.06 16.52 25.61
C LEU B 378 44.42 15.34 24.72
N TYR B 379 43.57 14.31 24.73
CA TYR B 379 43.81 13.11 23.95
C TYR B 379 42.93 13.11 22.71
N TYR B 380 43.51 12.68 21.59
CA TYR B 380 42.79 12.65 20.32
C TYR B 380 43.38 11.58 19.42
N ILE B 381 42.65 11.27 18.35
CA ILE B 381 43.05 10.30 17.34
C ILE B 381 43.22 11.05 16.02
N SER B 382 44.32 10.78 15.32
CA SER B 382 44.62 11.47 14.07
C SER B 382 45.20 10.48 13.07
N ASN B 383 45.25 10.93 11.82
CA ASN B 383 45.83 10.17 10.71
C ASN B 383 47.15 10.78 10.26
N GLU B 384 47.99 11.18 11.22
CA GLU B 384 49.23 11.89 10.91
C GLU B 384 50.42 10.95 10.70
N TYR B 385 50.46 9.83 11.41
CA TYR B 385 51.63 8.97 11.39
C TYR B 385 51.95 8.49 9.98
N LYS B 386 53.15 8.83 9.51
CA LYS B 386 53.65 8.44 8.20
C LYS B 386 52.78 8.94 7.05
N GLY B 387 52.00 9.98 7.29
CA GLY B 387 51.19 10.58 6.24
C GLY B 387 50.15 9.66 5.64
N MET B 388 49.73 8.63 6.35
CA MET B 388 48.74 7.69 5.85
C MET B 388 47.36 8.12 6.31
N PRO B 389 46.47 8.54 5.42
CA PRO B 389 45.11 8.92 5.86
C PRO B 389 44.26 7.74 6.33
N GLY B 390 44.67 6.51 6.03
CA GLY B 390 43.95 5.33 6.44
C GLY B 390 44.38 4.72 7.76
N GLY B 391 45.29 5.37 8.48
CA GLY B 391 45.72 4.88 9.77
C GLY B 391 45.17 5.70 10.92
N ARG B 392 45.16 5.12 12.13
CA ARG B 392 44.65 5.77 13.32
C ARG B 392 45.64 5.59 14.46
N ASN B 393 45.92 6.67 15.20
CA ASN B 393 46.83 6.59 16.33
C ASN B 393 46.39 7.58 17.40
N LEU B 394 46.68 7.23 18.65
CA LEU B 394 46.30 8.05 19.80
C LEU B 394 47.43 9.02 20.13
N TYR B 395 47.10 10.31 20.17
CA TYR B 395 48.05 11.34 20.55
C TYR B 395 47.53 12.09 21.77
N LYS B 396 48.46 12.63 22.56
CA LYS B 396 48.11 13.55 23.63
C LYS B 396 48.93 14.83 23.46
N ILE B 397 48.32 15.95 23.80
CA ILE B 397 48.92 17.27 23.61
C ILE B 397 48.87 18.03 24.93
N GLN B 398 49.99 18.66 25.27
CA GLN B 398 50.07 19.44 26.50
C GLN B 398 49.32 20.76 26.34
N LEU B 399 48.42 21.04 27.28
CA LEU B 399 47.61 22.26 27.21
C LEU B 399 48.39 23.51 27.64
N SER B 400 49.53 23.35 28.31
CA SER B 400 50.39 24.49 28.64
C SER B 400 51.31 24.86 27.48
N ASP B 401 51.76 23.88 26.71
CA ASP B 401 52.58 24.12 25.53
C ASP B 401 52.05 23.24 24.40
N TYR B 402 51.39 23.86 23.42
CA TYR B 402 50.79 23.10 22.33
C TYR B 402 51.82 22.46 21.41
N THR B 403 53.10 22.82 21.53
CA THR B 403 54.15 22.19 20.74
C THR B 403 54.55 20.83 21.29
N LYS B 404 54.05 20.44 22.46
CA LYS B 404 54.44 19.19 23.11
C LYS B 404 53.35 18.14 22.87
N VAL B 405 53.44 17.49 21.71
CA VAL B 405 52.52 16.42 21.35
C VAL B 405 53.28 15.10 21.38
N THR B 406 52.62 14.04 21.84
CA THR B 406 53.25 12.74 22.01
C THR B 406 52.31 11.67 21.49
N CYS B 407 52.84 10.73 20.70
CA CYS B 407 52.05 9.62 20.20
C CYS B 407 52.20 8.44 21.16
N LEU B 408 51.07 7.89 21.60
CA LEU B 408 51.05 6.79 22.55
C LEU B 408 50.95 5.43 21.88
N SER B 409 50.64 5.36 20.58
CA SER B 409 50.41 4.10 19.92
C SER B 409 51.15 3.94 18.59
N CYS B 410 51.97 4.92 18.19
CA CYS B 410 52.62 4.84 16.89
C CYS B 410 53.63 3.69 16.83
N GLU B 411 54.44 3.54 17.88
CA GLU B 411 55.60 2.66 17.83
C GLU B 411 55.42 1.39 18.67
N LEU B 412 54.21 1.10 19.13
CA LEU B 412 53.99 -0.08 19.96
C LEU B 412 54.30 -1.36 19.18
N ASN B 413 53.55 -1.60 18.11
CA ASN B 413 53.84 -2.69 17.17
C ASN B 413 53.49 -2.19 15.79
N PRO B 414 54.40 -1.42 15.17
CA PRO B 414 54.00 -0.63 13.98
C PRO B 414 53.75 -1.45 12.74
N GLU B 415 54.24 -2.69 12.66
CA GLU B 415 53.98 -3.53 11.50
C GLU B 415 52.67 -4.31 11.62
N ARG B 416 52.18 -4.52 12.84
CA ARG B 416 50.93 -5.22 13.07
C ARG B 416 49.78 -4.29 13.41
N CYS B 417 50.05 -3.13 14.01
CA CYS B 417 49.01 -2.22 14.48
C CYS B 417 49.22 -0.85 13.88
N GLN B 418 48.26 -0.42 13.05
CA GLN B 418 48.26 0.90 12.45
C GLN B 418 46.90 1.59 12.53
N TYR B 419 45.89 0.94 13.11
CA TYR B 419 44.53 1.49 13.21
C TYR B 419 44.09 1.31 14.65
N TYR B 420 44.12 2.38 15.43
CA TYR B 420 43.87 2.33 16.86
C TYR B 420 42.56 3.02 17.23
N SER B 421 41.96 2.53 18.32
CA SER B 421 40.87 3.22 19.00
C SER B 421 41.07 3.02 20.50
N VAL B 422 40.60 3.98 21.29
CA VAL B 422 40.93 4.02 22.71
C VAL B 422 39.64 4.13 23.53
N SER B 423 39.68 3.55 24.73
CA SER B 423 38.60 3.64 25.70
C SER B 423 39.20 4.08 27.03
N PHE B 424 38.95 5.32 27.41
CA PHE B 424 39.47 5.87 28.66
C PHE B 424 38.54 5.56 29.83
N SER B 425 39.15 5.40 31.01
CA SER B 425 38.38 5.28 32.23
C SER B 425 37.87 6.66 32.65
N LYS B 426 37.09 6.69 33.72
CA LYS B 426 36.63 7.96 34.27
C LYS B 426 37.81 8.72 34.87
N GLU B 427 37.80 10.04 34.69
CA GLU B 427 38.88 10.92 35.11
C GLU B 427 40.18 10.60 34.36
N ALA B 428 40.12 9.65 33.42
CA ALA B 428 41.20 9.34 32.51
C ALA B 428 42.47 8.90 33.26
N LYS B 429 42.30 8.00 34.22
CA LYS B 429 43.46 7.43 34.89
C LYS B 429 44.07 6.28 34.11
N TYR B 430 43.25 5.51 33.38
CA TYR B 430 43.70 4.42 32.55
C TYR B 430 43.01 4.50 31.20
N TYR B 431 43.56 3.77 30.23
CA TYR B 431 42.95 3.73 28.90
C TYR B 431 43.29 2.40 28.24
N GLN B 432 42.27 1.78 27.64
CA GLN B 432 42.45 0.57 26.85
C GLN B 432 42.67 0.96 25.39
N LEU B 433 43.71 0.42 24.79
CA LEU B 433 43.99 0.64 23.37
C LEU B 433 43.44 -0.54 22.58
N ARG B 434 42.69 -0.23 21.52
CA ARG B 434 42.08 -1.25 20.66
C ARG B 434 42.70 -1.13 19.28
N CYS B 435 43.50 -2.12 18.91
CA CYS B 435 44.15 -2.17 17.62
C CYS B 435 43.31 -3.00 16.65
N SER B 436 43.02 -2.43 15.47
CA SER B 436 42.12 -3.06 14.52
C SER B 436 42.84 -3.77 13.38
N GLY B 437 44.08 -3.39 13.08
CA GLY B 437 44.84 -4.02 12.03
C GLY B 437 46.12 -3.27 11.72
N PRO B 438 46.79 -3.64 10.61
CA PRO B 438 46.42 -4.65 9.61
C PRO B 438 46.65 -6.08 10.09
N GLY B 439 47.29 -6.28 11.23
CA GLY B 439 47.42 -7.58 11.82
C GLY B 439 46.17 -7.97 12.57
N LEU B 440 46.26 -9.09 13.28
CA LEU B 440 45.13 -9.51 14.11
C LEU B 440 44.91 -8.50 15.22
N PRO B 441 43.66 -8.24 15.60
CA PRO B 441 43.39 -7.19 16.60
C PRO B 441 44.10 -7.46 17.92
N LEU B 442 44.55 -6.38 18.55
CA LEU B 442 45.35 -6.43 19.76
C LEU B 442 44.77 -5.44 20.77
N TYR B 443 44.54 -5.91 22.00
CA TYR B 443 43.93 -5.10 23.05
C TYR B 443 44.86 -5.06 24.25
N THR B 444 45.29 -3.87 24.64
CA THR B 444 46.18 -3.67 25.77
C THR B 444 45.58 -2.65 26.72
N LEU B 445 46.15 -2.57 27.92
CA LEU B 445 45.71 -1.65 28.95
C LEU B 445 46.89 -0.83 29.45
N HIS B 446 46.70 0.48 29.58
CA HIS B 446 47.77 1.38 29.96
C HIS B 446 47.27 2.35 31.03
N SER B 447 48.22 2.97 31.72
CA SER B 447 47.94 4.01 32.70
C SER B 447 48.41 5.36 32.17
N SER B 448 47.61 6.39 32.44
CA SER B 448 47.86 7.71 31.86
C SER B 448 48.98 8.48 32.55
N VAL B 449 49.27 8.17 33.82
CA VAL B 449 50.19 8.98 34.59
C VAL B 449 51.61 8.88 34.02
N ASN B 450 52.01 7.70 33.55
CA ASN B 450 53.33 7.50 32.98
C ASN B 450 53.29 6.88 31.59
N ASP B 451 52.10 6.70 31.01
CA ASP B 451 51.93 6.03 29.72
C ASP B 451 52.56 4.64 29.73
N LYS B 452 52.45 3.97 30.88
CA LYS B 452 53.01 2.64 31.06
C LYS B 452 52.00 1.58 30.63
N GLY B 453 52.47 0.61 29.84
CA GLY B 453 51.63 -0.51 29.47
C GLY B 453 51.50 -1.47 30.63
N LEU B 454 50.26 -1.69 31.10
CA LEU B 454 50.05 -2.56 32.25
C LEU B 454 50.13 -4.02 31.85
N ARG B 455 49.29 -4.45 30.90
CA ARG B 455 49.24 -5.85 30.49
C ARG B 455 48.53 -5.94 29.14
N VAL B 456 48.60 -7.12 28.55
CA VAL B 456 47.91 -7.40 27.29
C VAL B 456 46.58 -8.05 27.62
N LEU B 457 45.49 -7.46 27.15
CA LEU B 457 44.15 -7.97 27.47
C LEU B 457 43.73 -9.08 26.50
N GLU B 458 44.05 -8.93 25.22
CA GLU B 458 43.67 -9.92 24.22
C GLU B 458 44.58 -9.76 23.01
N ASP B 459 45.24 -10.84 22.61
CA ASP B 459 46.15 -10.82 21.47
C ASP B 459 45.69 -11.68 20.30
N ASN B 460 44.54 -12.36 20.43
CA ASN B 460 43.99 -13.19 19.36
C ASN B 460 44.96 -14.27 18.90
N SER B 461 45.79 -14.76 19.81
CA SER B 461 46.72 -15.84 19.46
C SER B 461 46.01 -17.17 19.28
N ALA B 462 44.82 -17.34 19.86
CA ALA B 462 44.04 -18.54 19.61
C ALA B 462 43.59 -18.62 18.15
N LEU B 463 43.08 -17.51 17.62
CA LEU B 463 42.75 -17.46 16.20
C LEU B 463 44.00 -17.53 15.32
N ASP B 464 45.10 -16.94 15.79
CA ASP B 464 46.34 -16.94 15.00
C ASP B 464 46.79 -18.36 14.71
N LYS B 465 46.77 -19.24 15.72
CA LYS B 465 47.14 -20.63 15.51
C LYS B 465 46.23 -21.30 14.49
N MET B 466 44.93 -20.96 14.51
CA MET B 466 44.01 -21.54 13.55
C MET B 466 44.25 -21.02 12.14
N LEU B 467 44.63 -19.74 12.02
CA LEU B 467 44.78 -19.12 10.71
C LEU B 467 46.08 -19.52 10.00
N GLN B 468 46.97 -20.25 10.67
CA GLN B 468 48.17 -20.72 10.00
C GLN B 468 47.93 -22.01 9.22
N ASN B 469 46.83 -22.71 9.48
CA ASN B 469 46.48 -23.87 8.67
C ASN B 469 45.94 -23.44 7.30
N VAL B 470 45.41 -22.24 7.19
CA VAL B 470 44.72 -21.77 5.99
C VAL B 470 45.59 -20.76 5.26
N GLN B 471 45.60 -20.85 3.93
CA GLN B 471 46.30 -19.90 3.08
C GLN B 471 45.55 -18.57 3.09
N MET B 472 46.03 -17.61 3.85
CA MET B 472 45.30 -16.36 3.92
C MET B 472 45.85 -15.36 2.90
N PRO B 473 44.98 -14.51 2.36
CA PRO B 473 45.44 -13.47 1.43
C PRO B 473 46.17 -12.35 2.16
N SER B 474 46.91 -11.57 1.39
CA SER B 474 47.62 -10.41 1.92
C SER B 474 46.89 -9.14 1.53
N LYS B 475 47.44 -8.00 1.95
CA LYS B 475 46.82 -6.70 1.69
C LYS B 475 47.89 -5.66 1.41
N LYS B 476 47.74 -4.96 0.29
CA LYS B 476 48.64 -3.89 -0.09
C LYS B 476 47.90 -2.56 -0.02
N LEU B 477 48.47 -1.61 0.71
CA LEU B 477 47.91 -0.27 0.85
C LEU B 477 48.89 0.73 0.25
N ASP B 478 48.62 1.20 -0.96
CA ASP B 478 49.51 2.12 -1.63
C ASP B 478 48.72 3.31 -2.18
N PHE B 479 49.37 4.17 -2.97
CA PHE B 479 48.72 5.34 -3.54
C PHE B 479 49.19 5.54 -4.97
N ILE B 480 48.31 6.15 -5.78
CA ILE B 480 48.65 6.59 -7.12
C ILE B 480 48.42 8.10 -7.19
N ILE B 481 48.88 8.70 -8.28
CA ILE B 481 48.89 10.15 -8.43
C ILE B 481 47.97 10.54 -9.58
N LEU B 482 47.03 11.44 -9.30
CA LEU B 482 46.13 11.99 -10.31
C LEU B 482 46.10 13.51 -10.15
N ASN B 483 46.41 14.22 -11.23
CA ASN B 483 46.43 15.68 -11.24
C ASN B 483 47.31 16.21 -10.10
N GLU B 484 48.44 15.53 -9.87
CA GLU B 484 49.39 15.90 -8.83
C GLU B 484 48.73 15.88 -7.44
N THR B 485 48.11 14.76 -7.12
CA THR B 485 47.48 14.56 -5.82
C THR B 485 47.49 13.08 -5.50
N LYS B 486 47.90 12.74 -4.27
CA LYS B 486 47.95 11.34 -3.86
C LYS B 486 46.55 10.82 -3.58
N PHE B 487 46.21 9.67 -4.18
CA PHE B 487 44.94 9.01 -3.95
C PHE B 487 45.20 7.56 -3.58
N TRP B 488 44.71 7.15 -2.42
CA TRP B 488 45.09 5.88 -1.83
C TRP B 488 44.16 4.75 -2.26
N TYR B 489 44.74 3.57 -2.43
CA TYR B 489 43.99 2.37 -2.79
C TYR B 489 44.50 1.20 -1.96
N GLN B 490 43.67 0.17 -1.86
CA GLN B 490 44.04 -1.07 -1.20
C GLN B 490 43.65 -2.24 -2.09
N MET B 491 44.35 -3.36 -1.90
CA MET B 491 44.14 -4.55 -2.72
C MET B 491 44.29 -5.80 -1.88
N ILE B 492 43.32 -6.70 -2.00
CA ILE B 492 43.38 -8.01 -1.34
C ILE B 492 44.02 -8.97 -2.33
N LEU B 493 45.30 -9.27 -2.11
CA LEU B 493 46.08 -10.10 -3.02
C LEU B 493 45.94 -11.57 -2.68
N PRO B 494 45.78 -12.43 -3.68
CA PRO B 494 45.63 -13.87 -3.42
C PRO B 494 46.88 -14.43 -2.76
N PRO B 495 46.76 -15.58 -2.08
CA PRO B 495 47.95 -16.23 -1.53
C PRO B 495 48.87 -16.70 -2.64
N HIS B 496 50.17 -16.70 -2.35
CA HIS B 496 51.21 -16.99 -3.33
C HIS B 496 51.09 -16.05 -4.53
N PHE B 497 50.86 -14.76 -4.24
CA PHE B 497 50.66 -13.78 -5.29
C PHE B 497 51.91 -13.66 -6.17
N ASP B 498 51.68 -13.63 -7.48
CA ASP B 498 52.74 -13.62 -8.47
C ASP B 498 52.68 -12.33 -9.25
N LYS B 499 53.73 -11.51 -9.14
CA LYS B 499 53.80 -10.26 -9.89
C LYS B 499 53.86 -10.49 -11.40
N SER B 500 54.28 -11.68 -11.83
CA SER B 500 54.36 -11.99 -13.26
C SER B 500 53.09 -12.59 -13.81
N LYS B 501 52.19 -13.06 -12.97
CA LYS B 501 50.93 -13.65 -13.40
C LYS B 501 49.82 -12.61 -13.36
N LYS B 502 48.89 -12.73 -14.29
CA LYS B 502 47.76 -11.81 -14.40
C LYS B 502 46.54 -12.40 -13.70
N TYR B 503 45.82 -11.55 -12.97
CA TYR B 503 44.68 -11.93 -12.16
C TYR B 503 43.46 -11.11 -12.55
N PRO B 504 42.26 -11.66 -12.37
CA PRO B 504 41.05 -10.84 -12.49
C PRO B 504 40.88 -9.94 -11.27
N LEU B 505 40.36 -8.74 -11.52
CA LEU B 505 40.23 -7.73 -10.49
C LEU B 505 38.75 -7.42 -10.26
N LEU B 506 38.35 -7.38 -8.99
CA LEU B 506 37.03 -6.94 -8.58
C LEU B 506 37.17 -5.66 -7.77
N LEU B 507 36.54 -4.59 -8.25
CA LEU B 507 36.61 -3.29 -7.60
C LEU B 507 35.46 -3.17 -6.59
N ASP B 508 35.81 -3.14 -5.31
CA ASP B 508 34.85 -2.89 -4.23
C ASP B 508 34.72 -1.37 -4.05
N VAL B 509 33.48 -0.89 -4.00
CA VAL B 509 33.24 0.54 -4.08
C VAL B 509 32.12 0.95 -3.12
N TYR B 510 32.30 2.10 -2.49
CA TYR B 510 31.23 2.85 -1.84
C TYR B 510 31.28 4.29 -2.35
N ALA B 511 32.43 4.94 -2.17
CA ALA B 511 32.75 6.22 -2.79
C ALA B 511 31.77 7.33 -2.42
N GLY B 512 31.11 7.19 -1.28
CA GLY B 512 30.23 8.24 -0.79
C GLY B 512 31.03 9.41 -0.25
N PRO B 513 30.30 10.48 0.09
CA PRO B 513 30.96 11.64 0.71
C PRO B 513 31.56 11.29 2.06
N CYS B 514 32.82 11.67 2.23
CA CYS B 514 33.60 11.39 3.44
C CYS B 514 33.70 9.89 3.70
N SER B 515 33.84 9.12 2.63
CA SER B 515 34.06 7.69 2.75
C SER B 515 35.56 7.38 2.82
N GLN B 516 35.87 6.15 3.19
CA GLN B 516 37.26 5.70 3.20
C GLN B 516 37.25 4.17 3.16
N LYS B 517 37.45 3.61 1.96
CA LYS B 517 37.51 2.17 1.78
C LYS B 517 38.94 1.66 1.72
N ALA B 518 39.94 2.54 1.81
CA ALA B 518 41.35 2.16 1.85
C ALA B 518 41.87 2.46 3.25
N ASP B 519 42.10 1.40 4.03
CA ASP B 519 42.51 1.55 5.41
C ASP B 519 43.37 0.36 5.81
N THR B 520 43.83 0.38 7.06
CA THR B 520 44.64 -0.70 7.63
C THR B 520 43.84 -1.59 8.57
N VAL B 521 42.55 -1.75 8.33
CA VAL B 521 41.69 -2.54 9.19
C VAL B 521 41.68 -3.99 8.72
N PHE B 522 41.96 -4.92 9.63
CA PHE B 522 41.87 -6.33 9.32
C PHE B 522 40.41 -6.76 9.28
N ARG B 523 40.02 -7.45 8.21
CA ARG B 523 38.64 -7.88 8.02
C ARG B 523 38.60 -9.27 7.44
N LEU B 524 37.76 -10.13 8.00
CA LEU B 524 37.43 -11.44 7.42
C LEU B 524 36.07 -11.28 6.76
N ASN B 525 36.08 -11.14 5.43
CA ASN B 525 34.88 -10.77 4.70
C ASN B 525 34.77 -11.63 3.44
N TRP B 526 33.85 -11.23 2.57
CA TRP B 526 33.69 -11.92 1.28
C TRP B 526 34.94 -11.77 0.43
N ALA B 527 35.57 -10.59 0.47
CA ALA B 527 36.79 -10.37 -0.30
C ALA B 527 37.91 -11.31 0.13
N THR B 528 37.91 -11.74 1.39
CA THR B 528 38.89 -12.72 1.83
C THR B 528 38.73 -14.05 1.10
N TYR B 529 37.49 -14.51 0.95
CA TYR B 529 37.24 -15.75 0.23
C TYR B 529 37.53 -15.60 -1.26
N LEU B 530 37.17 -14.45 -1.84
CA LEU B 530 37.39 -14.25 -3.27
C LEU B 530 38.88 -14.21 -3.61
N ALA B 531 39.71 -13.80 -2.66
CA ALA B 531 41.15 -13.79 -2.89
C ALA B 531 41.82 -15.10 -2.51
N SER B 532 41.42 -15.68 -1.37
CA SER B 532 42.05 -16.92 -0.91
C SER B 532 41.68 -18.10 -1.79
N THR B 533 40.41 -18.22 -2.15
CA THR B 533 39.92 -19.39 -2.88
C THR B 533 39.83 -19.17 -4.39
N GLU B 534 39.37 -18.00 -4.83
CA GLU B 534 39.18 -17.74 -6.25
C GLU B 534 40.36 -17.03 -6.90
N ASN B 535 41.38 -16.67 -6.13
CA ASN B 535 42.56 -15.98 -6.64
C ASN B 535 42.18 -14.69 -7.38
N ILE B 536 41.20 -13.97 -6.82
CA ILE B 536 40.72 -12.71 -7.39
C ILE B 536 41.31 -11.56 -6.58
N ILE B 537 41.83 -10.56 -7.28
CA ILE B 537 42.28 -9.32 -6.64
C ILE B 537 41.06 -8.45 -6.38
N VAL B 538 40.85 -8.08 -5.13
CA VAL B 538 39.75 -7.19 -4.74
C VAL B 538 40.35 -5.86 -4.31
N ALA B 539 40.01 -4.81 -5.04
CA ALA B 539 40.60 -3.49 -4.82
C ALA B 539 39.54 -2.48 -4.45
N SER B 540 39.94 -1.50 -3.65
CA SER B 540 39.12 -0.35 -3.31
C SER B 540 39.95 0.92 -3.50
N PHE B 541 39.25 2.03 -3.72
CA PHE B 541 39.93 3.27 -4.08
C PHE B 541 39.14 4.46 -3.55
N ASP B 542 39.84 5.37 -2.90
CA ASP B 542 39.24 6.59 -2.34
C ASP B 542 39.64 7.76 -3.24
N GLY B 543 38.77 8.10 -4.18
CA GLY B 543 38.98 9.23 -5.07
C GLY B 543 38.46 10.52 -4.48
N ARG B 544 38.05 11.42 -5.36
CA ARG B 544 37.47 12.68 -4.91
C ARG B 544 36.13 12.44 -4.23
N GLY B 545 35.90 13.16 -3.13
CA GLY B 545 34.76 12.96 -2.28
C GLY B 545 35.05 12.19 -1.00
N SER B 546 36.14 11.43 -0.97
CA SER B 546 36.52 10.73 0.24
C SER B 546 37.02 11.71 1.30
N GLY B 547 36.90 11.29 2.56
CA GLY B 547 37.20 12.16 3.68
C GLY B 547 38.57 11.89 4.30
N TYR B 548 38.82 12.57 5.42
CA TYR B 548 40.04 12.44 6.21
C TYR B 548 41.28 12.88 5.44
N GLN B 549 41.11 13.69 4.40
CA GLN B 549 42.24 14.16 3.59
C GLN B 549 42.15 15.64 3.26
N GLY B 550 41.25 16.38 3.89
CA GLY B 550 41.06 17.78 3.58
C GLY B 550 39.76 18.00 2.82
N ASP B 551 39.29 19.25 2.86
CA ASP B 551 38.02 19.61 2.23
C ASP B 551 38.14 19.73 0.72
N LYS B 552 39.33 19.98 0.17
CA LYS B 552 39.47 20.11 -1.27
C LYS B 552 39.18 18.78 -1.98
N ILE B 553 39.59 17.67 -1.39
CA ILE B 553 39.26 16.37 -1.95
C ILE B 553 37.81 15.98 -1.63
N MET B 554 37.30 16.38 -0.46
CA MET B 554 35.97 15.97 -0.02
C MET B 554 34.87 16.85 -0.58
N HIS B 555 34.95 18.17 -0.38
CA HIS B 555 33.95 19.10 -0.91
C HIS B 555 34.06 19.30 -2.42
N ALA B 556 34.70 18.37 -3.13
CA ALA B 556 34.80 18.44 -4.59
C ALA B 556 33.52 17.98 -5.29
N ILE B 557 32.80 17.04 -4.68
CA ILE B 557 31.55 16.54 -5.24
C ILE B 557 30.35 17.33 -4.72
N ASN B 558 30.58 18.50 -4.15
CA ASN B 558 29.49 19.30 -3.61
C ASN B 558 28.57 19.77 -4.73
N ARG B 559 27.26 19.52 -4.57
CA ARG B 559 26.24 19.88 -5.55
C ARG B 559 26.45 19.18 -6.90
N ARG B 560 27.21 18.10 -6.91
CA ARG B 560 27.48 17.37 -8.15
C ARG B 560 27.80 15.91 -7.83
N LEU B 561 26.92 15.26 -7.08
CA LEU B 561 27.05 13.83 -6.84
C LEU B 561 26.84 13.05 -8.14
N GLY B 562 27.57 11.95 -8.28
CA GLY B 562 27.57 11.16 -9.49
C GLY B 562 28.53 11.62 -10.56
N THR B 563 29.47 12.52 -10.22
CA THR B 563 30.40 13.05 -11.20
C THR B 563 31.79 12.55 -10.87
N PHE B 564 32.60 13.29 -10.10
CA PHE B 564 34.02 12.96 -9.95
C PHE B 564 34.23 11.64 -9.23
N GLU B 565 33.34 11.27 -8.30
CA GLU B 565 33.49 10.00 -7.61
C GLU B 565 33.31 8.82 -8.57
N VAL B 566 32.46 8.98 -9.59
CA VAL B 566 32.31 7.94 -10.60
C VAL B 566 33.50 7.92 -11.55
N GLU B 567 33.94 9.10 -11.99
CA GLU B 567 35.05 9.17 -12.93
C GLU B 567 36.34 8.67 -12.31
N ASP B 568 36.56 8.93 -11.02
CA ASP B 568 37.81 8.54 -10.39
C ASP B 568 37.88 7.03 -10.14
N GLN B 569 36.74 6.39 -9.91
CA GLN B 569 36.72 4.93 -9.82
C GLN B 569 37.12 4.30 -11.15
N ILE B 570 36.62 4.87 -12.26
CA ILE B 570 37.00 4.36 -13.57
C ILE B 570 38.47 4.63 -13.85
N GLU B 571 38.95 5.82 -13.48
CA GLU B 571 40.36 6.16 -13.69
C GLU B 571 41.26 5.24 -12.88
N ALA B 572 40.85 4.86 -11.67
CA ALA B 572 41.64 3.94 -10.87
C ALA B 572 41.69 2.55 -11.51
N ALA B 573 40.57 2.09 -12.04
CA ALA B 573 40.54 0.79 -12.72
C ALA B 573 41.41 0.81 -13.97
N ARG B 574 41.47 1.94 -14.67
CA ARG B 574 42.39 2.06 -15.80
C ARG B 574 43.84 1.92 -15.34
N GLN B 575 44.20 2.65 -14.29
CA GLN B 575 45.57 2.59 -13.78
C GLN B 575 45.90 1.23 -13.19
N PHE B 576 44.91 0.56 -12.59
CA PHE B 576 45.14 -0.80 -12.12
C PHE B 576 45.40 -1.76 -13.26
N SER B 577 44.76 -1.55 -14.41
CA SER B 577 44.93 -2.44 -15.56
C SER B 577 46.28 -2.24 -16.24
N LYS B 578 46.86 -1.04 -16.18
CA LYS B 578 48.18 -0.83 -16.77
C LYS B 578 49.25 -1.60 -16.02
N MET B 579 49.03 -1.89 -14.74
CA MET B 579 49.91 -2.78 -14.00
C MET B 579 49.85 -4.18 -14.61
N GLY B 580 50.94 -4.93 -14.46
CA GLY B 580 51.12 -6.19 -15.14
C GLY B 580 50.59 -7.43 -14.46
N PHE B 581 49.85 -7.29 -13.35
CA PHE B 581 49.25 -8.43 -12.68
C PHE B 581 47.73 -8.43 -12.77
N VAL B 582 47.15 -7.62 -13.66
CA VAL B 582 45.71 -7.48 -13.78
C VAL B 582 45.31 -7.82 -15.21
N ASP B 583 44.47 -8.84 -15.36
CA ASP B 583 43.86 -9.12 -16.65
C ASP B 583 42.88 -8.01 -16.98
N ASN B 584 43.26 -7.13 -17.92
CA ASN B 584 42.43 -6.00 -18.27
C ASN B 584 41.13 -6.41 -18.96
N LYS B 585 40.90 -7.71 -19.17
CA LYS B 585 39.66 -8.20 -19.75
C LYS B 585 38.74 -8.84 -18.72
N ARG B 586 39.16 -8.96 -17.45
CA ARG B 586 38.35 -9.53 -16.39
C ARG B 586 38.37 -8.58 -15.19
N ILE B 587 37.69 -7.44 -15.33
CA ILE B 587 37.56 -6.45 -14.28
C ILE B 587 36.08 -6.24 -13.98
N ALA B 588 35.72 -6.30 -12.70
CA ALA B 588 34.33 -6.13 -12.27
C ALA B 588 34.26 -5.05 -11.21
N ILE B 589 33.03 -4.70 -10.83
CA ILE B 589 32.79 -3.65 -9.84
C ILE B 589 31.45 -3.94 -9.16
N TRP B 590 31.45 -3.88 -7.82
CA TRP B 590 30.24 -4.16 -7.06
C TRP B 590 30.17 -3.21 -5.87
N GLY B 591 28.94 -2.89 -5.47
CA GLY B 591 28.73 -1.94 -4.38
C GLY B 591 27.36 -2.07 -3.76
N TRP B 592 27.23 -1.44 -2.61
CA TRP B 592 26.01 -1.44 -1.80
C TRP B 592 25.65 -0.01 -1.46
N SER B 593 24.34 0.28 -1.52
CA SER B 593 23.77 1.61 -1.25
C SER B 593 24.43 2.63 -2.16
N TYR B 594 25.19 3.60 -1.65
CA TYR B 594 25.92 4.53 -2.53
C TYR B 594 26.87 3.80 -3.47
N GLY B 595 27.49 2.70 -2.99
CA GLY B 595 28.31 1.89 -3.86
C GLY B 595 27.54 1.27 -5.00
N GLY B 596 26.28 0.90 -4.76
CA GLY B 596 25.43 0.46 -5.84
C GLY B 596 25.15 1.57 -6.84
N TYR B 597 24.94 2.79 -6.34
CA TYR B 597 24.78 3.94 -7.22
C TYR B 597 26.02 4.17 -8.06
N VAL B 598 27.20 4.12 -7.43
CA VAL B 598 28.45 4.32 -8.17
C VAL B 598 28.66 3.18 -9.15
N THR B 599 28.44 1.93 -8.72
CA THR B 599 28.59 0.79 -9.62
C THR B 599 27.70 0.94 -10.84
N SER B 600 26.43 1.33 -10.63
CA SER B 600 25.50 1.48 -11.74
C SER B 600 25.92 2.63 -12.65
N MET B 601 26.26 3.79 -12.05
CA MET B 601 26.72 4.91 -12.86
C MET B 601 28.00 4.58 -13.60
N VAL B 602 28.87 3.76 -13.01
CA VAL B 602 30.08 3.33 -13.69
C VAL B 602 29.75 2.41 -14.85
N LEU B 603 28.88 1.43 -14.60
CA LEU B 603 28.52 0.46 -15.64
C LEU B 603 27.76 1.11 -16.79
N GLY B 604 27.18 2.28 -16.58
CA GLY B 604 26.45 2.95 -17.64
C GLY B 604 27.22 4.13 -18.22
N SER B 605 28.51 4.19 -17.96
CA SER B 605 29.33 5.31 -18.42
C SER B 605 29.85 5.13 -19.84
N GLY B 606 29.86 3.92 -20.37
CA GLY B 606 30.42 3.68 -21.69
C GLY B 606 31.93 3.63 -21.75
N SER B 607 32.61 3.55 -20.59
CA SER B 607 34.06 3.56 -20.59
C SER B 607 34.65 2.27 -21.15
N GLY B 608 33.90 1.17 -21.14
CA GLY B 608 34.41 -0.08 -21.65
C GLY B 608 35.51 -0.70 -20.84
N VAL B 609 35.67 -0.29 -19.58
CA VAL B 609 36.72 -0.84 -18.74
C VAL B 609 36.25 -2.09 -17.99
N PHE B 610 34.99 -2.16 -17.61
CA PHE B 610 34.46 -3.23 -16.77
C PHE B 610 33.66 -4.21 -17.60
N LYS B 611 33.78 -5.50 -17.25
CA LYS B 611 33.08 -6.58 -17.95
C LYS B 611 31.72 -6.85 -17.35
N CYS B 612 31.58 -6.76 -16.03
CA CYS B 612 30.33 -7.02 -15.36
C CYS B 612 30.27 -6.19 -14.08
N GLY B 613 29.14 -6.25 -13.39
CA GLY B 613 28.96 -5.50 -12.17
C GLY B 613 27.74 -5.89 -11.36
N ILE B 614 27.80 -5.72 -10.05
CA ILE B 614 26.71 -6.07 -9.14
C ILE B 614 26.32 -4.82 -8.35
N ALA B 615 25.03 -4.48 -8.37
CA ALA B 615 24.51 -3.36 -7.61
C ALA B 615 23.47 -3.88 -6.63
N VAL B 616 23.73 -3.65 -5.34
CA VAL B 616 22.87 -4.16 -4.26
C VAL B 616 22.23 -2.96 -3.57
N ALA B 617 20.91 -2.90 -3.64
CA ALA B 617 20.13 -1.80 -3.08
C ALA B 617 20.69 -0.43 -3.48
N PRO B 618 20.79 -0.14 -4.77
CA PRO B 618 21.40 1.13 -5.19
C PRO B 618 20.43 2.28 -5.17
N VAL B 619 20.96 3.46 -4.84
CA VAL B 619 20.26 4.70 -5.13
C VAL B 619 20.29 4.92 -6.64
N SER B 620 19.14 5.27 -7.22
CA SER B 620 19.04 5.48 -8.65
C SER B 620 18.70 6.91 -9.04
N ARG B 621 17.98 7.63 -8.19
CA ARG B 621 17.58 9.01 -8.47
C ARG B 621 17.57 9.74 -7.14
N TRP B 622 18.34 10.83 -7.04
CA TRP B 622 18.51 11.49 -5.76
C TRP B 622 17.24 12.16 -5.24
N GLU B 623 16.21 12.29 -6.08
CA GLU B 623 14.90 12.71 -5.58
C GLU B 623 14.17 11.59 -4.86
N TYR B 624 14.69 10.37 -4.89
CA TYR B 624 14.08 9.25 -4.19
C TYR B 624 14.62 9.06 -2.78
N TYR B 625 15.79 9.61 -2.47
CA TYR B 625 16.37 9.43 -1.16
C TYR B 625 15.92 10.55 -0.22
N ASP B 626 16.25 10.39 1.07
CA ASP B 626 15.70 11.28 2.09
C ASP B 626 16.35 12.66 2.01
N SER B 627 15.68 13.63 2.65
CA SER B 627 16.04 15.03 2.45
C SER B 627 17.31 15.40 3.19
N VAL B 628 17.49 14.90 4.42
CA VAL B 628 18.63 15.31 5.24
C VAL B 628 19.94 14.92 4.56
N TYR B 629 20.02 13.68 4.08
CA TYR B 629 21.25 13.22 3.44
C TYR B 629 21.44 13.87 2.07
N THR B 630 20.39 13.87 1.24
CA THR B 630 20.53 14.30 -0.14
C THR B 630 20.76 15.80 -0.23
N GLU B 631 19.92 16.60 0.43
CA GLU B 631 20.07 18.05 0.38
C GLU B 631 21.36 18.54 1.01
N ARG B 632 21.99 17.71 1.86
CA ARG B 632 23.27 18.10 2.44
C ARG B 632 24.33 18.27 1.38
N TYR B 633 24.31 17.42 0.35
CA TYR B 633 25.31 17.45 -0.71
C TYR B 633 24.79 18.02 -2.02
N MET B 634 23.49 17.91 -2.29
CA MET B 634 22.92 18.34 -3.57
C MET B 634 22.12 19.63 -3.48
N GLY B 635 21.47 19.91 -2.37
CA GLY B 635 20.61 21.06 -2.28
C GLY B 635 19.16 20.71 -2.53
N LEU B 636 18.38 21.73 -2.81
CA LEU B 636 16.95 21.51 -3.04
C LEU B 636 16.70 21.22 -4.52
N PRO B 637 16.00 20.14 -4.85
CA PRO B 637 15.69 19.87 -6.26
C PRO B 637 14.67 20.86 -6.81
N THR B 638 15.07 22.13 -6.88
CA THR B 638 14.24 23.20 -7.39
C THR B 638 14.91 23.86 -8.59
N PRO B 639 14.14 24.44 -9.51
CA PRO B 639 14.76 25.13 -10.66
C PRO B 639 15.66 26.29 -10.23
N GLU B 640 15.52 26.78 -9.00
CA GLU B 640 16.34 27.88 -8.50
C GLU B 640 17.53 27.41 -7.67
N ASP B 641 17.80 26.10 -7.64
CA ASP B 641 18.92 25.57 -6.88
C ASP B 641 19.75 24.62 -7.72
N ASN B 642 19.43 23.33 -7.68
CA ASN B 642 20.28 22.33 -8.33
C ASN B 642 19.46 21.21 -8.97
N LEU B 643 18.24 21.51 -9.41
CA LEU B 643 17.43 20.48 -10.07
C LEU B 643 18.11 19.98 -11.34
N ASP B 644 18.83 20.85 -12.05
CA ASP B 644 19.50 20.43 -13.28
C ASP B 644 20.54 19.35 -13.00
N HIS B 645 21.29 19.49 -11.91
CA HIS B 645 22.20 18.42 -11.50
C HIS B 645 21.47 17.22 -10.92
N TYR B 646 20.25 17.41 -10.38
CA TYR B 646 19.48 16.30 -9.86
C TYR B 646 19.10 15.33 -10.97
N ARG B 647 18.79 15.84 -12.17
CA ARG B 647 18.36 15.01 -13.28
C ARG B 647 19.51 14.56 -14.18
N ASN B 648 20.63 15.29 -14.16
CA ASN B 648 21.82 14.89 -14.90
C ASN B 648 22.52 13.71 -14.25
N SER B 649 22.15 13.34 -13.02
CA SER B 649 22.88 12.32 -12.28
C SER B 649 22.01 11.13 -11.91
N THR B 650 21.24 10.62 -12.86
CA THR B 650 20.40 9.45 -12.64
C THR B 650 20.98 8.24 -13.36
N VAL B 651 20.75 7.06 -12.78
CA VAL B 651 21.15 5.83 -13.44
C VAL B 651 20.28 5.57 -14.65
N MET B 652 19.01 5.99 -14.60
CA MET B 652 18.07 5.72 -15.69
C MET B 652 18.51 6.38 -16.99
N SER B 653 19.13 7.56 -16.92
CA SER B 653 19.58 8.24 -18.14
C SER B 653 20.66 7.47 -18.86
N ARG B 654 21.39 6.60 -18.15
CA ARG B 654 22.49 5.84 -18.74
C ARG B 654 22.10 4.40 -19.08
N ALA B 655 20.84 4.19 -19.48
CA ALA B 655 20.33 2.83 -19.65
C ALA B 655 20.90 2.18 -20.90
N GLU B 656 21.07 2.94 -21.98
CA GLU B 656 21.55 2.37 -23.24
C GLU B 656 22.96 1.79 -23.11
N ASN B 657 23.80 2.40 -22.27
CA ASN B 657 25.18 1.96 -22.15
C ASN B 657 25.31 0.63 -21.43
N PHE B 658 24.25 0.13 -20.81
CA PHE B 658 24.32 -1.17 -20.14
C PHE B 658 24.39 -2.33 -21.13
N LYS B 659 24.19 -2.08 -22.42
CA LYS B 659 24.36 -3.11 -23.43
C LYS B 659 25.79 -3.64 -23.52
N GLN B 660 26.75 -2.94 -22.91
CA GLN B 660 28.15 -3.34 -22.97
C GLN B 660 28.58 -4.22 -21.81
N VAL B 661 27.78 -4.32 -20.75
CA VAL B 661 28.18 -5.01 -19.54
C VAL B 661 27.11 -6.03 -19.15
N GLU B 662 27.51 -6.96 -18.28
CA GLU B 662 26.59 -7.89 -17.63
C GLU B 662 26.26 -7.34 -16.25
N TYR B 663 25.00 -7.01 -16.03
CA TYR B 663 24.57 -6.25 -14.85
C TYR B 663 23.67 -7.11 -13.98
N LEU B 664 23.95 -7.13 -12.68
CA LEU B 664 23.17 -7.88 -11.69
C LEU B 664 22.62 -6.90 -10.67
N LEU B 665 21.29 -6.83 -10.55
CA LEU B 665 20.60 -5.88 -9.70
C LEU B 665 19.90 -6.63 -8.58
N ILE B 666 20.22 -6.29 -7.33
CA ILE B 666 19.67 -6.96 -6.16
C ILE B 666 19.09 -5.90 -5.23
N HIS B 667 17.93 -6.20 -4.64
CA HIS B 667 17.26 -5.26 -3.75
C HIS B 667 16.23 -6.01 -2.91
N GLY B 668 16.07 -5.56 -1.68
CA GLY B 668 15.07 -6.12 -0.79
C GLY B 668 13.75 -5.37 -0.83
N THR B 669 12.66 -6.12 -0.67
CA THR B 669 11.33 -5.53 -0.81
C THR B 669 11.01 -4.59 0.36
N ALA B 670 11.50 -4.90 1.55
CA ALA B 670 11.19 -4.14 2.75
C ALA B 670 12.26 -3.13 3.12
N ASP B 671 12.92 -2.54 2.13
CA ASP B 671 13.97 -1.57 2.39
C ASP B 671 13.35 -0.23 2.73
N ASP B 672 13.45 0.17 4.00
CA ASP B 672 12.99 1.48 4.43
C ASP B 672 13.99 2.58 4.11
N ASN B 673 15.25 2.23 3.85
CA ASN B 673 16.29 3.21 3.59
C ASN B 673 16.31 3.60 2.11
N VAL B 674 16.89 2.74 1.27
CA VAL B 674 16.87 2.90 -0.17
C VAL B 674 15.70 2.07 -0.67
N HIS B 675 14.56 2.73 -0.92
CA HIS B 675 13.33 2.02 -1.22
C HIS B 675 13.47 1.20 -2.50
N PHE B 676 12.75 0.06 -2.52
CA PHE B 676 12.72 -0.79 -3.71
C PHE B 676 12.29 -0.02 -4.96
N GLN B 677 11.59 1.10 -4.77
CA GLN B 677 11.26 2.00 -5.88
C GLN B 677 12.48 2.31 -6.74
N GLN B 678 13.66 2.46 -6.11
CA GLN B 678 14.85 2.86 -6.85
C GLN B 678 15.28 1.79 -7.84
N SER B 679 15.36 0.53 -7.39
CA SER B 679 15.70 -0.55 -8.31
C SER B 679 14.56 -0.83 -9.29
N ALA B 680 13.32 -0.58 -8.86
CA ALA B 680 12.19 -0.78 -9.77
C ALA B 680 12.25 0.19 -10.95
N GLN B 681 12.82 1.37 -10.75
CA GLN B 681 12.95 2.33 -11.85
C GLN B 681 14.17 2.04 -12.71
N ILE B 682 15.21 1.43 -12.13
CA ILE B 682 16.36 1.01 -12.93
C ILE B 682 15.96 -0.11 -13.89
N SER B 683 15.33 -1.17 -13.35
CA SER B 683 14.94 -2.30 -14.18
C SER B 683 13.95 -1.89 -15.27
N LYS B 684 13.10 -0.91 -14.98
CA LYS B 684 12.15 -0.44 -15.99
C LYS B 684 12.88 0.30 -17.11
N ALA B 685 13.92 1.06 -16.77
CA ALA B 685 14.67 1.77 -17.79
C ALA B 685 15.47 0.81 -18.67
N LEU B 686 16.01 -0.26 -18.07
CA LEU B 686 16.75 -1.24 -18.86
C LEU B 686 15.83 -2.03 -19.78
N VAL B 687 14.57 -2.24 -19.37
CA VAL B 687 13.64 -3.00 -20.19
C VAL B 687 13.15 -2.18 -21.37
N ASP B 688 12.94 -0.88 -21.17
CA ASP B 688 12.42 0.00 -22.21
C ASP B 688 13.47 0.42 -23.23
N VAL B 689 14.65 -0.16 -23.21
CA VAL B 689 15.72 0.26 -24.10
C VAL B 689 16.43 -0.97 -24.67
N GLY B 690 16.00 -2.14 -24.25
CA GLY B 690 16.48 -3.39 -24.82
C GLY B 690 17.68 -4.01 -24.15
N VAL B 691 17.97 -3.64 -22.91
CA VAL B 691 19.13 -4.16 -22.19
C VAL B 691 18.71 -5.38 -21.39
N ASP B 692 19.42 -6.48 -21.58
CA ASP B 692 19.25 -7.66 -20.75
C ASP B 692 20.13 -7.54 -19.49
N PHE B 693 19.62 -8.10 -18.40
CA PHE B 693 20.30 -8.00 -17.12
C PHE B 693 19.74 -9.08 -16.20
N GLN B 694 20.51 -9.42 -15.18
CA GLN B 694 20.09 -10.37 -14.16
C GLN B 694 19.58 -9.60 -12.93
N ALA B 695 18.58 -10.18 -12.26
CA ALA B 695 17.94 -9.51 -11.14
C ALA B 695 17.68 -10.52 -10.03
N MET B 696 17.32 -9.99 -8.85
CA MET B 696 17.04 -10.80 -7.69
C MET B 696 16.37 -9.94 -6.61
N TRP B 697 15.15 -10.28 -6.22
CA TRP B 697 14.50 -9.63 -5.10
C TRP B 697 14.55 -10.54 -3.87
N TYR B 698 14.60 -9.91 -2.70
CA TYR B 698 14.61 -10.64 -1.43
C TYR B 698 13.39 -10.20 -0.62
N THR B 699 12.47 -11.14 -0.40
CA THR B 699 11.20 -10.83 0.23
C THR B 699 11.39 -10.43 1.68
N ASP B 700 10.80 -9.29 2.05
CA ASP B 700 10.75 -8.81 3.43
C ASP B 700 12.14 -8.57 4.03
N GLU B 701 13.14 -8.32 3.19
CA GLU B 701 14.48 -8.00 3.67
C GLU B 701 14.69 -6.48 3.63
N ASP B 702 15.53 -6.00 4.53
CA ASP B 702 15.77 -4.57 4.69
C ASP B 702 17.02 -4.16 3.89
N HIS B 703 17.59 -3.01 4.23
CA HIS B 703 18.76 -2.49 3.53
C HIS B 703 20.02 -3.31 3.76
N GLY B 704 19.98 -4.27 4.68
CA GLY B 704 21.16 -5.06 4.97
C GLY B 704 21.10 -6.48 4.42
N ILE B 705 19.90 -6.95 4.07
CA ILE B 705 19.66 -8.34 3.69
C ILE B 705 20.39 -9.22 4.69
N ALA B 706 20.15 -8.96 5.98
CA ALA B 706 21.00 -9.48 7.05
C ALA B 706 20.38 -10.66 7.79
N SER B 707 19.22 -11.15 7.37
CA SER B 707 18.74 -12.42 7.89
C SER B 707 19.74 -13.52 7.52
N SER B 708 19.87 -14.50 8.41
CA SER B 708 20.86 -15.56 8.20
C SER B 708 20.65 -16.25 6.86
N THR B 709 19.42 -16.69 6.59
CA THR B 709 19.13 -17.36 5.32
C THR B 709 19.36 -16.46 4.13
N ALA B 710 18.93 -15.20 4.22
CA ALA B 710 19.05 -14.29 3.08
C ALA B 710 20.49 -13.85 2.87
N HIS B 711 21.22 -13.59 3.96
CA HIS B 711 22.62 -13.16 3.84
C HIS B 711 23.46 -14.24 3.18
N GLN B 712 23.19 -15.51 3.49
CA GLN B 712 23.91 -16.60 2.83
C GLN B 712 23.49 -16.74 1.38
N HIS B 713 22.22 -16.46 1.07
CA HIS B 713 21.73 -16.66 -0.29
C HIS B 713 22.30 -15.62 -1.25
N ILE B 714 22.43 -14.36 -0.80
CA ILE B 714 22.86 -13.31 -1.71
C ILE B 714 24.36 -13.43 -2.00
N TYR B 715 25.16 -13.75 -0.98
CA TYR B 715 26.59 -13.91 -1.21
C TYR B 715 26.92 -15.18 -1.98
N THR B 716 26.04 -16.20 -1.92
CA THR B 716 26.21 -17.34 -2.80
C THR B 716 25.78 -17.01 -4.22
N HIS B 717 24.71 -16.23 -4.37
CA HIS B 717 24.27 -15.81 -5.70
C HIS B 717 25.27 -14.87 -6.34
N MET B 718 25.83 -13.95 -5.56
CA MET B 718 26.83 -13.02 -6.10
C MET B 718 28.14 -13.74 -6.43
N SER B 719 28.47 -14.82 -5.70
CA SER B 719 29.70 -15.55 -5.98
C SER B 719 29.62 -16.25 -7.33
N HIS B 720 28.47 -16.86 -7.65
CA HIS B 720 28.33 -17.53 -8.93
C HIS B 720 28.33 -16.53 -10.09
N PHE B 721 27.78 -15.33 -9.87
CA PHE B 721 27.79 -14.31 -10.92
C PHE B 721 29.21 -13.86 -11.24
N ILE B 722 30.07 -13.78 -10.23
CA ILE B 722 31.46 -13.38 -10.46
C ILE B 722 32.25 -14.52 -11.08
N LYS B 723 32.07 -15.74 -10.58
CA LYS B 723 32.81 -16.88 -11.10
C LYS B 723 32.45 -17.18 -12.55
N GLN B 724 31.22 -16.86 -12.97
CA GLN B 724 30.85 -17.02 -14.36
C GLN B 724 31.35 -15.87 -15.23
N CYS B 725 31.40 -14.66 -14.67
CA CYS B 725 31.89 -13.52 -15.43
C CYS B 725 33.41 -13.56 -15.57
N PHE B 726 34.12 -14.07 -14.56
CA PHE B 726 35.55 -14.25 -14.63
C PHE B 726 35.95 -15.61 -15.21
N SER B 727 34.97 -16.42 -15.62
CA SER B 727 35.22 -17.73 -16.21
C SER B 727 36.04 -18.63 -15.28
N LEU B 728 35.62 -18.66 -14.02
CA LEU B 728 36.22 -19.43 -12.93
C LEU B 728 35.46 -20.73 -12.69
N PRO B 729 36.17 -21.84 -12.45
CA PRO B 729 35.53 -23.13 -12.16
C PRO B 729 34.94 -23.19 -10.76
N LYS C 1 -16.53 67.00 35.88
CA LYS C 1 -16.51 65.73 35.18
C LYS C 1 -15.76 64.67 36.00
N GLU C 2 -16.15 63.41 35.85
CA GLU C 2 -15.57 62.30 36.59
C GLU C 2 -14.81 61.38 35.65
N CYS C 3 -13.65 60.89 36.10
CA CYS C 3 -12.86 59.93 35.34
C CYS C 3 -13.54 58.57 35.43
N ASP C 4 -14.08 58.08 34.32
CA ASP C 4 -14.72 56.78 34.29
C ASP C 4 -13.70 55.71 33.91
N PHE C 5 -13.82 54.54 34.55
CA PHE C 5 -12.91 53.42 34.34
C PHE C 5 -13.62 52.25 33.66
N THR C 6 -14.55 52.56 32.75
CA THR C 6 -15.36 51.53 32.12
C THR C 6 -14.55 50.51 31.34
N PRO C 7 -13.58 50.90 30.48
CA PRO C 7 -12.85 49.87 29.73
C PRO C 7 -12.08 48.89 30.59
N MET C 8 -11.84 49.21 31.86
CA MET C 8 -11.25 48.25 32.79
C MET C 8 -12.26 47.22 33.29
N LEU C 9 -13.56 47.50 33.13
CA LEU C 9 -14.60 46.66 33.69
C LEU C 9 -15.50 46.01 32.66
N VAL C 10 -15.44 46.44 31.39
CA VAL C 10 -16.26 45.86 30.34
C VAL C 10 -15.34 45.29 29.26
N GLY C 11 -15.85 44.29 28.53
CA GLY C 11 -15.09 43.65 27.49
C GLY C 11 -14.14 42.60 28.03
N VAL C 12 -13.24 42.18 27.15
CA VAL C 12 -12.21 41.19 27.49
C VAL C 12 -10.88 41.92 27.65
N PRO C 13 -10.15 41.71 28.74
CA PRO C 13 -8.90 42.45 28.96
C PRO C 13 -7.79 41.92 28.07
N PRO C 14 -6.84 42.77 27.69
CA PRO C 14 -5.76 42.32 26.81
C PRO C 14 -4.66 41.61 27.57
N GLN C 15 -3.74 41.02 26.82
CA GLN C 15 -2.61 40.32 27.41
C GLN C 15 -1.59 41.34 27.93
N VAL C 16 -0.55 40.81 28.60
CA VAL C 16 0.43 41.68 29.25
C VAL C 16 1.24 42.46 28.21
N TYR C 17 1.54 41.83 27.08
CA TYR C 17 2.31 42.49 26.02
C TYR C 17 1.46 43.45 25.20
N ASN C 18 0.14 43.46 25.39
CA ASN C 18 -0.77 44.33 24.68
C ASN C 18 -1.60 45.15 25.65
N PHE C 19 -0.96 45.62 26.72
CA PHE C 19 -1.69 46.29 27.80
C PHE C 19 -2.35 47.56 27.29
N LYS C 20 -3.59 47.78 27.74
CA LYS C 20 -4.28 49.03 27.43
C LYS C 20 -3.87 50.11 28.42
N ARG C 21 -3.78 51.34 27.93
CA ARG C 21 -3.29 52.46 28.72
C ARG C 21 -4.33 53.57 28.71
N LEU C 22 -4.87 53.88 29.88
CA LEU C 22 -5.81 54.98 30.06
C LEU C 22 -5.08 56.17 30.67
N VAL C 23 -5.28 57.35 30.09
CA VAL C 23 -4.72 58.59 30.60
C VAL C 23 -5.86 59.55 30.89
N PHE C 24 -5.86 60.12 32.10
CA PHE C 24 -6.96 60.93 32.59
C PHE C 24 -6.48 62.34 32.91
N THR C 25 -7.15 63.34 32.32
CA THR C 25 -6.89 64.74 32.59
C THR C 25 -8.22 65.48 32.74
N ASN C 26 -8.20 66.50 33.59
CA ASN C 26 -9.37 67.35 33.86
C ASN C 26 -10.60 66.51 34.21
N CYS C 27 -10.48 65.79 35.32
CA CYS C 27 -11.57 64.94 35.79
C CYS C 27 -11.34 64.62 37.26
N ASN C 28 -12.28 63.88 37.84
CA ASN C 28 -12.22 63.50 39.24
C ASN C 28 -12.40 61.99 39.38
N TYR C 29 -11.76 61.43 40.39
CA TYR C 29 -11.68 59.98 40.54
C TYR C 29 -12.11 59.56 41.95
N ASN C 30 -12.44 58.28 42.07
CA ASN C 30 -12.66 57.60 43.35
C ASN C 30 -11.85 56.31 43.28
N LEU C 31 -10.59 56.38 43.71
CA LEU C 31 -9.71 55.22 43.60
C LEU C 31 -10.20 54.05 44.44
N THR C 32 -10.61 54.32 45.68
CA THR C 32 -11.08 53.26 46.56
C THR C 32 -12.35 52.58 46.04
N LYS C 33 -13.13 53.27 45.20
CA LYS C 33 -14.32 52.65 44.63
C LYS C 33 -13.97 51.53 43.66
N LEU C 34 -12.85 51.68 42.93
CA LEU C 34 -12.47 50.66 41.96
C LEU C 34 -11.80 49.45 42.63
N LEU C 35 -10.94 49.70 43.62
CA LEU C 35 -10.32 48.59 44.34
C LEU C 35 -11.34 47.76 45.09
N SER C 36 -12.51 48.34 45.42
CA SER C 36 -13.58 47.56 46.04
C SER C 36 -14.15 46.56 45.05
N LEU C 37 -14.14 46.87 43.76
CA LEU C 37 -14.69 45.98 42.74
C LEU C 37 -13.84 44.74 42.53
N PHE C 38 -12.66 44.67 43.13
CA PHE C 38 -11.76 43.53 42.97
C PHE C 38 -11.34 43.02 44.34
N MET C 39 -10.79 41.82 44.36
CA MET C 39 -10.14 41.27 45.54
C MET C 39 -8.63 41.39 45.32
N VAL C 40 -8.07 42.50 45.79
CA VAL C 40 -6.66 42.77 45.54
C VAL C 40 -5.79 41.79 46.32
N ASN C 41 -4.72 41.33 45.67
CA ASN C 41 -3.76 40.44 46.29
C ASN C 41 -2.40 41.07 46.49
N GLU C 42 -2.18 42.26 45.95
CA GLU C 42 -0.94 43.01 46.11
C GLU C 42 -1.17 44.46 45.70
N PHE C 43 -0.68 45.41 46.52
CA PHE C 43 -0.86 46.84 46.26
C PHE C 43 0.41 47.56 46.74
N SER C 44 1.48 47.40 45.98
CA SER C 44 2.78 47.96 46.32
C SER C 44 3.01 49.24 45.54
N CYS C 45 3.33 50.31 46.25
CA CYS C 45 3.57 51.62 45.68
C CYS C 45 5.03 52.02 45.84
N ASN C 46 5.47 52.92 44.97
CA ASN C 46 6.84 53.42 44.98
C ASN C 46 6.82 54.87 44.56
N GLY C 47 7.28 55.76 45.45
CA GLY C 47 7.22 57.18 45.23
C GLY C 47 5.97 57.85 45.78
N ILE C 48 4.94 57.07 46.12
CA ILE C 48 3.72 57.58 46.71
C ILE C 48 3.21 56.54 47.70
N SER C 49 2.43 57.00 48.66
CA SER C 49 1.89 56.09 49.66
C SER C 49 0.65 55.37 49.12
N PRO C 50 0.42 54.13 49.55
CA PRO C 50 -0.82 53.44 49.14
C PRO C 50 -2.08 54.12 49.63
N ASP C 51 -1.98 55.05 50.58
CA ASP C 51 -3.11 55.85 51.00
C ASP C 51 -3.17 57.19 50.27
N ALA C 52 -2.02 57.89 50.17
CA ALA C 52 -1.99 59.19 49.52
C ALA C 52 -2.29 59.10 48.04
N ILE C 53 -2.18 57.91 47.44
CA ILE C 53 -2.49 57.76 46.03
C ILE C 53 -3.96 58.03 45.77
N ALA C 54 -4.82 57.82 46.77
CA ALA C 54 -6.25 57.99 46.63
C ALA C 54 -6.75 59.37 47.06
N ARG C 55 -5.86 60.25 47.53
CA ARG C 55 -6.27 61.54 48.08
C ARG C 55 -5.59 62.72 47.41
N GLY C 56 -4.82 62.51 46.35
CA GLY C 56 -3.99 63.54 45.76
C GLY C 56 -4.56 64.18 44.51
N CYS C 57 -4.27 65.47 44.35
CA CYS C 57 -4.55 66.20 43.12
C CYS C 57 -3.38 66.03 42.17
N TYR C 58 -3.67 65.60 40.95
CA TYR C 58 -2.63 65.23 39.99
C TYR C 58 -2.79 66.02 38.70
N SER C 59 -1.66 66.24 38.02
CA SER C 59 -1.70 66.82 36.69
C SER C 59 -2.27 65.83 35.68
N SER C 60 -1.97 64.55 35.85
CA SER C 60 -2.52 63.50 35.00
C SER C 60 -2.44 62.18 35.75
N LEU C 61 -3.31 61.25 35.36
CA LEU C 61 -3.36 59.92 35.95
C LEU C 61 -3.42 58.89 34.84
N THR C 62 -2.42 58.02 34.78
CA THR C 62 -2.36 56.98 33.76
C THR C 62 -2.43 55.61 34.42
N VAL C 63 -3.14 54.70 33.77
CA VAL C 63 -3.33 53.34 34.28
C VAL C 63 -3.05 52.36 33.15
N ASP C 64 -2.13 51.43 33.39
CA ASP C 64 -1.89 50.31 32.49
C ASP C 64 -2.53 49.06 33.09
N TYR C 65 -3.50 48.49 32.38
CA TYR C 65 -4.18 47.29 32.87
C TYR C 65 -4.14 46.21 31.80
N PHE C 66 -4.20 44.96 32.28
CA PHE C 66 -4.03 43.80 31.43
C PHE C 66 -4.36 42.55 32.23
N ALA C 67 -4.58 41.45 31.53
CA ALA C 67 -4.78 40.16 32.18
C ALA C 67 -3.43 39.60 32.60
N TYR C 68 -3.34 39.14 33.85
CA TYR C 68 -2.09 38.62 34.36
C TYR C 68 -2.34 37.53 35.40
N PRO C 69 -1.80 36.33 35.22
CA PRO C 69 -2.04 35.27 36.19
C PRO C 69 -1.27 35.51 37.48
N LEU C 70 -1.90 35.18 38.60
CA LEU C 70 -1.25 35.35 39.89
C LEU C 70 -0.06 34.43 40.07
N SER C 71 0.01 33.34 39.30
CA SER C 71 1.14 32.41 39.42
C SER C 71 2.45 33.03 38.99
N MET C 72 2.41 34.09 38.16
CA MET C 72 3.60 34.76 37.67
C MET C 72 3.80 36.11 38.34
N ARG C 73 3.34 36.26 39.58
CA ARG C 73 3.45 37.56 40.26
C ARG C 73 4.88 37.93 40.57
N SER C 74 5.80 36.97 40.62
CA SER C 74 7.19 37.28 40.90
C SER C 74 7.88 37.92 39.69
N TYR C 75 7.41 37.60 38.48
CA TYR C 75 8.02 38.15 37.27
C TYR C 75 7.66 39.60 37.04
N ILE C 76 6.69 40.14 37.78
CA ILE C 76 6.34 41.55 37.68
C ILE C 76 6.90 42.38 38.83
N GLN C 77 7.58 41.74 39.78
CA GLN C 77 8.15 42.47 40.91
C GLN C 77 9.27 43.40 40.44
N PRO C 78 9.51 44.49 41.17
CA PRO C 78 10.55 45.44 40.75
C PRO C 78 11.93 44.79 40.76
N GLY C 79 12.66 44.98 39.66
CA GLY C 79 13.99 44.42 39.52
C GLY C 79 14.01 42.97 39.10
N SER C 80 12.88 42.39 38.74
CA SER C 80 12.82 41.00 38.34
C SER C 80 13.38 40.80 36.94
N ALA C 81 14.00 39.65 36.72
CA ALA C 81 14.41 39.21 35.40
C ALA C 81 13.40 38.18 34.89
N GLY C 82 13.57 37.81 33.63
CA GLY C 82 12.70 36.84 32.98
C GLY C 82 12.02 37.42 31.76
N ASP C 83 11.11 36.62 31.20
CA ASP C 83 10.49 36.99 29.93
C ASP C 83 9.56 38.18 30.06
N ILE C 84 8.89 38.33 31.21
CA ILE C 84 7.94 39.43 31.37
C ILE C 84 8.66 40.77 31.36
N SER C 85 9.80 40.87 32.07
CA SER C 85 10.53 42.12 32.13
C SER C 85 11.27 42.44 30.83
N LEU C 86 11.55 41.43 30.01
CA LEU C 86 12.35 41.64 28.81
C LEU C 86 11.52 41.92 27.57
N TYR C 87 10.42 41.19 27.36
CA TYR C 87 9.68 41.29 26.11
C TYR C 87 8.19 41.60 26.29
N ASN C 88 7.76 42.00 27.48
CA ASN C 88 6.32 42.16 27.68
C ASN C 88 5.97 43.44 28.42
N TYR C 89 6.21 43.48 29.74
CA TYR C 89 5.95 44.69 30.50
C TYR C 89 7.02 44.88 31.56
N LYS C 90 7.50 46.11 31.68
CA LYS C 90 8.47 46.50 32.70
C LYS C 90 7.99 47.81 33.31
N GLN C 91 7.76 47.80 34.62
CA GLN C 91 7.17 48.97 35.27
C GLN C 91 8.16 50.13 35.28
N SER C 92 7.67 51.31 34.92
CA SER C 92 8.47 52.53 34.94
C SER C 92 8.39 53.18 36.30
N PHE C 93 9.54 53.66 36.79
CA PHE C 93 9.62 54.34 38.08
C PHE C 93 10.05 55.80 37.93
N ALA C 94 9.82 56.40 36.76
CA ALA C 94 10.13 57.81 36.59
C ALA C 94 9.17 58.70 37.38
N ASN C 95 7.95 58.23 37.59
CA ASN C 95 6.92 58.92 38.35
C ASN C 95 6.49 58.05 39.52
N PRO C 96 5.83 58.63 40.53
CA PRO C 96 5.24 57.79 41.58
C PRO C 96 4.20 56.85 40.99
N THR C 97 4.30 55.58 41.36
CA THR C 97 3.49 54.55 40.73
C THR C 97 3.13 53.46 41.73
N CYS C 98 2.02 52.80 41.49
CA CYS C 98 1.55 51.68 42.31
C CYS C 98 1.27 50.47 41.42
N ARG C 99 1.48 49.29 41.99
CA ARG C 99 1.31 48.03 41.28
C ARG C 99 0.22 47.21 41.96
N VAL C 100 -0.78 46.79 41.19
CA VAL C 100 -1.95 46.10 41.71
C VAL C 100 -2.06 44.74 41.04
N LEU C 101 -2.16 43.69 41.86
CA LEU C 101 -2.47 42.34 41.40
C LEU C 101 -3.80 41.96 42.03
N ALA C 102 -4.86 41.95 41.23
CA ALA C 102 -6.22 41.76 41.73
C ALA C 102 -6.94 40.66 40.97
N THR C 103 -7.86 40.00 41.66
CA THR C 103 -8.73 38.99 41.07
C THR C 103 -10.14 39.55 40.98
N ALA C 104 -10.76 39.41 39.82
CA ALA C 104 -12.11 39.92 39.60
C ALA C 104 -13.11 38.81 39.83
N PRO C 105 -14.03 38.95 40.77
CA PRO C 105 -15.09 37.95 40.93
C PRO C 105 -16.07 38.00 39.77
N ALA C 106 -16.96 37.02 39.73
CA ALA C 106 -17.97 36.95 38.69
C ALA C 106 -18.99 38.08 38.78
N ASN C 107 -18.93 38.90 39.83
CA ASN C 107 -19.85 40.02 39.98
C ASN C 107 -19.65 41.08 38.91
N LEU C 108 -18.51 41.09 38.23
CA LEU C 108 -18.20 42.10 37.23
C LEU C 108 -18.60 41.63 35.84
N THR C 109 -18.58 42.58 34.90
CA THR C 109 -19.10 42.35 33.55
C THR C 109 -18.00 42.11 32.51
N LEU C 110 -16.76 41.96 32.94
CA LEU C 110 -15.68 41.66 31.99
C LEU C 110 -15.47 40.15 31.91
N THR C 111 -15.09 39.70 30.71
CA THR C 111 -15.06 38.28 30.39
C THR C 111 -13.63 37.76 30.37
N LYS C 112 -13.49 36.47 30.68
CA LYS C 112 -12.19 35.82 30.69
C LYS C 112 -11.74 35.53 29.26
N PRO C 113 -10.50 35.87 28.90
CA PRO C 113 -9.98 35.46 27.59
C PRO C 113 -9.73 33.96 27.53
N SER C 114 -9.29 33.47 26.37
CA SER C 114 -9.10 32.03 26.19
C SER C 114 -8.01 31.50 27.11
N ALA C 115 -6.92 32.27 27.27
CA ALA C 115 -5.79 31.86 28.07
C ALA C 115 -4.91 33.07 28.29
N TYR C 116 -3.90 32.91 29.15
CA TYR C 116 -2.89 33.93 29.35
C TYR C 116 -1.74 33.73 28.36
N GLY C 117 -1.08 34.82 28.02
CA GLY C 117 0.00 34.75 27.05
C GLY C 117 1.06 35.83 27.19
N TYR C 118 2.32 35.41 27.16
CA TYR C 118 3.45 36.32 27.13
C TYR C 118 4.42 35.85 26.06
N PHE C 119 5.38 36.70 25.73
CA PHE C 119 6.37 36.39 24.70
C PHE C 119 7.63 35.82 25.33
N GLN C 120 8.10 34.72 24.78
CA GLN C 120 9.31 34.04 25.21
C GLN C 120 10.56 34.63 24.57
N LYS C 121 10.45 35.12 23.34
CA LYS C 121 11.59 35.58 22.58
C LYS C 121 11.11 36.66 21.60
N CYS C 122 11.90 37.73 21.48
CA CYS C 122 11.61 38.80 20.53
C CYS C 122 12.96 39.41 20.12
N SER C 123 13.50 38.92 19.02
CA SER C 123 14.84 39.28 18.58
C SER C 123 14.82 39.67 17.10
N ARG C 124 15.88 40.34 16.68
CA ARG C 124 16.06 40.78 15.30
C ARG C 124 17.17 39.96 14.66
N VAL C 125 16.99 39.63 13.38
CA VAL C 125 17.95 38.86 12.61
C VAL C 125 18.43 39.72 11.44
N SER C 126 19.74 39.79 11.26
CA SER C 126 20.34 40.63 10.22
C SER C 126 21.78 40.20 10.03
N GLY C 127 22.48 40.92 9.15
CA GLY C 127 23.90 40.68 8.91
C GLY C 127 24.16 39.72 7.76
N GLU C 128 25.43 39.34 7.64
CA GLU C 128 25.83 38.36 6.64
C GLU C 128 25.15 37.03 6.92
N HIS C 129 24.49 36.48 5.90
CA HIS C 129 23.85 35.15 6.03
C HIS C 129 22.84 35.15 7.19
N ASN C 130 22.25 36.30 7.51
CA ASN C 130 21.31 36.40 8.61
C ASN C 130 21.87 35.73 9.86
N SER C 131 23.04 36.21 10.28
CA SER C 131 23.78 35.62 11.38
C SER C 131 23.73 36.42 12.67
N VAL C 132 23.38 37.70 12.61
CA VAL C 132 23.41 38.57 13.79
C VAL C 132 22.04 38.55 14.44
N GLU C 133 21.96 38.00 15.65
CA GLU C 133 20.74 37.99 16.44
C GLU C 133 20.88 39.03 17.54
N THR C 134 20.09 40.09 17.45
CA THR C 134 20.08 41.12 18.49
C THR C 134 18.76 41.06 19.25
N PRO C 135 18.75 40.56 20.48
CA PRO C 135 17.49 40.47 21.23
C PRO C 135 16.92 41.85 21.52
N LEU C 136 15.62 42.00 21.32
CA LEU C 136 14.94 43.29 21.42
C LEU C 136 14.25 43.38 22.78
N TYR C 137 14.97 43.93 23.75
CA TYR C 137 14.39 44.19 25.06
C TYR C 137 13.63 45.53 25.04
N ILE C 138 12.82 45.72 26.07
CA ILE C 138 11.95 46.89 26.16
C ILE C 138 12.44 47.81 27.26
N ASN C 139 12.27 49.11 27.04
CA ASN C 139 12.43 50.09 28.09
C ASN C 139 11.22 50.05 29.01
N PRO C 140 11.37 50.49 30.26
CA PRO C 140 10.24 50.41 31.21
C PRO C 140 9.07 51.26 30.74
N GLY C 141 7.89 50.63 30.70
CA GLY C 141 6.68 51.31 30.32
C GLY C 141 6.43 51.39 28.82
N GLU C 142 7.06 50.53 28.04
CA GLU C 142 6.92 50.56 26.58
C GLU C 142 6.37 49.23 26.08
N TYR C 143 6.03 49.22 24.79
CA TYR C 143 5.49 48.04 24.14
C TYR C 143 6.59 47.27 23.44
N SER C 144 6.45 45.96 23.40
CA SER C 144 7.36 45.13 22.61
C SER C 144 7.03 45.29 21.14
N ILE C 145 8.08 45.26 20.29
CA ILE C 145 7.87 45.29 18.85
C ILE C 145 7.20 44.02 18.36
N CYS C 146 7.05 43.02 19.22
CA CYS C 146 6.34 41.79 18.90
C CYS C 146 4.86 41.85 19.23
N ARG C 147 4.34 43.00 19.67
CA ARG C 147 2.93 43.08 20.06
C ARG C 147 2.00 42.90 18.87
N SER C 148 2.40 43.37 17.69
CA SER C 148 1.56 43.26 16.51
C SER C 148 1.51 41.86 15.92
N PHE C 149 2.35 40.94 16.43
CA PHE C 149 2.34 39.58 15.92
C PHE C 149 1.04 38.85 16.22
N SER C 150 0.54 38.98 17.45
CA SER C 150 -0.69 38.30 17.86
C SER C 150 -1.43 39.21 18.84
N PRO C 151 -2.32 40.08 18.34
CA PRO C 151 -2.96 41.06 19.21
C PRO C 151 -4.25 40.57 19.84
N TYR C 152 -4.39 39.26 20.01
CA TYR C 152 -5.58 38.70 20.65
C TYR C 152 -5.33 37.29 21.14
N GLY C 153 -4.12 37.04 21.65
CA GLY C 153 -3.77 35.76 22.24
C GLY C 153 -2.98 34.89 21.28
N PHE C 154 -2.47 33.79 21.84
CA PHE C 154 -1.72 32.79 21.09
C PHE C 154 -2.58 31.55 20.87
N SER C 155 -2.48 30.96 19.69
CA SER C 155 -3.24 29.76 19.39
C SER C 155 -2.69 28.55 20.14
N GLU C 156 -1.37 28.48 20.30
CA GLU C 156 -0.73 27.33 20.93
C GLU C 156 0.54 27.81 21.61
N ASP C 157 1.09 26.95 22.47
CA ASP C 157 2.33 27.28 23.16
C ASP C 157 3.51 27.06 22.24
N GLY C 158 4.45 28.01 22.27
CA GLY C 158 5.60 27.95 21.38
C GLY C 158 5.35 28.46 19.98
N GLU C 159 4.34 29.31 19.79
CA GLU C 159 4.05 29.86 18.47
C GLU C 159 5.22 30.69 17.97
N VAL C 160 5.67 30.39 16.76
CA VAL C 160 6.81 31.09 16.14
C VAL C 160 6.27 32.09 15.13
N PHE C 161 6.65 33.36 15.31
CA PHE C 161 6.26 34.43 14.41
C PHE C 161 7.50 35.04 13.78
N ARG C 162 7.45 35.28 12.48
CA ARG C 162 8.53 35.96 11.78
C ARG C 162 7.95 36.87 10.71
N ARG C 163 8.61 38.01 10.50
CA ARG C 163 8.14 39.02 9.57
C ARG C 163 9.26 40.02 9.31
N GLN C 164 9.39 40.43 8.05
CA GLN C 164 10.40 41.41 7.67
C GLN C 164 10.05 42.79 8.25
N LEU C 165 11.08 43.49 8.72
CA LEU C 165 10.92 44.81 9.31
C LEU C 165 11.28 45.90 8.32
N THR C 166 10.65 47.07 8.50
CA THR C 166 10.96 48.24 7.70
C THR C 166 12.22 48.92 8.26
N GLN C 167 12.70 49.92 7.52
CA GLN C 167 13.91 50.63 7.94
C GLN C 167 13.64 51.48 9.17
N TYR C 168 12.44 52.07 9.28
CA TYR C 168 12.07 52.78 10.50
C TYR C 168 12.08 51.83 11.70
N GLU C 169 11.57 50.61 11.51
CA GLU C 169 11.59 49.60 12.55
C GLU C 169 12.96 48.94 12.72
N GLY C 170 14.01 49.52 12.14
CA GLY C 170 15.36 49.01 12.31
C GLY C 170 15.88 48.24 11.12
N GLY C 171 15.09 47.31 10.62
CA GLY C 171 15.50 46.43 9.55
C GLY C 171 15.67 44.99 10.02
N GLY C 172 15.90 44.12 9.05
CA GLY C 172 16.07 42.71 9.31
C GLY C 172 14.75 41.98 9.48
N ILE C 173 14.87 40.74 9.95
CA ILE C 173 13.73 39.86 10.17
C ILE C 173 13.43 39.82 11.66
N LEU C 174 12.18 40.12 12.03
CA LEU C 174 11.74 40.05 13.41
C LEU C 174 11.24 38.64 13.70
N VAL C 175 11.84 37.97 14.68
CA VAL C 175 11.45 36.63 15.10
C VAL C 175 10.89 36.71 16.51
N GLY C 176 9.76 36.06 16.73
CA GLY C 176 9.14 36.06 18.04
C GLY C 176 8.57 34.69 18.36
N VAL C 177 8.62 34.34 19.64
CA VAL C 177 8.06 33.10 20.15
C VAL C 177 7.15 33.42 21.32
N GLY C 178 5.94 32.87 21.30
CA GLY C 178 4.94 33.13 22.32
C GLY C 178 4.78 31.96 23.27
N ALA C 179 4.45 32.26 24.52
CA ALA C 179 4.17 31.26 25.53
C ALA C 179 2.74 31.40 26.00
N LYS C 180 2.05 30.26 26.12
CA LYS C 180 0.63 30.23 26.48
C LYS C 180 0.48 29.68 27.90
N LEU C 181 -0.32 30.35 28.72
CA LEU C 181 -0.58 29.97 30.09
C LEU C 181 -2.06 29.67 30.26
N ALA C 182 -2.37 28.58 30.96
CA ALA C 182 -3.76 28.16 31.13
C ALA C 182 -4.53 29.19 31.94
N MET C 183 -5.82 29.32 31.61
CA MET C 183 -6.69 30.26 32.30
C MET C 183 -7.10 29.72 33.66
N THR C 184 -7.17 30.61 34.65
CA THR C 184 -7.46 30.23 36.02
C THR C 184 -8.97 30.11 36.21
N ASP C 185 -9.40 29.88 37.46
CA ASP C 185 -10.83 29.76 37.77
C ASP C 185 -11.53 31.11 37.60
N LYS C 186 -11.08 32.11 38.34
CA LYS C 186 -11.56 33.47 38.18
C LYS C 186 -10.62 34.22 37.24
N LEU C 187 -10.91 35.51 37.02
CA LEU C 187 -10.07 36.35 36.19
C LEU C 187 -9.10 37.12 37.07
N GLU C 188 -7.81 37.07 36.73
CA GLU C 188 -6.77 37.74 37.47
C GLU C 188 -6.17 38.84 36.60
N MET C 189 -6.03 40.03 37.18
CA MET C 189 -5.67 41.23 36.44
C MET C 189 -4.40 41.85 37.03
N GLY C 190 -3.86 42.81 36.28
CA GLY C 190 -2.71 43.58 36.73
C GLY C 190 -2.88 45.05 36.41
N PHE C 191 -2.82 45.90 37.42
CA PHE C 191 -3.02 47.33 37.27
C PHE C 191 -1.74 48.05 37.66
N ILE C 192 -1.29 48.98 36.81
CA ILE C 192 -0.13 49.81 37.09
C ILE C 192 -0.62 51.26 37.06
N ILE C 193 -0.85 51.83 38.24
CA ILE C 193 -1.28 53.22 38.37
C ILE C 193 -0.04 54.09 38.57
N SER C 194 0.11 55.10 37.72
CA SER C 194 1.19 56.06 37.85
C SER C 194 0.61 57.47 37.86
N VAL C 195 1.34 58.39 38.48
CA VAL C 195 0.87 59.74 38.72
C VAL C 195 1.91 60.74 38.23
N GLN C 196 1.45 61.73 37.47
CA GLN C 196 2.29 62.85 37.06
C GLN C 196 1.80 64.12 37.75
N TYR C 197 2.74 64.91 38.25
CA TYR C 197 2.44 66.19 38.86
C TYR C 197 2.82 67.33 37.92
N GLY C 198 2.20 68.49 38.15
CA GLY C 198 2.53 69.68 37.42
C GLY C 198 2.85 70.82 38.38
N THR C 199 3.56 71.83 37.85
CA THR C 199 3.92 72.99 38.65
C THR C 199 2.70 73.63 39.30
N ASP C 200 1.61 73.76 38.54
CA ASP C 200 0.41 74.38 39.06
C ASP C 200 -0.86 73.89 38.36
N THR C 201 -0.81 72.76 37.65
CA THR C 201 -1.95 72.31 36.87
C THR C 201 -2.45 70.95 37.35
N ASN C 202 -2.65 70.80 38.66
CA ASN C 202 -3.22 69.58 39.21
C ASN C 202 -4.73 69.67 39.09
N SER C 203 -5.27 69.08 38.02
CA SER C 203 -6.70 69.13 37.74
C SER C 203 -7.34 67.75 37.74
N VAL C 204 -6.64 66.72 38.22
CA VAL C 204 -7.24 65.41 38.41
C VAL C 204 -7.36 65.17 39.91
N CYS C 205 -8.06 66.07 40.59
CA CYS C 205 -8.29 65.96 42.02
C CYS C 205 -9.29 64.84 42.31
N PRO C 206 -9.30 64.34 43.54
CA PRO C 206 -10.21 63.24 43.89
C PRO C 206 -11.63 63.76 44.09
N MET C 207 -12.54 62.80 44.31
CA MET C 207 -13.96 63.09 44.50
C MET C 207 -14.29 63.06 45.99
N LEU C 208 -15.00 64.08 46.45
CA LEU C 208 -15.39 64.18 47.86
C LEU C 208 -16.89 64.37 48.00
N LYS D 1 -76.12 -3.50 22.20
CA LYS D 1 -76.89 -2.46 21.52
C LYS D 1 -76.10 -1.90 20.34
N GLU D 2 -75.49 -0.73 20.54
CA GLU D 2 -74.72 -0.09 19.49
C GLU D 2 -73.43 -0.87 19.23
N CYS D 3 -73.24 -1.29 17.98
CA CYS D 3 -72.02 -2.00 17.62
C CYS D 3 -70.84 -1.03 17.55
N ASP D 4 -69.68 -1.48 17.99
CA ASP D 4 -68.48 -0.65 18.02
C ASP D 4 -67.81 -0.67 16.66
N PHE D 5 -68.20 0.26 15.79
CA PHE D 5 -67.51 0.45 14.52
C PHE D 5 -66.20 1.19 14.67
N THR D 6 -65.88 1.67 15.88
CA THR D 6 -64.78 2.58 16.15
C THR D 6 -63.38 2.00 15.95
N PRO D 7 -63.09 0.73 16.28
CA PRO D 7 -61.70 0.25 16.16
C PRO D 7 -61.14 0.31 14.75
N MET D 8 -62.01 0.36 13.73
CA MET D 8 -61.51 0.46 12.36
C MET D 8 -60.94 1.84 12.04
N LEU D 9 -61.40 2.88 12.75
CA LEU D 9 -61.04 4.24 12.40
C LEU D 9 -60.29 4.94 13.54
N VAL D 10 -59.28 4.28 14.10
CA VAL D 10 -58.44 4.88 15.12
C VAL D 10 -57.06 4.23 15.05
N GLY D 11 -56.02 5.06 15.09
CA GLY D 11 -54.66 4.57 15.01
C GLY D 11 -54.20 4.35 13.58
N VAL D 12 -53.19 3.51 13.44
CA VAL D 12 -52.60 3.18 12.15
C VAL D 12 -53.20 1.85 11.67
N PRO D 13 -53.62 1.75 10.41
CA PRO D 13 -54.19 0.49 9.93
C PRO D 13 -53.10 -0.55 9.77
N PRO D 14 -53.40 -1.83 10.02
CA PRO D 14 -52.42 -2.89 9.81
C PRO D 14 -52.24 -3.16 8.32
N GLN D 15 -51.25 -4.00 8.03
CA GLN D 15 -50.95 -4.35 6.65
C GLN D 15 -51.84 -5.50 6.20
N VAL D 16 -51.68 -5.90 4.92
CA VAL D 16 -52.53 -6.93 4.34
C VAL D 16 -52.30 -8.26 5.04
N TYR D 17 -51.03 -8.66 5.18
CA TYR D 17 -50.70 -9.91 5.86
C TYR D 17 -50.91 -9.84 7.36
N ASN D 18 -51.16 -8.66 7.91
CA ASN D 18 -51.38 -8.47 9.34
C ASN D 18 -52.79 -7.95 9.62
N PHE D 19 -53.77 -8.39 8.82
CA PHE D 19 -55.11 -7.84 8.92
C PHE D 19 -55.73 -8.13 10.27
N LYS D 20 -56.54 -7.18 10.74
CA LYS D 20 -57.31 -7.33 11.96
C LYS D 20 -58.73 -7.75 11.64
N ARG D 21 -59.35 -8.48 12.57
CA ARG D 21 -60.66 -9.07 12.36
C ARG D 21 -61.59 -8.69 13.50
N LEU D 22 -62.70 -8.04 13.17
CA LEU D 22 -63.75 -7.73 14.12
C LEU D 22 -64.90 -8.70 13.92
N VAL D 23 -65.25 -9.44 14.96
CA VAL D 23 -66.39 -10.36 14.93
C VAL D 23 -67.50 -9.76 15.79
N PHE D 24 -68.70 -9.71 15.23
CA PHE D 24 -69.84 -9.05 15.88
C PHE D 24 -70.96 -10.05 16.10
N THR D 25 -71.49 -10.07 17.32
CA THR D 25 -72.68 -10.85 17.63
C THR D 25 -73.47 -10.08 18.68
N ASN D 26 -74.80 -10.16 18.58
CA ASN D 26 -75.71 -9.50 19.51
C ASN D 26 -75.45 -7.99 19.58
N CYS D 27 -75.63 -7.34 18.43
CA CYS D 27 -75.45 -5.90 18.33
C CYS D 27 -76.34 -5.36 17.21
N ASN D 28 -76.35 -4.04 17.09
CA ASN D 28 -77.04 -3.35 16.00
C ASN D 28 -76.02 -2.53 15.21
N TYR D 29 -76.01 -2.72 13.89
CA TYR D 29 -75.06 -2.07 13.01
C TYR D 29 -75.75 -1.01 12.15
N ASN D 30 -74.98 0.02 11.79
CA ASN D 30 -75.41 1.02 10.81
C ASN D 30 -74.38 1.00 9.70
N LEU D 31 -74.52 0.04 8.78
CA LEU D 31 -73.53 -0.13 7.72
C LEU D 31 -73.55 1.05 6.75
N THR D 32 -74.72 1.63 6.50
CA THR D 32 -74.80 2.80 5.64
C THR D 32 -74.05 4.00 6.23
N LYS D 33 -73.74 3.95 7.52
CA LYS D 33 -72.97 5.03 8.14
C LYS D 33 -71.48 4.90 7.86
N LEU D 34 -70.94 3.68 7.97
CA LEU D 34 -69.49 3.49 7.83
C LEU D 34 -69.03 3.68 6.39
N LEU D 35 -69.86 3.28 5.41
CA LEU D 35 -69.48 3.47 4.02
C LEU D 35 -69.41 4.95 3.66
N SER D 36 -70.27 5.78 4.26
CA SER D 36 -70.23 7.21 3.99
C SER D 36 -69.01 7.88 4.60
N LEU D 37 -68.47 7.32 5.68
CA LEU D 37 -67.29 7.89 6.31
C LEU D 37 -66.06 7.83 5.41
N PHE D 38 -66.08 6.97 4.39
CA PHE D 38 -64.96 6.81 3.47
C PHE D 38 -65.37 7.22 2.07
N MET D 39 -64.37 7.41 1.22
CA MET D 39 -64.56 7.61 -0.22
C MET D 39 -64.47 6.24 -0.86
N VAL D 40 -65.61 5.57 -0.99
CA VAL D 40 -65.64 4.20 -1.48
C VAL D 40 -65.40 4.19 -2.98
N ASN D 41 -64.57 3.24 -3.43
CA ASN D 41 -64.26 3.09 -4.85
C ASN D 41 -64.53 1.69 -5.36
N GLU D 42 -64.94 0.76 -4.49
CA GLU D 42 -65.30 -0.59 -4.89
C GLU D 42 -66.16 -1.20 -3.80
N PHE D 43 -67.32 -1.73 -4.17
CA PHE D 43 -68.24 -2.42 -3.26
C PHE D 43 -68.66 -3.71 -3.96
N SER D 44 -67.75 -4.68 -3.98
CA SER D 44 -67.96 -5.95 -4.65
C SER D 44 -68.42 -7.00 -3.64
N CYS D 45 -69.56 -7.63 -3.93
CA CYS D 45 -70.13 -8.64 -3.05
C CYS D 45 -70.35 -9.93 -3.84
N ASN D 46 -70.36 -11.05 -3.10
CA ASN D 46 -70.60 -12.37 -3.68
C ASN D 46 -71.60 -13.11 -2.82
N GLY D 47 -72.63 -13.66 -3.44
CA GLY D 47 -73.69 -14.34 -2.73
C GLY D 47 -74.72 -13.45 -2.08
N ILE D 48 -74.61 -12.13 -2.24
CA ILE D 48 -75.54 -11.19 -1.64
C ILE D 48 -75.37 -9.85 -2.33
N SER D 49 -76.45 -9.08 -2.39
CA SER D 49 -76.38 -7.75 -2.98
C SER D 49 -75.70 -6.79 -2.01
N PRO D 50 -74.98 -5.79 -2.54
CA PRO D 50 -74.38 -4.77 -1.66
C PRO D 50 -75.41 -3.99 -0.86
N ASP D 51 -76.63 -3.82 -1.40
CA ASP D 51 -77.69 -3.16 -0.65
C ASP D 51 -78.33 -4.10 0.36
N ALA D 52 -78.40 -5.39 0.05
CA ALA D 52 -79.04 -6.34 0.94
C ALA D 52 -78.23 -6.61 2.20
N ILE D 53 -76.92 -6.37 2.17
CA ILE D 53 -76.09 -6.66 3.33
C ILE D 53 -76.13 -5.56 4.37
N ALA D 54 -76.55 -4.35 4.00
CA ALA D 54 -76.73 -3.28 4.96
C ALA D 54 -78.02 -3.40 5.75
N ARG D 55 -78.92 -4.34 5.37
CA ARG D 55 -80.22 -4.53 6.03
C ARG D 55 -80.52 -6.04 6.06
N GLY D 56 -79.98 -6.70 7.08
CA GLY D 56 -80.23 -8.13 7.25
C GLY D 56 -79.98 -8.56 8.67
N CYS D 57 -80.51 -9.74 9.01
CA CYS D 57 -80.36 -10.33 10.33
C CYS D 57 -79.36 -11.48 10.24
N TYR D 58 -78.28 -11.39 11.02
CA TYR D 58 -77.21 -12.36 10.98
C TYR D 58 -76.88 -12.82 12.41
N SER D 59 -76.28 -14.00 12.49
CA SER D 59 -75.74 -14.47 13.77
C SER D 59 -74.39 -13.83 14.05
N SER D 60 -73.47 -13.93 13.09
CA SER D 60 -72.15 -13.32 13.21
C SER D 60 -71.93 -12.41 12.01
N LEU D 61 -71.29 -11.26 12.27
CA LEU D 61 -70.91 -10.31 11.24
C LEU D 61 -69.43 -9.99 11.43
N THR D 62 -68.57 -10.61 10.64
CA THR D 62 -67.13 -10.43 10.74
C THR D 62 -66.66 -9.42 9.71
N VAL D 63 -65.66 -8.62 10.09
CA VAL D 63 -65.09 -7.60 9.21
C VAL D 63 -63.58 -7.66 9.34
N ASP D 64 -62.90 -7.90 8.23
CA ASP D 64 -61.45 -7.85 8.16
C ASP D 64 -61.03 -6.56 7.45
N TYR D 65 -60.16 -5.79 8.10
CA TYR D 65 -59.72 -4.51 7.57
C TYR D 65 -58.20 -4.43 7.58
N PHE D 66 -57.66 -3.63 6.66
CA PHE D 66 -56.23 -3.49 6.47
C PHE D 66 -55.98 -2.32 5.54
N ALA D 67 -54.73 -1.89 5.47
CA ALA D 67 -54.31 -0.86 4.53
C ALA D 67 -54.01 -1.52 3.19
N TYR D 68 -54.71 -1.09 2.14
CA TYR D 68 -54.53 -1.69 0.82
C TYR D 68 -54.49 -0.62 -0.25
N PRO D 69 -53.43 -0.57 -1.06
CA PRO D 69 -53.34 0.46 -2.10
C PRO D 69 -54.30 0.18 -3.24
N LEU D 70 -54.92 1.26 -3.75
CA LEU D 70 -55.89 1.12 -4.83
C LEU D 70 -55.24 0.62 -6.11
N SER D 71 -53.95 0.89 -6.30
CA SER D 71 -53.25 0.43 -7.50
C SER D 71 -53.12 -1.08 -7.54
N MET D 72 -53.20 -1.76 -6.39
CA MET D 72 -53.09 -3.21 -6.32
C MET D 72 -54.46 -3.89 -6.29
N ARG D 73 -55.50 -3.21 -6.77
CA ARG D 73 -56.85 -3.77 -6.70
C ARG D 73 -57.02 -5.00 -7.58
N SER D 74 -56.13 -5.22 -8.54
CA SER D 74 -56.23 -6.41 -9.39
C SER D 74 -55.90 -7.69 -8.64
N TYR D 75 -55.19 -7.59 -7.52
CA TYR D 75 -54.72 -8.75 -6.78
C TYR D 75 -55.58 -9.11 -5.58
N ILE D 76 -56.64 -8.35 -5.33
CA ILE D 76 -57.58 -8.63 -4.26
C ILE D 76 -58.92 -9.12 -4.83
N GLN D 77 -58.92 -9.50 -6.11
CA GLN D 77 -60.09 -10.01 -6.81
C GLN D 77 -60.19 -11.53 -6.67
N PRO D 78 -61.37 -12.11 -6.88
CA PRO D 78 -61.52 -13.55 -6.69
C PRO D 78 -60.74 -14.34 -7.73
N GLY D 79 -60.20 -15.50 -7.30
CA GLY D 79 -59.39 -16.34 -8.15
C GLY D 79 -58.14 -15.68 -8.68
N SER D 80 -57.83 -14.45 -8.27
CA SER D 80 -56.65 -13.76 -8.78
C SER D 80 -55.37 -14.46 -8.34
N ALA D 81 -54.36 -14.41 -9.21
CA ALA D 81 -53.02 -14.84 -8.85
C ALA D 81 -52.24 -13.62 -8.34
N GLY D 82 -50.95 -13.80 -8.10
CA GLY D 82 -50.15 -12.72 -7.55
C GLY D 82 -49.84 -12.93 -6.08
N ASP D 83 -48.86 -12.18 -5.60
CA ASP D 83 -48.34 -12.39 -4.25
C ASP D 83 -49.38 -12.06 -3.19
N ILE D 84 -50.35 -11.19 -3.49
CA ILE D 84 -51.35 -10.82 -2.50
C ILE D 84 -52.22 -12.02 -2.14
N SER D 85 -52.75 -12.72 -3.16
CA SER D 85 -53.63 -13.85 -2.89
C SER D 85 -52.85 -15.07 -2.42
N LEU D 86 -51.58 -15.19 -2.80
CA LEU D 86 -50.83 -16.40 -2.47
C LEU D 86 -50.25 -16.34 -1.07
N TYR D 87 -49.69 -15.20 -0.66
CA TYR D 87 -48.94 -15.12 0.58
C TYR D 87 -49.47 -14.06 1.55
N ASN D 88 -50.57 -13.38 1.23
CA ASN D 88 -50.99 -12.28 2.10
C ASN D 88 -52.43 -12.41 2.53
N TYR D 89 -53.39 -12.25 1.62
CA TYR D 89 -54.80 -12.37 1.96
C TYR D 89 -55.57 -12.97 0.79
N LYS D 90 -56.33 -14.01 1.09
CA LYS D 90 -57.22 -14.66 0.13
C LYS D 90 -58.63 -14.63 0.71
N GLN D 91 -59.56 -14.03 -0.03
CA GLN D 91 -60.92 -13.87 0.47
C GLN D 91 -61.63 -15.22 0.56
N SER D 92 -62.33 -15.44 1.66
CA SER D 92 -63.09 -16.66 1.87
C SER D 92 -64.49 -16.50 1.30
N PHE D 93 -64.92 -17.45 0.49
CA PHE D 93 -66.23 -17.43 -0.16
C PHE D 93 -67.09 -18.60 0.30
N ALA D 94 -67.06 -18.90 1.60
CA ALA D 94 -67.94 -19.90 2.18
C ALA D 94 -69.27 -19.31 2.61
N ASN D 95 -69.33 -18.02 2.86
CA ASN D 95 -70.52 -17.29 3.27
C ASN D 95 -70.66 -16.06 2.38
N PRO D 96 -71.85 -15.43 2.37
CA PRO D 96 -72.00 -14.17 1.64
C PRO D 96 -71.01 -13.12 2.15
N THR D 97 -70.20 -12.60 1.23
CA THR D 97 -69.15 -11.66 1.56
C THR D 97 -69.25 -10.41 0.69
N CYS D 98 -68.83 -9.28 1.24
CA CYS D 98 -68.67 -8.04 0.51
C CYS D 98 -67.24 -7.54 0.65
N ARG D 99 -66.77 -6.84 -0.37
CA ARG D 99 -65.39 -6.36 -0.44
C ARG D 99 -65.40 -4.88 -0.75
N VAL D 100 -64.80 -4.08 0.13
CA VAL D 100 -64.84 -2.62 0.02
C VAL D 100 -63.41 -2.11 0.02
N LEU D 101 -62.99 -1.50 -1.08
CA LEU D 101 -61.72 -0.80 -1.20
C LEU D 101 -62.02 0.70 -1.17
N ALA D 102 -61.67 1.36 -0.06
CA ALA D 102 -62.07 2.75 0.15
C ALA D 102 -60.86 3.59 0.55
N THR D 103 -60.87 4.85 0.10
CA THR D 103 -59.89 5.83 0.51
C THR D 103 -60.49 6.72 1.60
N ALA D 104 -59.65 7.19 2.51
CA ALA D 104 -60.25 7.89 3.62
C ALA D 104 -60.14 9.40 3.44
N PRO D 105 -61.15 10.15 3.91
CA PRO D 105 -61.04 11.61 3.90
C PRO D 105 -59.83 12.08 4.69
N ALA D 106 -59.43 13.33 4.42
CA ALA D 106 -58.17 13.86 4.93
C ALA D 106 -58.04 13.69 6.44
N ASN D 107 -59.10 13.96 7.18
CA ASN D 107 -59.09 13.85 8.64
C ASN D 107 -60.13 12.82 9.08
N LEU D 108 -59.65 11.61 9.37
CA LEU D 108 -60.49 10.53 9.89
C LEU D 108 -59.86 9.88 11.13
N THR D 109 -58.98 10.60 11.82
CA THR D 109 -58.27 10.09 13.00
C THR D 109 -57.55 8.77 12.69
N LEU D 110 -57.07 8.64 11.45
CA LEU D 110 -56.32 7.46 11.01
C LEU D 110 -54.98 7.91 10.46
N THR D 111 -53.91 7.26 10.91
CA THR D 111 -52.56 7.64 10.53
C THR D 111 -52.12 6.86 9.29
N LYS D 112 -51.39 7.53 8.41
CA LYS D 112 -50.83 6.89 7.24
C LYS D 112 -49.51 6.23 7.60
N PRO D 113 -49.38 4.90 7.49
CA PRO D 113 -48.08 4.27 7.75
C PRO D 113 -47.02 4.77 6.79
N SER D 114 -45.76 4.41 7.11
CA SER D 114 -44.64 4.89 6.31
C SER D 114 -44.81 4.55 4.83
N ALA D 115 -45.31 3.36 4.54
CA ALA D 115 -45.57 2.92 3.17
C ALA D 115 -46.41 1.66 3.23
N TYR D 116 -47.00 1.31 2.08
CA TYR D 116 -47.71 0.05 1.98
C TYR D 116 -46.71 -1.10 1.89
N GLY D 117 -47.14 -2.27 2.36
CA GLY D 117 -46.25 -3.41 2.40
C GLY D 117 -46.93 -4.75 2.31
N TYR D 118 -46.46 -5.61 1.41
CA TYR D 118 -46.94 -6.98 1.30
C TYR D 118 -45.74 -7.90 1.13
N PHE D 119 -45.97 -9.19 1.35
CA PHE D 119 -44.94 -10.18 1.17
C PHE D 119 -44.88 -10.62 -0.29
N GLN D 120 -43.66 -10.72 -0.81
CA GLN D 120 -43.40 -11.15 -2.18
C GLN D 120 -43.13 -12.63 -2.31
N LYS D 121 -42.64 -13.28 -1.25
CA LYS D 121 -42.22 -14.66 -1.28
C LYS D 121 -42.28 -15.22 0.12
N CYS D 122 -42.73 -16.46 0.24
CA CYS D 122 -42.81 -17.13 1.54
C CYS D 122 -42.74 -18.64 1.34
N SER D 123 -41.55 -19.15 1.13
CA SER D 123 -41.34 -20.54 0.76
C SER D 123 -40.58 -21.29 1.86
N ARG D 124 -40.72 -22.61 1.85
CA ARG D 124 -39.97 -23.48 2.74
C ARG D 124 -38.81 -24.10 1.95
N VAL D 125 -37.60 -23.63 2.23
CA VAL D 125 -36.40 -24.23 1.63
C VAL D 125 -36.04 -25.48 2.43
N SER D 126 -36.07 -26.63 1.78
CA SER D 126 -35.81 -27.89 2.45
C SER D 126 -35.20 -28.86 1.43
N GLY D 127 -35.10 -30.12 1.81
CA GLY D 127 -34.54 -31.15 0.96
C GLY D 127 -33.16 -31.60 1.41
N GLU D 128 -32.73 -32.70 0.83
CA GLU D 128 -31.41 -33.26 1.15
C GLU D 128 -30.28 -32.38 0.66
N HIS D 129 -30.56 -31.45 -0.27
CA HIS D 129 -29.59 -30.47 -0.73
C HIS D 129 -30.08 -29.05 -0.55
N ASN D 130 -31.13 -28.83 0.25
CA ASN D 130 -31.83 -27.56 0.32
C ASN D 130 -32.22 -27.08 -1.08
N SER D 131 -32.70 -28.03 -1.90
CA SER D 131 -32.92 -27.79 -3.31
C SER D 131 -34.38 -27.69 -3.71
N VAL D 132 -35.31 -28.21 -2.90
CA VAL D 132 -36.73 -28.13 -3.22
C VAL D 132 -37.29 -26.87 -2.56
N GLU D 133 -37.72 -25.92 -3.39
CA GLU D 133 -38.35 -24.70 -2.92
C GLU D 133 -39.87 -24.91 -2.91
N THR D 134 -40.45 -24.97 -1.73
CA THR D 134 -41.89 -25.23 -1.59
C THR D 134 -42.60 -23.95 -1.19
N PRO D 135 -43.25 -23.25 -2.12
CA PRO D 135 -43.99 -22.04 -1.74
C PRO D 135 -45.15 -22.38 -0.82
N LEU D 136 -45.36 -21.53 0.19
CA LEU D 136 -46.36 -21.75 1.22
C LEU D 136 -47.51 -20.76 0.99
N TYR D 137 -48.58 -21.25 0.40
CA TYR D 137 -49.77 -20.44 0.19
C TYR D 137 -50.67 -20.50 1.42
N ILE D 138 -51.52 -19.48 1.55
CA ILE D 138 -52.42 -19.38 2.68
C ILE D 138 -53.77 -20.00 2.32
N ASN D 139 -54.51 -20.38 3.35
CA ASN D 139 -55.90 -20.73 3.17
C ASN D 139 -56.75 -19.46 3.21
N PRO D 140 -57.93 -19.47 2.58
CA PRO D 140 -58.78 -18.27 2.60
C PRO D 140 -59.13 -17.85 4.02
N GLY D 141 -58.93 -16.57 4.30
CA GLY D 141 -59.22 -16.03 5.62
C GLY D 141 -58.20 -16.38 6.69
N GLU D 142 -57.00 -16.80 6.31
CA GLU D 142 -55.98 -17.21 7.25
C GLU D 142 -54.79 -16.25 7.21
N TYR D 143 -53.82 -16.50 8.07
CA TYR D 143 -52.61 -15.70 8.15
C TYR D 143 -51.43 -16.49 7.59
N SER D 144 -50.54 -15.79 6.89
CA SER D 144 -49.33 -16.42 6.38
C SER D 144 -48.35 -16.69 7.51
N ILE D 145 -47.58 -17.77 7.36
CA ILE D 145 -46.57 -18.10 8.35
C ILE D 145 -45.46 -17.05 8.39
N CYS D 146 -45.31 -16.28 7.32
CA CYS D 146 -44.33 -15.20 7.27
C CYS D 146 -44.81 -13.93 7.97
N ARG D 147 -45.99 -13.96 8.58
CA ARG D 147 -46.51 -12.76 9.23
C ARG D 147 -45.60 -12.28 10.36
N SER D 148 -45.00 -13.22 11.09
CA SER D 148 -44.23 -12.85 12.28
C SER D 148 -42.95 -12.11 11.93
N PHE D 149 -42.42 -12.34 10.73
CA PHE D 149 -41.13 -11.76 10.34
C PHE D 149 -41.07 -10.26 10.59
N SER D 150 -42.04 -9.53 10.04
CA SER D 150 -42.13 -8.09 10.24
C SER D 150 -43.59 -7.68 10.12
N PRO D 151 -44.36 -7.80 11.19
CA PRO D 151 -45.82 -7.63 11.11
C PRO D 151 -46.28 -6.18 10.98
N TYR D 152 -45.38 -5.19 11.03
CA TYR D 152 -45.81 -3.79 10.99
C TYR D 152 -45.12 -3.03 9.86
N GLY D 153 -44.82 -3.70 8.76
CA GLY D 153 -44.21 -3.07 7.61
C GLY D 153 -42.80 -3.57 7.37
N PHE D 154 -42.19 -3.02 6.33
CA PHE D 154 -40.82 -3.34 5.94
C PHE D 154 -39.97 -2.08 5.92
N SER D 155 -38.68 -2.25 6.24
CA SER D 155 -37.77 -1.11 6.24
C SER D 155 -37.55 -0.59 4.82
N GLU D 156 -37.48 -1.49 3.84
CA GLU D 156 -37.38 -1.11 2.44
C GLU D 156 -37.73 -2.30 1.57
N ASP D 157 -37.92 -2.04 0.28
CA ASP D 157 -38.37 -3.06 -0.66
C ASP D 157 -37.27 -4.11 -0.87
N GLY D 158 -37.58 -5.37 -0.57
CA GLY D 158 -36.66 -6.46 -0.79
C GLY D 158 -36.06 -7.08 0.46
N GLU D 159 -36.55 -6.74 1.64
CA GLU D 159 -35.96 -7.24 2.88
C GLU D 159 -36.14 -8.75 2.98
N VAL D 160 -35.03 -9.47 3.08
CA VAL D 160 -35.01 -10.93 3.11
C VAL D 160 -35.00 -11.37 4.57
N PHE D 161 -36.08 -12.00 5.01
CA PHE D 161 -36.20 -12.49 6.38
C PHE D 161 -35.95 -13.99 6.41
N ARG D 162 -35.29 -14.45 7.47
CA ARG D 162 -34.89 -15.85 7.60
C ARG D 162 -35.10 -16.32 9.02
N ARG D 163 -35.64 -17.54 9.15
CA ARG D 163 -35.73 -18.20 10.45
C ARG D 163 -35.89 -19.70 10.21
N GLN D 164 -35.75 -20.47 11.28
CA GLN D 164 -35.89 -21.91 11.21
C GLN D 164 -37.32 -22.33 11.54
N LEU D 165 -37.83 -23.32 10.80
CA LEU D 165 -39.13 -23.90 11.08
C LEU D 165 -38.97 -25.07 12.04
N THR D 166 -39.86 -25.13 13.03
CA THR D 166 -39.82 -26.21 14.00
C THR D 166 -40.30 -27.52 13.36
N GLN D 167 -40.27 -28.59 14.15
CA GLN D 167 -40.78 -29.88 13.66
C GLN D 167 -42.29 -29.88 13.52
N TYR D 168 -42.98 -28.93 14.15
CA TYR D 168 -44.43 -28.82 13.97
C TYR D 168 -44.77 -28.51 12.52
N GLU D 169 -44.08 -27.53 11.93
CA GLU D 169 -44.21 -27.24 10.51
C GLU D 169 -43.31 -28.11 9.65
N GLY D 170 -42.43 -28.90 10.26
CA GLY D 170 -41.51 -29.76 9.53
C GLY D 170 -40.54 -28.95 8.69
N GLY D 171 -40.00 -29.64 7.68
CA GLY D 171 -39.13 -29.02 6.70
C GLY D 171 -37.88 -28.42 7.31
N GLY D 172 -37.32 -27.43 6.61
CA GLY D 172 -36.09 -26.82 7.03
C GLY D 172 -36.23 -25.38 7.51
N ILE D 173 -35.98 -24.43 6.62
CA ILE D 173 -35.94 -23.02 6.96
C ILE D 173 -36.97 -22.26 6.15
N LEU D 174 -37.56 -21.24 6.77
CA LEU D 174 -38.55 -20.38 6.12
C LEU D 174 -37.87 -19.07 5.73
N VAL D 175 -37.94 -18.74 4.44
CA VAL D 175 -37.44 -17.47 3.93
C VAL D 175 -38.61 -16.66 3.42
N GLY D 176 -38.50 -15.34 3.53
CA GLY D 176 -39.57 -14.47 3.10
C GLY D 176 -39.10 -13.10 2.65
N VAL D 177 -39.43 -12.71 1.42
CA VAL D 177 -39.07 -11.42 0.87
C VAL D 177 -40.26 -10.49 0.97
N GLY D 178 -40.01 -9.25 1.39
CA GLY D 178 -41.05 -8.25 1.50
C GLY D 178 -41.00 -7.24 0.35
N ALA D 179 -42.09 -6.48 0.23
CA ALA D 179 -42.22 -5.47 -0.80
C ALA D 179 -42.80 -4.21 -0.21
N LYS D 180 -42.32 -3.06 -0.67
CA LYS D 180 -42.78 -1.76 -0.19
C LYS D 180 -43.29 -0.92 -1.35
N LEU D 181 -44.44 -0.28 -1.13
CA LEU D 181 -45.05 0.61 -2.11
C LEU D 181 -45.26 1.97 -1.45
N ALA D 182 -44.89 3.03 -2.16
CA ALA D 182 -44.98 4.37 -1.61
C ALA D 182 -46.42 4.73 -1.25
N MET D 183 -46.56 5.67 -0.32
CA MET D 183 -47.87 6.15 0.11
C MET D 183 -48.33 7.31 -0.76
N THR D 184 -49.59 7.26 -1.17
CA THR D 184 -50.16 8.26 -2.07
C THR D 184 -50.66 9.46 -1.26
N ASP D 185 -51.35 10.39 -1.94
CA ASP D 185 -51.84 11.60 -1.30
C ASP D 185 -52.65 11.28 -0.05
N LYS D 186 -53.55 10.32 -0.14
CA LYS D 186 -54.32 9.83 0.99
C LYS D 186 -54.00 8.37 1.22
N LEU D 187 -54.47 7.83 2.34
CA LEU D 187 -54.33 6.41 2.61
C LEU D 187 -55.56 5.67 2.11
N GLU D 188 -55.34 4.45 1.64
CA GLU D 188 -56.37 3.64 1.00
C GLU D 188 -56.56 2.36 1.80
N MET D 189 -57.80 2.08 2.17
CA MET D 189 -58.14 0.97 3.06
C MET D 189 -58.79 -0.15 2.27
N GLY D 190 -59.17 -1.21 2.99
CA GLY D 190 -59.82 -2.36 2.41
C GLY D 190 -60.56 -3.17 3.46
N PHE D 191 -61.82 -3.51 3.20
CA PHE D 191 -62.65 -4.21 4.15
C PHE D 191 -63.29 -5.42 3.48
N ILE D 192 -63.33 -6.54 4.21
CA ILE D 192 -64.05 -7.74 3.79
C ILE D 192 -65.11 -8.00 4.85
N ILE D 193 -66.37 -7.71 4.50
CA ILE D 193 -67.50 -7.93 5.38
C ILE D 193 -68.12 -9.27 5.05
N SER D 194 -68.12 -10.18 6.02
CA SER D 194 -68.75 -11.49 5.88
C SER D 194 -69.91 -11.60 6.85
N VAL D 195 -70.95 -12.31 6.41
CA VAL D 195 -72.16 -12.48 7.21
C VAL D 195 -72.58 -13.94 7.18
N GLN D 196 -73.10 -14.42 8.31
CA GLN D 196 -73.56 -15.80 8.45
C GLN D 196 -74.98 -15.78 8.99
N TYR D 197 -75.70 -16.89 8.79
CA TYR D 197 -77.11 -16.96 9.13
C TYR D 197 -77.29 -17.89 10.32
N GLY D 198 -77.62 -19.15 10.13
CA GLY D 198 -77.89 -20.04 11.24
C GLY D 198 -79.25 -19.82 11.88
N THR D 199 -79.83 -20.89 12.42
CA THR D 199 -81.16 -20.83 13.04
C THR D 199 -81.08 -20.53 14.53
N ASP D 200 -80.26 -19.56 14.91
CA ASP D 200 -80.21 -19.05 16.28
C ASP D 200 -81.04 -17.77 16.41
N THR D 201 -82.15 -17.69 15.68
CA THR D 201 -83.01 -16.50 15.60
C THR D 201 -82.23 -15.25 15.21
N ASN D 202 -81.02 -15.44 14.69
CA ASN D 202 -80.09 -14.34 14.40
C ASN D 202 -79.87 -13.47 15.63
N SER D 203 -79.25 -12.31 15.45
CA SER D 203 -78.94 -11.42 16.56
C SER D 203 -78.42 -10.08 16.07
N VAL D 204 -77.70 -10.08 14.96
CA VAL D 204 -77.11 -8.86 14.41
C VAL D 204 -78.10 -8.27 13.42
N CYS D 205 -78.75 -7.18 13.80
CA CYS D 205 -79.77 -6.51 13.02
C CYS D 205 -79.37 -5.06 12.78
N PRO D 206 -79.94 -4.40 11.75
CA PRO D 206 -79.64 -2.99 11.51
C PRO D 206 -80.02 -2.09 12.70
C1 NAG E . -23.77 -2.73 1.41
C2 NAG E . -25.00 -1.84 1.60
C3 NAG E . -24.86 -1.04 2.89
C4 NAG E . -24.55 -1.94 4.08
C5 NAG E . -23.38 -2.88 3.75
C6 NAG E . -23.18 -3.94 4.81
C7 NAG E . -26.24 -1.05 -0.37
C8 NAG E . -27.22 -2.13 -0.06
N2 NAG E . -25.19 -0.97 0.45
O3 NAG E . -26.08 -0.32 3.12
O4 NAG E . -24.18 -1.12 5.18
O5 NAG E . -23.63 -3.58 2.52
O6 NAG E . -22.30 -4.97 4.35
O7 NAG E . -26.37 -0.29 -1.33
C1 NAG E . -24.95 -1.40 6.36
C2 NAG E . -24.02 -1.14 7.54
C3 NAG E . -24.78 -0.48 8.72
C4 NAG E . -26.21 -0.97 8.84
C5 NAG E . -26.95 -1.00 7.50
C6 NAG E . -28.16 -0.10 7.47
C7 NAG E . -22.06 -2.61 7.74
C8 NAG E . -21.31 -1.55 6.98
N2 NAG E . -23.35 -2.36 7.98
O3 NAG E . -24.76 0.93 8.55
O4 NAG E . -26.25 -2.26 9.45
O5 NAG E . -26.08 -0.57 6.46
O6 NAG E . -28.02 0.98 8.38
O7 NAG E . -21.53 -3.64 8.11
C1 BMA E . -26.77 -2.14 10.79
C2 BMA E . -25.76 -2.82 11.76
C3 BMA E . -26.13 -2.55 13.23
C4 BMA E . -26.44 -1.05 13.46
C5 BMA E . -27.51 -0.58 12.48
C6 BMA E . -27.85 0.89 12.64
O2 BMA E . -24.45 -2.31 11.56
O3 BMA E . -25.12 -2.99 14.12
O4 BMA E . -26.89 -0.86 14.80
O5 BMA E . -26.99 -0.77 11.15
O6 BMA E . -29.05 1.15 11.93
C1 NAG F . 23.63 17.33 41.08
C2 NAG F . 23.91 17.43 42.56
C3 NAG F . 22.97 18.44 43.20
C4 NAG F . 23.02 19.77 42.47
C5 NAG F . 22.95 19.60 40.94
C6 NAG F . 23.33 20.87 40.19
C7 NAG F . 24.69 15.63 44.04
C8 NAG F . 24.38 14.27 44.61
N2 NAG F . 23.77 16.13 43.20
O3 NAG F . 23.33 18.62 44.56
O4 NAG F . 21.88 20.52 42.88
O5 NAG F . 23.86 18.59 40.48
O6 NAG F . 22.19 21.48 39.60
O7 NAG F . 25.70 16.24 44.33
C1 NAG F . 22.16 21.87 43.33
C2 NAG F . 20.86 22.39 43.95
C3 NAG F . 21.04 23.82 44.47
C4 NAG F . 22.26 23.92 45.37
C5 NAG F . 23.49 23.30 44.71
C6 NAG F . 24.68 23.22 45.63
C7 NAG F . 19.44 22.79 41.89
C8 NAG F . 20.49 23.69 41.30
N2 NAG F . 19.69 22.24 43.09
O3 NAG F . 19.87 24.21 45.18
O4 NAG F . 22.53 25.30 45.63
O5 NAG F . 23.22 21.95 44.29
O6 NAG F . 24.40 22.45 46.79
O7 NAG F . 18.40 22.56 41.30
C1 BMA F . 22.38 25.63 47.03
C2 BMA F . 23.35 26.82 47.29
C3 BMA F . 23.05 27.52 48.64
C4 BMA F . 21.55 27.72 48.84
C5 BMA F . 20.83 26.38 48.70
C6 BMA F . 19.34 26.46 48.98
O2 BMA F . 23.22 27.82 46.29
O3 BMA F . 23.74 28.75 48.75
O4 BMA F . 21.29 28.27 50.12
O5 BMA F . 21.03 25.94 47.35
O6 BMA F . 18.81 27.55 48.23
C1 NAG G . 2.35 19.58 14.72
C2 NAG G . 1.56 20.24 15.84
C3 NAG G . 0.13 20.53 15.36
C4 NAG G . 0.13 21.32 14.06
C5 NAG G . 1.03 20.64 13.01
C6 NAG G . 1.22 21.46 11.76
C7 NAG G . 2.31 19.65 18.09
C8 NAG G . 2.16 18.70 19.24
N2 NAG G . 1.54 19.42 17.03
O3 NAG G . -0.56 21.27 16.37
O4 NAG G . -1.19 21.39 13.54
O5 NAG G . 2.34 20.40 13.56
O6 NAG G . 1.81 22.72 12.06
O7 NAG G . 3.10 20.59 18.13
C1 NAG G . -1.62 22.75 13.32
C2 NAG G . -2.58 22.75 12.15
C3 NAG G . -2.91 24.19 11.75
C4 NAG G . -2.68 25.17 12.89
C5 NAG G . -2.89 24.56 14.30
C6 NAG G . -4.35 24.38 14.66
C7 NAG G . -2.47 20.78 10.69
C8 NAG G . -1.82 20.17 9.49
N2 NAG G . -2.05 22.01 11.02
O3 NAG G . -4.25 24.26 11.30
O4 NAG G . -1.39 25.76 12.81
O5 NAG G . -2.25 23.28 14.46
O6 NAG G . -5.12 25.53 14.35
O7 NAG G . -3.33 20.19 11.34
C1 NAG H . -1.94 16.17 32.81
C2 NAG H . -3.24 16.13 33.61
C3 NAG H . -4.27 15.24 32.91
C4 NAG H . -4.43 15.61 31.44
C5 NAG H . -3.07 15.73 30.76
C6 NAG H . -3.14 16.29 29.35
C7 NAG H . -3.12 16.43 36.05
C8 NAG H . -2.83 15.77 37.36
N2 NAG H . -2.99 15.65 34.96
O3 NAG H . -5.52 15.35 33.58
O4 NAG H . -5.16 14.57 30.80
O5 NAG H . -2.21 16.62 31.50
O6 NAG H . -3.63 17.63 29.35
O7 NAG H . -3.47 17.60 35.97
C1 NAG H . -6.26 15.04 29.99
C2 NAG H . -7.19 13.84 29.77
C3 NAG H . -8.39 14.25 28.92
C4 NAG H . -9.08 15.46 29.53
C5 NAG H . -8.08 16.58 29.76
C6 NAG H . -8.67 17.79 30.46
C7 NAG H . -5.81 11.81 29.82
C8 NAG H . -5.13 10.75 29.00
N2 NAG H . -6.47 12.74 29.13
O3 NAG H . -9.31 13.16 28.84
O4 NAG H . -10.11 15.93 28.66
O5 NAG H . -6.99 16.11 30.59
O6 NAG H . -9.86 17.45 31.16
O7 NAG H . -5.75 11.83 31.05
C1 NAG I . 25.07 27.80 1.42
C2 NAG I . 25.47 29.29 1.61
C3 NAG I . 25.64 30.02 0.26
C4 NAG I . 24.59 29.66 -0.79
C5 NAG I . 24.12 28.22 -0.66
C6 NAG I . 23.95 27.52 -1.99
C7 NAG I . 24.78 30.30 3.74
C8 NAG I . 23.69 31.01 4.48
N2 NAG I . 24.52 29.98 2.46
O3 NAG I . 26.95 29.79 -0.25
O4 NAG I . 23.48 30.55 -0.74
O5 NAG I . 25.09 27.48 0.07
O6 NAG I . 25.18 26.96 -2.44
O7 NAG I . 25.86 30.02 4.26
C1 NAG I . 23.71 31.61 -1.70
C2 NAG I . 22.59 31.62 -2.75
C3 NAG I . 22.74 32.82 -3.69
C4 NAG I . 22.86 34.10 -2.90
C5 NAG I . 23.99 33.99 -1.89
C6 NAG I . 24.12 35.21 -1.01
C7 NAG I . 21.48 29.75 -3.91
C8 NAG I . 21.68 28.48 -4.69
N2 NAG I . 22.60 30.38 -3.51
O3 NAG I . 21.62 32.88 -4.57
O4 NAG I . 23.12 35.19 -3.78
O5 NAG I . 23.74 32.87 -1.02
O6 NAG I . 23.33 35.10 0.16
O7 NAG I . 20.36 30.18 -3.65
C1 NAG J . -24.07 -1.36 -53.24
C2 NAG J . -24.28 0.01 -53.88
C3 NAG J . -25.33 0.80 -53.10
C4 NAG J . -26.62 -0.01 -52.98
C5 NAG J . -26.32 -1.38 -52.39
C6 NAG J . -27.54 -2.28 -52.34
C7 NAG J . -22.24 0.73 -55.03
C8 NAG J . -20.99 1.55 -54.93
N2 NAG J . -23.03 0.75 -53.95
O3 NAG J . -25.59 2.03 -53.78
O4 NAG J . -27.53 0.68 -52.14
O5 NAG J . -25.33 -2.06 -53.17
O6 NAG J . -28.61 -1.67 -51.64
O7 NAG J . -22.51 0.07 -56.03
C1 NAG K . -13.73 17.28 -19.85
C2 NAG K . -12.38 17.80 -20.38
C3 NAG K . -12.57 18.58 -21.69
C4 NAG K . -13.78 19.51 -21.64
C5 NAG K . -15.01 18.81 -21.08
C6 NAG K . -16.20 18.85 -22.02
C7 NAG K . -10.42 18.94 -19.44
C8 NAG K . -9.91 19.81 -18.32
N2 NAG K . -11.72 18.63 -19.38
O3 NAG K . -12.71 17.66 -22.77
O4 NAG K . -13.49 20.65 -20.84
O5 NAG K . -14.72 17.43 -20.85
O6 NAG K . -17.29 18.11 -21.50
O7 NAG K . -9.69 18.54 -20.34
C1 NAG L . -41.51 -2.43 -28.37
C2 NAG L . -42.08 -2.62 -26.94
C3 NAG L . -43.45 -1.92 -26.80
C4 NAG L . -43.42 -0.50 -27.34
C5 NAG L . -42.87 -0.51 -28.76
C6 NAG L . -42.80 0.87 -29.38
C7 NAG L . -42.06 -4.58 -25.42
C8 NAG L . -41.66 -3.64 -24.32
N2 NAG L . -42.23 -4.04 -26.64
O3 NAG L . -43.88 -1.92 -25.45
O4 NAG L . -44.73 0.05 -27.34
O5 NAG L . -41.54 -1.04 -28.72
O6 NAG L . -43.73 1.00 -30.45
O7 NAG L . -42.22 -5.77 -25.22
C1 NAG M . 41.65 -6.57 44.21
C2 NAG M . 40.13 -6.45 44.44
C3 NAG M . 39.83 -5.37 45.48
C4 NAG M . 40.62 -5.62 46.76
C5 NAG M . 42.10 -5.70 46.43
C6 NAG M . 42.96 -6.02 47.63
C7 NAG M . 38.72 -7.06 42.53
C8 NAG M . 38.07 -6.56 41.27
N2 NAG M . 39.44 -6.15 43.20
O3 NAG M . 38.44 -5.39 45.78
O4 NAG M . 40.40 -4.57 47.69
O5 NAG M . 42.32 -6.75 45.47
O6 NAG M . 42.30 -5.67 48.85
O7 NAG M . 38.60 -8.21 42.92
N1 EPE N . 25.62 -4.18 26.97
C2 EPE N . 25.42 -3.71 25.60
C3 EPE N . 25.53 -4.79 24.53
N4 EPE N . 25.38 -6.12 25.07
C5 EPE N . 26.44 -6.37 26.03
C6 EPE N . 26.46 -5.34 27.16
C7 EPE N . 25.52 -7.07 24.02
C8 EPE N . 25.01 -8.46 24.50
O8 EPE N . 26.16 -9.35 24.60
C9 EPE N . 26.08 -3.04 27.81
C10 EPE N . 27.33 -3.38 28.67
S EPE N . 26.99 -3.07 30.45
O1S EPE N . 27.14 -1.62 30.77
O2S EPE N . 27.89 -3.93 31.31
O3S EPE N . 25.66 -3.58 30.84
C1 NAG O . -16.00 56.71 46.88
C2 NAG O . -17.27 57.43 47.30
C3 NAG O . -17.59 57.11 48.76
C4 NAG O . -17.66 55.60 48.96
C5 NAG O . -16.38 54.93 48.45
C6 NAG O . -16.44 53.43 48.50
C7 NAG O . -17.84 59.54 46.19
C8 NAG O . -18.76 58.73 45.33
N2 NAG O . -17.15 58.87 47.11
O3 NAG O . -18.83 57.70 49.11
O4 NAG O . -17.82 55.30 50.34
O5 NAG O . -16.15 55.30 47.08
O6 NAG O . -16.02 52.93 49.76
O7 NAG O . -17.71 60.76 46.04
C1 NAG P . -77.05 5.56 9.99
C2 NAG P . -77.87 6.47 10.90
C3 NAG P . -78.76 7.39 10.05
C4 NAG P . -77.91 8.14 9.03
C5 NAG P . -77.06 7.17 8.22
C6 NAG P . -76.10 7.87 7.28
C7 NAG P . -78.39 5.53 13.11
C8 NAG P . -77.15 6.22 13.59
N2 NAG P . -78.69 5.69 11.82
O3 NAG P . -79.43 8.31 10.90
O4 NAG P . -78.75 8.88 8.16
O5 NAG P . -76.26 6.37 9.10
O6 NAG P . -76.79 8.49 6.20
O7 NAG P . -79.10 4.86 13.86
#